data_8Z77
#
_entry.id   8Z77
#
_cell.length_a   98.087
_cell.length_b   101.987
_cell.length_c   276.799
_cell.angle_alpha   90.00
_cell.angle_beta   90.00
_cell.angle_gamma   90.00
#
_symmetry.space_group_name_H-M   'C 2 2 21'
#
loop_
_entity.id
_entity.type
_entity.pdbx_description
1 polymer 'Twin-arginine translocation signal domain-containing protein'
2 non-polymer 'COPPER (II) ION'
3 non-polymer 1,2-ETHANEDIOL
4 water water
#
_entity_poly.entity_id   1
_entity_poly.type   'polypeptide(L)'
_entity_poly.pdbx_seq_one_letter_code
;MGSDKIHHHHHHENLYFQGHMARTTKIEEFYAQFGKYILLVPGKFTGTVAAHDLSTGRTLAWLAGWNYGDTNPIMHHMAA
FPSPDPYKGFEFIVNTQGGKNLFIYGIPTTVKEPGEGFNIYRVRYDGTKFNLVSNIAEKTGLGLGVHVTATPDGKGFAVA
DGQKDIFAEFDLATESVRTAFLVDWKPNNSDLKRAWLEGGTMTITRLKPTLPGGKYDYTGTKGCKIDWELVPGGELFLEE
GKVTGTRQTNVVALDAFVYDPRGRWGALSARLPGVAIIFDRQDWEPVVALVGAKGEPSSLPVKKVASDTWEIKMDKVVTP
AHQAGFSPDGKNFLFMNGVRQNNIMVWDTSNHADPTKWTKKAVVEDPGWRGSYPNTFHMVFTPDGRKVYVTLWWPSPTPN
GIAVVDARNWKLLKSVDIGPDMHTLAITYDGKYVVGVFSGYQKTASGIVIMDTKSDEVVGILPSVGGHHDCVIVPKTVED
LRCSRCTTT
;
_entity_poly.pdbx_strand_id   A,B,C
#
loop_
_chem_comp.id
_chem_comp.type
_chem_comp.name
_chem_comp.formula
CU non-polymer 'COPPER (II) ION' 'Cu 2'
EDO non-polymer 1,2-ETHANEDIOL 'C2 H6 O2'
#
# COMPACT_ATOMS: atom_id res chain seq x y z
N LYS A 26 9.63 -14.33 -27.70
CA LYS A 26 10.49 -14.31 -26.46
C LYS A 26 11.93 -13.92 -26.81
N ILE A 27 12.40 -12.88 -26.11
CA ILE A 27 13.68 -12.20 -26.30
C ILE A 27 14.86 -13.17 -26.07
N GLU A 28 14.70 -14.19 -25.22
CA GLU A 28 15.54 -15.38 -25.18
C GLU A 28 16.34 -15.62 -26.47
N GLU A 29 15.60 -15.85 -27.59
CA GLU A 29 16.14 -16.19 -28.89
C GLU A 29 17.09 -15.07 -29.32
N PHE A 30 16.60 -13.83 -29.13
CA PHE A 30 17.30 -12.60 -29.46
C PHE A 30 18.64 -12.49 -28.75
N TYR A 31 18.68 -12.63 -27.41
CA TYR A 31 19.95 -12.52 -26.67
C TYR A 31 20.91 -13.69 -26.92
N ALA A 32 20.40 -14.92 -27.12
CA ALA A 32 21.24 -16.08 -27.43
C ALA A 32 22.17 -15.77 -28.59
N GLN A 33 21.68 -14.98 -29.58
CA GLN A 33 22.48 -14.70 -30.76
C GLN A 33 23.61 -13.69 -30.47
N PHE A 34 23.52 -12.87 -29.39
CA PHE A 34 24.62 -11.94 -29.10
C PHE A 34 25.82 -12.66 -28.50
N GLY A 35 25.60 -13.80 -27.87
CA GLY A 35 26.74 -14.51 -27.31
C GLY A 35 27.00 -14.04 -25.87
N LYS A 36 27.98 -14.67 -25.20
CA LYS A 36 28.22 -14.48 -23.79
C LYS A 36 29.11 -13.25 -23.64
N TYR A 37 28.56 -12.05 -23.76
CA TYR A 37 29.35 -10.84 -23.64
C TYR A 37 28.74 -9.90 -22.60
N ILE A 38 29.64 -9.27 -21.82
CA ILE A 38 29.17 -8.39 -20.74
C ILE A 38 29.46 -6.96 -21.17
N LEU A 39 28.41 -6.12 -21.20
CA LEU A 39 28.54 -4.71 -21.52
C LEU A 39 28.66 -3.93 -20.20
N LEU A 40 29.65 -3.02 -20.08
CA LEU A 40 29.75 -2.08 -18.93
C LEU A 40 29.43 -0.70 -19.44
N VAL A 41 28.72 0.09 -18.62
CA VAL A 41 28.40 1.47 -18.99
C VAL A 41 28.50 2.33 -17.73
N PRO A 42 29.10 3.52 -17.88
CA PRO A 42 29.05 4.56 -16.86
C PRO A 42 27.77 5.37 -17.08
N GLY A 43 27.29 6.03 -16.03
CA GLY A 43 26.01 6.71 -16.04
C GLY A 43 26.10 8.20 -16.35
N LYS A 44 27.31 8.80 -16.37
CA LYS A 44 27.39 10.26 -16.44
C LYS A 44 26.58 10.87 -15.28
N PHE A 45 25.52 11.65 -15.57
CA PHE A 45 24.72 12.30 -14.53
C PHE A 45 23.89 11.33 -13.67
N THR A 46 23.78 10.06 -14.05
CA THR A 46 23.11 9.16 -13.09
C THR A 46 24.02 8.80 -11.91
N GLY A 47 25.35 8.78 -12.19
CA GLY A 47 26.21 8.54 -11.02
C GLY A 47 26.51 7.04 -10.81
N THR A 48 26.11 6.19 -11.79
CA THR A 48 26.20 4.73 -11.59
C THR A 48 27.23 4.15 -12.59
N VAL A 49 27.70 2.93 -12.28
CA VAL A 49 28.29 2.06 -13.29
C VAL A 49 27.51 0.74 -13.22
N ALA A 50 27.41 0.04 -14.35
CA ALA A 50 26.59 -1.17 -14.36
C ALA A 50 27.19 -2.14 -15.37
N ALA A 51 26.93 -3.46 -15.19
CA ALA A 51 27.36 -4.45 -16.16
C ALA A 51 26.07 -5.20 -16.59
N HIS A 52 25.87 -5.41 -17.88
CA HIS A 52 24.69 -6.13 -18.38
C HIS A 52 25.18 -7.36 -19.10
N ASP A 53 24.56 -8.51 -18.79
CA ASP A 53 24.77 -9.70 -19.57
C ASP A 53 23.98 -9.71 -20.88
N LEU A 54 24.64 -9.51 -22.02
CA LEU A 54 23.88 -9.42 -23.28
C LEU A 54 23.38 -10.80 -23.68
N SER A 55 23.74 -11.86 -22.98
CA SER A 55 23.23 -13.18 -23.37
C SER A 55 21.88 -13.44 -22.73
N THR A 56 21.50 -12.65 -21.70
CA THR A 56 20.26 -12.97 -20.97
C THR A 56 19.41 -11.68 -20.77
N GLY A 57 20.02 -10.51 -21.03
CA GLY A 57 19.39 -9.24 -20.68
C GLY A 57 19.37 -8.90 -19.18
N ARG A 58 20.06 -9.64 -18.32
CA ARG A 58 20.04 -9.29 -16.90
C ARG A 58 21.17 -8.29 -16.64
N THR A 59 20.96 -7.37 -15.69
CA THR A 59 22.04 -6.49 -15.27
C THR A 59 22.73 -7.28 -14.16
N LEU A 60 24.03 -7.58 -14.29
CA LEU A 60 24.71 -8.46 -13.33
C LEU A 60 24.92 -7.72 -12.01
N ALA A 61 25.23 -6.40 -12.13
CA ALA A 61 25.55 -5.67 -10.92
C ALA A 61 25.67 -4.20 -11.30
N TRP A 62 25.46 -3.33 -10.29
CA TRP A 62 25.70 -1.91 -10.49
C TRP A 62 26.20 -1.28 -9.20
N LEU A 63 26.71 -0.06 -9.30
CA LEU A 63 27.18 0.66 -8.11
C LEU A 63 26.83 2.13 -8.32
N ALA A 64 26.41 2.83 -7.26
CA ALA A 64 25.99 4.20 -7.31
C ALA A 64 27.05 5.02 -6.51
N GLY A 65 27.81 5.85 -7.22
CA GLY A 65 28.90 6.60 -6.62
C GLY A 65 28.47 7.31 -5.35
N TRP A 66 27.29 7.95 -5.37
CA TRP A 66 26.89 8.74 -4.22
C TRP A 66 26.73 7.91 -2.95
N ASN A 67 26.38 6.61 -3.08
CA ASN A 67 26.22 5.83 -1.84
C ASN A 67 27.49 5.90 -0.97
N TYR A 68 28.64 6.06 -1.67
CA TYR A 68 29.96 6.02 -1.10
C TYR A 68 30.42 7.41 -0.65
N GLY A 69 29.59 8.45 -0.66
CA GLY A 69 30.10 9.74 -0.19
C GLY A 69 30.76 10.54 -1.32
N ASP A 70 30.80 10.00 -2.59
CA ASP A 70 31.09 10.82 -3.73
C ASP A 70 29.89 11.68 -4.05
N THR A 71 29.97 12.99 -3.76
CA THR A 71 28.79 13.84 -3.80
C THR A 71 28.54 14.34 -5.24
N ASN A 72 29.49 14.14 -6.18
CA ASN A 72 29.26 14.63 -7.54
C ASN A 72 29.80 13.57 -8.52
N PRO A 73 29.25 12.33 -8.49
CA PRO A 73 29.86 11.20 -9.19
C PRO A 73 29.48 11.24 -10.67
N ILE A 74 30.02 12.23 -11.43
CA ILE A 74 29.75 12.19 -12.87
C ILE A 74 30.61 11.10 -13.52
N MET A 75 30.05 9.89 -13.58
CA MET A 75 30.84 8.72 -13.96
C MET A 75 31.09 8.80 -15.45
N HIS A 76 32.36 8.82 -15.85
CA HIS A 76 32.68 9.34 -17.18
C HIS A 76 33.24 8.30 -18.12
N HIS A 77 34.52 7.91 -17.99
CA HIS A 77 35.12 7.02 -18.97
C HIS A 77 35.55 5.78 -18.23
N MET A 78 35.88 4.74 -18.98
CA MET A 78 36.22 3.49 -18.32
C MET A 78 36.99 2.58 -19.27
N ALA A 79 37.78 1.62 -18.73
CA ALA A 79 38.24 0.52 -19.53
C ALA A 79 38.25 -0.71 -18.64
N ALA A 80 38.13 -1.86 -19.29
CA ALA A 80 38.15 -3.15 -18.55
C ALA A 80 39.38 -3.94 -18.95
N PHE A 81 39.82 -4.83 -18.06
CA PHE A 81 41.01 -5.66 -18.34
C PHE A 81 40.64 -7.09 -18.70
N PRO A 82 41.53 -7.86 -19.40
CA PRO A 82 41.24 -9.22 -19.85
C PRO A 82 40.94 -10.10 -18.64
N SER A 83 39.89 -10.90 -18.76
CA SER A 83 39.53 -11.81 -17.70
C SER A 83 39.28 -13.12 -18.39
N PRO A 84 39.85 -14.25 -17.93
CA PRO A 84 39.64 -15.50 -18.65
C PRO A 84 38.19 -16.01 -18.50
N ASP A 85 37.47 -15.55 -17.45
CA ASP A 85 36.03 -15.83 -17.43
C ASP A 85 35.33 -14.63 -16.78
N PRO A 86 34.90 -13.67 -17.61
CA PRO A 86 34.25 -12.46 -17.08
C PRO A 86 33.02 -12.75 -16.22
N TYR A 87 32.30 -13.86 -16.47
CA TYR A 87 31.12 -14.11 -15.68
C TYR A 87 31.48 -14.49 -14.26
N LYS A 88 32.71 -14.99 -14.06
CA LYS A 88 33.16 -15.36 -12.73
C LYS A 88 33.86 -14.19 -12.08
N GLY A 89 34.23 -13.16 -12.85
CA GLY A 89 34.96 -12.05 -12.25
C GLY A 89 35.69 -11.24 -13.31
N PHE A 90 35.83 -9.94 -13.03
CA PHE A 90 36.56 -9.03 -13.92
C PHE A 90 36.85 -7.75 -13.18
N GLU A 91 37.76 -6.92 -13.71
CA GLU A 91 38.05 -5.62 -13.12
C GLU A 91 38.03 -4.57 -14.20
N PHE A 92 37.89 -3.32 -13.79
CA PHE A 92 37.87 -2.18 -14.68
C PHE A 92 38.23 -0.92 -13.91
N ILE A 93 38.54 0.15 -14.62
CA ILE A 93 38.71 1.45 -14.03
C ILE A 93 37.57 2.34 -14.60
N VAL A 94 36.98 3.18 -13.74
CA VAL A 94 36.03 4.18 -14.18
C VAL A 94 36.36 5.45 -13.42
N ASN A 95 36.34 6.56 -14.17
CA ASN A 95 36.68 7.83 -13.54
C ASN A 95 35.44 8.74 -13.46
N THR A 96 35.61 9.86 -12.75
CA THR A 96 34.53 10.85 -12.68
C THR A 96 35.03 12.26 -13.01
N GLN A 97 34.10 13.14 -13.36
CA GLN A 97 34.36 14.57 -13.45
C GLN A 97 33.69 15.21 -12.25
N GLY A 98 33.88 16.50 -12.02
CA GLY A 98 33.31 17.15 -10.86
C GLY A 98 33.22 18.65 -11.17
N GLY A 99 33.18 19.47 -10.11
CA GLY A 99 33.09 20.92 -10.22
C GLY A 99 31.95 21.29 -11.15
N LYS A 100 32.15 22.27 -12.02
CA LYS A 100 31.09 22.90 -12.79
C LYS A 100 30.67 22.06 -13.98
N ASN A 101 31.30 20.92 -14.21
CA ASN A 101 30.85 19.96 -15.20
C ASN A 101 29.42 19.49 -14.91
N LEU A 102 28.98 19.62 -13.68
CA LEU A 102 27.60 19.34 -13.28
C LEU A 102 26.62 20.36 -13.92
N PHE A 103 27.12 21.56 -14.28
CA PHE A 103 26.26 22.67 -14.68
C PHE A 103 26.16 22.84 -16.20
N ILE A 104 26.67 21.90 -17.01
CA ILE A 104 26.77 22.28 -18.41
C ILE A 104 25.77 21.51 -19.28
N TYR A 105 24.84 20.70 -18.72
CA TYR A 105 23.93 19.91 -19.53
C TYR A 105 22.48 20.41 -19.36
N GLY A 106 22.30 21.68 -18.91
CA GLY A 106 20.98 22.29 -18.87
C GLY A 106 20.05 21.69 -17.80
N ILE A 107 20.57 20.93 -16.77
CA ILE A 107 19.78 20.46 -15.65
C ILE A 107 19.55 21.64 -14.70
N PRO A 108 18.30 22.04 -14.39
CA PRO A 108 18.04 23.26 -13.61
C PRO A 108 18.26 23.03 -12.10
N THR A 109 19.46 22.59 -11.71
CA THR A 109 19.82 22.35 -10.31
C THR A 109 20.16 23.67 -9.60
N THR A 110 19.77 23.78 -8.32
CA THR A 110 20.10 24.97 -7.52
C THR A 110 21.41 24.74 -6.74
N VAL A 111 22.14 23.60 -6.94
CA VAL A 111 23.36 23.35 -6.21
C VAL A 111 24.36 24.50 -6.46
N LYS A 112 24.89 25.07 -5.36
CA LYS A 112 25.79 26.21 -5.46
C LYS A 112 27.27 25.72 -5.43
N GLU A 113 27.66 24.78 -4.51
CA GLU A 113 29.04 24.34 -4.45
C GLU A 113 29.16 22.83 -4.75
N PRO A 114 29.26 22.37 -6.02
CA PRO A 114 29.21 20.92 -6.33
C PRO A 114 30.50 20.20 -5.85
N GLY A 115 30.46 18.89 -5.58
CA GLY A 115 31.64 18.09 -5.26
C GLY A 115 32.76 18.27 -6.31
N GLU A 116 34.00 18.32 -5.84
CA GLU A 116 35.21 18.46 -6.64
C GLU A 116 35.38 17.33 -7.68
N GLY A 117 35.12 16.07 -7.33
CA GLY A 117 35.18 15.02 -8.36
C GLY A 117 36.60 14.60 -8.75
N PHE A 118 36.77 14.24 -10.04
CA PHE A 118 38.03 13.77 -10.61
C PHE A 118 38.53 12.51 -9.87
N ASN A 119 37.61 11.59 -9.54
CA ASN A 119 38.03 10.35 -8.89
C ASN A 119 38.40 9.31 -9.96
N ILE A 120 39.25 8.35 -9.59
CA ILE A 120 39.59 7.25 -10.50
C ILE A 120 39.43 5.98 -9.66
N TYR A 121 38.40 5.22 -9.99
CA TYR A 121 38.01 4.08 -9.17
C TYR A 121 38.38 2.80 -9.88
N ARG A 122 38.92 1.88 -9.09
CA ARG A 122 39.14 0.51 -9.55
C ARG A 122 37.94 -0.31 -9.02
N VAL A 123 37.24 -1.01 -9.90
CA VAL A 123 36.04 -1.77 -9.51
C VAL A 123 36.24 -3.21 -9.92
N ARG A 124 35.86 -4.14 -9.01
CA ARG A 124 36.04 -5.53 -9.33
C ARG A 124 34.67 -6.19 -9.24
N TYR A 125 34.30 -6.93 -10.28
CA TYR A 125 33.08 -7.73 -10.20
C TYR A 125 33.53 -9.11 -9.71
N ASP A 126 32.81 -9.69 -8.74
CA ASP A 126 33.32 -10.93 -8.14
C ASP A 126 32.42 -12.09 -8.49
N GLY A 127 31.62 -11.94 -9.53
CA GLY A 127 30.68 -13.04 -9.85
C GLY A 127 29.31 -12.77 -9.25
N THR A 128 29.19 -11.83 -8.31
CA THR A 128 27.88 -11.62 -7.71
C THR A 128 27.60 -10.10 -7.68
N LYS A 129 28.62 -9.31 -7.37
CA LYS A 129 28.46 -7.89 -7.16
C LYS A 129 29.74 -7.16 -7.53
N PHE A 130 29.68 -5.79 -7.54
CA PHE A 130 30.83 -4.91 -7.67
C PHE A 130 31.42 -4.66 -6.30
N ASN A 131 32.75 -4.47 -6.24
CA ASN A 131 33.49 -4.10 -5.06
C ASN A 131 34.29 -2.89 -5.47
N LEU A 132 34.11 -1.77 -4.78
CA LEU A 132 34.88 -0.58 -5.06
C LEU A 132 36.22 -0.79 -4.34
N VAL A 133 37.27 -1.18 -5.08
CA VAL A 133 38.54 -1.64 -4.57
C VAL A 133 39.35 -0.43 -4.12
N SER A 134 39.46 0.61 -4.96
CA SER A 134 40.22 1.72 -4.46
C SER A 134 39.88 2.95 -5.25
N ASN A 135 40.49 4.06 -4.74
CA ASN A 135 40.34 5.34 -5.36
C ASN A 135 41.78 5.68 -5.71
N ILE A 136 42.14 5.34 -6.95
CA ILE A 136 43.47 5.50 -7.44
C ILE A 136 43.86 6.97 -7.54
N ALA A 137 42.88 7.86 -7.68
CA ALA A 137 43.17 9.30 -7.68
C ALA A 137 43.58 9.74 -6.27
N GLU A 138 42.88 9.23 -5.26
CA GLU A 138 43.27 9.59 -3.87
C GLU A 138 44.67 9.01 -3.56
N LYS A 139 44.88 7.76 -3.98
CA LYS A 139 46.10 7.05 -3.68
C LYS A 139 47.28 7.76 -4.34
N THR A 140 47.16 8.16 -5.62
CA THR A 140 48.31 8.69 -6.35
C THR A 140 48.40 10.21 -6.32
N GLY A 141 47.28 10.86 -6.01
CA GLY A 141 47.16 12.31 -6.12
C GLY A 141 46.82 12.83 -7.52
N LEU A 142 46.61 11.94 -8.53
CA LEU A 142 46.26 12.53 -9.82
C LEU A 142 44.75 12.43 -10.04
N GLY A 143 44.05 13.57 -10.04
CA GLY A 143 42.63 13.55 -10.40
C GLY A 143 42.39 13.86 -11.88
N LEU A 144 42.05 12.84 -12.72
CA LEU A 144 41.95 13.04 -14.18
C LEU A 144 40.58 12.55 -14.61
N GLY A 145 39.87 13.39 -15.43
CA GLY A 145 38.46 13.14 -15.61
C GLY A 145 38.05 12.78 -17.04
N VAL A 146 39.00 12.59 -17.99
CA VAL A 146 38.60 12.31 -19.38
C VAL A 146 38.97 10.85 -19.71
N HIS A 147 39.50 10.50 -20.88
CA HIS A 147 39.44 9.09 -21.26
C HIS A 147 40.31 8.19 -20.40
N VAL A 148 39.75 6.98 -20.20
CA VAL A 148 40.53 5.90 -19.58
C VAL A 148 40.79 4.85 -20.64
N THR A 149 42.05 4.34 -20.69
CA THR A 149 42.34 3.36 -21.74
C THR A 149 43.21 2.31 -21.14
N ALA A 150 42.91 1.03 -21.44
CA ALA A 150 43.77 -0.05 -20.96
C ALA A 150 44.95 -0.21 -21.91
N THR A 151 46.11 -0.65 -21.35
CA THR A 151 47.31 -0.85 -22.19
C THR A 151 47.11 -2.13 -22.95
N PRO A 152 47.83 -2.37 -24.09
CA PRO A 152 47.61 -3.61 -24.83
C PRO A 152 47.97 -4.90 -24.07
N ASP A 153 48.79 -4.86 -22.99
CA ASP A 153 49.04 -6.14 -22.30
C ASP A 153 47.99 -6.31 -21.19
N GLY A 154 47.10 -5.36 -21.03
CA GLY A 154 46.06 -5.51 -20.02
C GLY A 154 46.58 -5.31 -18.59
N LYS A 155 47.82 -4.81 -18.40
CA LYS A 155 48.35 -4.68 -17.04
C LYS A 155 48.36 -3.24 -16.51
N GLY A 156 48.12 -2.29 -17.41
CA GLY A 156 48.11 -0.88 -16.98
C GLY A 156 46.97 -0.12 -17.64
N PHE A 157 46.91 1.17 -17.36
CA PHE A 157 45.84 1.97 -17.97
C PHE A 157 46.30 3.42 -18.01
N ALA A 158 45.84 4.19 -19.01
CA ALA A 158 46.10 5.62 -18.97
C ALA A 158 44.79 6.37 -18.66
N VAL A 159 44.94 7.58 -18.07
CA VAL A 159 43.84 8.52 -17.91
C VAL A 159 44.38 9.88 -18.35
N ALA A 160 43.60 10.61 -19.16
CA ALA A 160 43.95 11.95 -19.59
C ALA A 160 42.92 12.95 -19.04
N ASP A 161 43.24 14.25 -19.10
CA ASP A 161 42.24 15.23 -18.68
C ASP A 161 42.43 16.51 -19.50
N GLY A 162 41.33 17.07 -20.02
CA GLY A 162 41.43 18.21 -20.91
C GLY A 162 41.04 19.50 -20.22
N GLN A 163 40.88 19.50 -18.86
CA GLN A 163 40.76 20.76 -18.14
C GLN A 163 42.10 21.14 -17.53
N LYS A 164 42.84 20.08 -17.14
CA LYS A 164 44.17 20.15 -16.53
C LYS A 164 45.27 20.00 -17.57
N ASP A 165 44.94 19.34 -18.69
CA ASP A 165 45.93 18.95 -19.71
C ASP A 165 47.06 18.13 -19.07
N ILE A 166 46.67 17.08 -18.34
CA ILE A 166 47.63 16.12 -17.84
C ILE A 166 47.19 14.73 -18.25
N PHE A 167 48.15 13.86 -18.49
CA PHE A 167 47.83 12.45 -18.64
C PHE A 167 48.86 11.64 -17.87
N ALA A 168 48.46 10.39 -17.58
CA ALA A 168 49.36 9.50 -16.87
C ALA A 168 49.06 8.07 -17.29
N GLU A 169 50.10 7.24 -17.23
CA GLU A 169 49.91 5.82 -17.38
C GLU A 169 50.18 5.25 -16.00
N PHE A 170 49.34 4.25 -15.63
CA PHE A 170 49.34 3.68 -14.29
C PHE A 170 49.54 2.15 -14.40
N ASP A 171 50.23 1.61 -13.39
CA ASP A 171 50.37 0.16 -13.22
C ASP A 171 49.17 -0.34 -12.44
N LEU A 172 48.42 -1.34 -12.97
CA LEU A 172 47.20 -1.68 -12.27
C LEU A 172 47.56 -2.39 -10.96
N ALA A 173 48.41 -3.43 -11.06
CA ALA A 173 48.75 -4.26 -9.92
C ALA A 173 49.14 -3.43 -8.70
N THR A 174 50.04 -2.43 -8.90
CA THR A 174 50.47 -1.64 -7.76
C THR A 174 49.73 -0.33 -7.56
N GLU A 175 48.77 -0.03 -8.44
CA GLU A 175 47.96 1.19 -8.41
C GLU A 175 48.87 2.43 -8.36
N SER A 176 49.93 2.44 -9.18
CA SER A 176 50.92 3.50 -9.05
C SER A 176 51.11 4.19 -10.38
N VAL A 177 51.72 5.38 -10.34
CA VAL A 177 51.96 6.15 -11.56
C VAL A 177 53.22 5.66 -12.25
N ARG A 178 53.16 5.30 -13.52
CA ARG A 178 54.35 4.96 -14.31
C ARG A 178 54.99 6.25 -14.84
N THR A 179 54.14 7.18 -15.28
CA THR A 179 54.60 8.42 -15.89
C THR A 179 53.40 9.39 -15.89
N ALA A 180 53.70 10.66 -15.86
CA ALA A 180 52.68 11.67 -15.93
C ALA A 180 53.26 12.93 -16.61
N PHE A 181 52.45 13.62 -17.43
CA PHE A 181 52.94 14.71 -18.25
C PHE A 181 51.91 15.82 -18.20
N LEU A 182 52.39 17.07 -18.24
CA LEU A 182 51.54 18.22 -18.44
C LEU A 182 51.84 18.67 -19.85
N VAL A 183 50.83 19.15 -20.59
CA VAL A 183 50.98 19.77 -21.88
C VAL A 183 50.42 21.19 -21.77
N ASP A 184 51.17 22.18 -22.26
CA ASP A 184 50.81 23.59 -22.16
C ASP A 184 50.89 24.22 -23.56
N TRP A 185 50.04 25.23 -23.79
CA TRP A 185 49.99 26.00 -25.04
C TRP A 185 50.47 27.44 -24.70
N LYS A 186 51.50 27.91 -25.40
CA LYS A 186 51.81 29.35 -25.43
C LYS A 186 51.44 29.88 -26.84
N PRO A 187 50.34 30.64 -26.95
CA PRO A 187 49.78 31.06 -28.26
C PRO A 187 50.69 32.14 -28.88
N ASN A 188 50.72 32.24 -30.22
CA ASN A 188 51.41 33.30 -30.96
C ASN A 188 50.63 34.58 -30.76
N ASN A 189 49.31 34.48 -30.67
CA ASN A 189 48.47 35.66 -30.58
C ASN A 189 47.70 35.54 -29.29
N SER A 190 47.91 36.46 -28.32
CA SER A 190 47.23 36.21 -27.03
C SER A 190 45.72 36.58 -27.06
N ASP A 191 45.22 37.23 -28.14
CA ASP A 191 43.77 37.31 -28.31
C ASP A 191 43.11 35.91 -28.29
N LEU A 192 42.16 35.75 -27.35
CA LEU A 192 41.59 34.42 -27.06
C LEU A 192 40.92 33.85 -28.33
N LYS A 193 40.36 34.71 -29.17
CA LYS A 193 39.70 34.22 -30.36
C LYS A 193 40.71 33.73 -31.41
N ARG A 194 41.98 34.17 -31.30
CA ARG A 194 43.03 33.86 -32.25
C ARG A 194 44.11 32.92 -31.67
N ALA A 195 43.92 32.48 -30.41
CA ALA A 195 44.95 31.84 -29.62
C ALA A 195 45.40 30.50 -30.20
N TRP A 196 44.50 29.84 -30.94
CA TRP A 196 44.89 28.61 -31.64
C TRP A 196 45.08 28.84 -33.13
N LEU A 197 44.11 29.52 -33.76
CA LEU A 197 44.14 29.75 -35.21
C LEU A 197 45.50 30.24 -35.64
N GLU A 198 46.11 31.18 -34.85
CA GLU A 198 47.36 31.77 -35.34
C GLU A 198 48.61 31.01 -34.86
N GLY A 199 48.39 29.86 -34.25
CA GLY A 199 49.48 28.96 -33.91
C GLY A 199 50.06 29.29 -32.53
N GLY A 200 51.15 28.61 -32.22
CA GLY A 200 51.71 28.59 -30.87
C GLY A 200 52.74 27.47 -30.65
N THR A 201 53.15 27.36 -29.37
CA THR A 201 54.16 26.41 -28.98
C THR A 201 53.54 25.53 -27.91
N MET A 202 53.55 24.22 -28.20
CA MET A 202 53.05 23.28 -27.22
C MET A 202 54.21 22.73 -26.42
N THR A 203 54.22 22.92 -25.08
CA THR A 203 55.30 22.43 -24.22
C THR A 203 54.84 21.18 -23.47
N ILE A 204 55.65 20.11 -23.52
CA ILE A 204 55.37 18.87 -22.82
C ILE A 204 56.29 18.73 -21.62
N THR A 205 55.77 18.57 -20.39
CA THR A 205 56.65 18.40 -19.21
C THR A 205 56.38 17.08 -18.52
N ARG A 206 57.44 16.29 -18.31
CA ARG A 206 57.32 15.07 -17.50
C ARG A 206 57.17 15.50 -16.05
N LEU A 207 56.09 15.09 -15.35
CA LEU A 207 55.82 15.62 -14.04
C LEU A 207 56.50 14.75 -12.98
N LYS A 208 56.66 15.30 -11.80
CA LYS A 208 57.29 14.57 -10.70
C LYS A 208 56.38 14.79 -9.53
N PRO A 209 56.20 13.80 -8.63
CA PRO A 209 55.38 14.04 -7.44
C PRO A 209 55.98 15.13 -6.56
N THR A 210 55.14 15.89 -5.87
CA THR A 210 55.58 17.02 -5.05
C THR A 210 55.20 16.81 -3.59
N LEU A 211 54.48 15.73 -3.27
CA LEU A 211 53.99 15.56 -1.91
C LEU A 211 54.64 14.31 -1.31
N PRO A 212 54.66 14.15 0.05
CA PRO A 212 55.32 12.99 0.63
C PRO A 212 54.57 11.74 0.20
N GLY A 213 55.29 10.63 0.15
CA GLY A 213 54.69 9.37 -0.21
C GLY A 213 54.73 9.17 -1.71
N GLY A 214 55.45 10.03 -2.47
CA GLY A 214 55.41 10.02 -3.94
C GLY A 214 54.03 10.44 -4.50
N LYS A 215 53.29 11.29 -3.77
CA LYS A 215 51.99 11.70 -4.27
C LYS A 215 52.10 12.97 -5.14
N TYR A 216 51.20 13.06 -6.13
CA TYR A 216 50.97 14.25 -6.91
C TYR A 216 49.98 15.15 -6.18
N ASP A 217 49.95 16.41 -6.61
CA ASP A 217 49.06 17.37 -5.98
C ASP A 217 47.99 17.86 -6.97
N TYR A 218 47.19 16.92 -7.49
CA TYR A 218 46.24 17.22 -8.53
C TYR A 218 44.89 16.55 -8.24
N THR A 219 44.54 16.36 -6.97
CA THR A 219 43.27 15.86 -6.47
C THR A 219 42.15 16.87 -6.77
N GLY A 220 40.96 16.37 -7.12
CA GLY A 220 39.83 17.32 -7.19
C GLY A 220 40.07 18.34 -8.31
N THR A 221 39.78 19.64 -8.07
CA THR A 221 39.70 20.57 -9.22
C THR A 221 41.06 21.20 -9.52
N LYS A 222 42.00 20.93 -8.61
CA LYS A 222 43.37 21.43 -8.65
C LYS A 222 44.03 21.13 -10.00
N GLY A 223 44.61 22.20 -10.58
CA GLY A 223 45.38 22.17 -11.81
C GLY A 223 44.55 22.53 -13.04
N CYS A 224 43.25 22.82 -12.83
CA CYS A 224 42.35 23.11 -13.94
C CYS A 224 42.70 24.46 -14.58
N LYS A 225 42.78 24.50 -15.89
CA LYS A 225 42.98 25.73 -16.66
C LYS A 225 41.64 26.31 -17.08
N ILE A 226 40.61 25.44 -17.27
CA ILE A 226 39.24 25.84 -17.52
C ILE A 226 38.33 25.06 -16.56
N ASP A 227 37.09 25.54 -16.41
CA ASP A 227 36.23 25.07 -15.33
C ASP A 227 35.29 23.96 -15.79
N TRP A 228 35.31 23.58 -17.08
CA TRP A 228 34.64 22.32 -17.46
C TRP A 228 35.31 21.78 -18.70
N GLU A 229 35.10 20.48 -18.98
CA GLU A 229 35.56 19.88 -20.24
C GLU A 229 34.89 20.57 -21.45
N LEU A 230 35.65 20.74 -22.54
CA LEU A 230 35.11 21.35 -23.74
C LEU A 230 34.07 20.42 -24.31
N VAL A 231 32.87 20.97 -24.63
CA VAL A 231 31.77 20.18 -25.15
C VAL A 231 31.99 19.96 -26.65
N PRO A 232 31.26 19.04 -27.33
CA PRO A 232 31.40 18.95 -28.81
C PRO A 232 31.29 20.31 -29.55
N GLY A 233 32.29 20.72 -30.32
CA GLY A 233 32.24 22.07 -30.91
C GLY A 233 32.79 23.14 -29.96
N GLY A 234 33.28 22.72 -28.74
CA GLY A 234 33.55 23.60 -27.60
C GLY A 234 34.65 24.61 -27.94
N GLU A 235 35.57 24.21 -28.85
CA GLU A 235 36.76 24.99 -29.13
C GLU A 235 36.31 26.41 -29.56
N LEU A 236 35.20 26.45 -30.36
CA LEU A 236 34.73 27.80 -30.67
C LEU A 236 34.21 28.51 -29.40
N PHE A 237 33.52 27.79 -28.49
CA PHE A 237 32.98 28.42 -27.29
C PHE A 237 34.12 28.89 -26.40
N LEU A 238 35.23 28.13 -26.36
CA LEU A 238 36.46 28.62 -25.70
C LEU A 238 37.01 29.88 -26.36
N GLU A 239 37.18 29.83 -27.70
CA GLU A 239 37.65 30.99 -28.46
C GLU A 239 36.67 32.16 -28.27
N GLU A 240 35.36 31.87 -28.19
CA GLU A 240 34.38 32.95 -28.15
C GLU A 240 34.25 33.55 -26.76
N GLY A 241 34.94 32.99 -25.76
CA GLY A 241 34.93 33.57 -24.42
C GLY A 241 33.78 33.03 -23.59
N LYS A 242 33.23 31.86 -23.96
CA LYS A 242 32.08 31.29 -23.28
C LYS A 242 32.50 30.24 -22.23
N VAL A 243 33.81 30.07 -21.97
CA VAL A 243 34.17 29.10 -20.95
C VAL A 243 35.06 29.78 -19.93
N THR A 244 34.74 29.65 -18.63
CA THR A 244 35.48 30.35 -17.59
C THR A 244 36.74 29.53 -17.25
N GLY A 245 37.74 30.24 -16.70
CA GLY A 245 38.93 29.53 -16.24
C GLY A 245 40.09 30.50 -16.10
N THR A 246 41.13 30.03 -15.37
CA THR A 246 42.26 30.90 -15.07
C THR A 246 43.28 30.85 -16.21
N ARG A 247 43.29 29.84 -17.09
CA ARG A 247 44.41 29.80 -18.02
C ARG A 247 43.87 29.41 -19.40
N GLN A 248 42.86 30.18 -19.88
CA GLN A 248 42.06 29.81 -21.01
C GLN A 248 42.90 29.70 -22.28
N THR A 249 43.88 30.61 -22.50
CA THR A 249 44.68 30.60 -23.72
C THR A 249 45.77 29.56 -23.65
N ASN A 250 45.98 28.90 -22.50
CA ASN A 250 47.05 27.91 -22.36
C ASN A 250 46.56 26.46 -22.51
N VAL A 251 45.27 26.28 -22.75
CA VAL A 251 44.62 24.97 -22.80
C VAL A 251 44.96 24.28 -24.14
N VAL A 252 45.17 22.94 -24.13
CA VAL A 252 45.23 22.20 -25.37
C VAL A 252 44.05 21.22 -25.43
N ALA A 253 43.43 20.93 -24.30
CA ALA A 253 42.26 20.02 -24.20
C ALA A 253 42.73 18.62 -24.61
N LEU A 254 43.58 18.07 -23.77
CA LEU A 254 43.98 16.68 -23.95
C LEU A 254 42.68 15.88 -23.91
N ASP A 255 42.67 14.77 -24.64
CA ASP A 255 41.48 13.92 -24.64
C ASP A 255 41.81 12.50 -24.20
N ALA A 256 42.71 11.83 -24.94
CA ALA A 256 42.93 10.40 -24.66
C ALA A 256 44.39 10.02 -24.99
N PHE A 257 44.92 8.98 -24.32
CA PHE A 257 46.13 8.38 -24.81
C PHE A 257 45.72 6.99 -25.30
N VAL A 258 45.69 6.86 -26.65
CA VAL A 258 45.32 5.56 -27.20
C VAL A 258 46.56 4.75 -27.61
N TYR A 259 46.48 3.44 -27.63
CA TYR A 259 47.61 2.56 -27.71
C TYR A 259 47.75 1.90 -29.08
N ASP A 260 48.99 1.94 -29.61
CA ASP A 260 49.34 1.11 -30.74
C ASP A 260 49.21 -0.35 -30.27
N PRO A 261 48.35 -1.19 -30.90
CA PRO A 261 48.22 -2.59 -30.51
C PRO A 261 49.49 -3.47 -30.65
N ARG A 262 50.47 -2.99 -31.46
CA ARG A 262 51.74 -3.70 -31.64
C ARG A 262 52.66 -3.38 -30.48
N GLY A 263 52.27 -2.43 -29.63
CA GLY A 263 53.10 -2.14 -28.46
C GLY A 263 54.00 -0.92 -28.72
N ARG A 264 54.69 -0.49 -27.68
CA ARG A 264 55.71 0.56 -27.77
C ARG A 264 55.12 1.99 -27.81
N TRP A 265 54.17 2.28 -28.70
CA TRP A 265 53.77 3.69 -28.87
C TRP A 265 52.39 3.94 -28.25
N GLY A 266 52.21 5.22 -27.86
CA GLY A 266 50.86 5.69 -27.57
C GLY A 266 50.70 7.05 -28.25
N ALA A 267 49.40 7.43 -28.47
CA ALA A 267 49.11 8.69 -29.12
C ALA A 267 48.27 9.47 -28.14
N LEU A 268 48.71 10.68 -27.87
CA LEU A 268 48.00 11.56 -26.96
C LEU A 268 47.30 12.56 -27.85
N SER A 269 45.95 12.57 -27.82
CA SER A 269 45.24 13.57 -28.62
C SER A 269 45.09 14.87 -27.85
N ALA A 270 45.32 16.01 -28.54
CA ALA A 270 45.14 17.34 -28.01
C ALA A 270 44.12 18.06 -28.92
N ARG A 271 42.93 18.38 -28.43
CA ARG A 271 41.79 18.71 -29.30
C ARG A 271 42.00 20.09 -29.94
N LEU A 272 42.53 21.05 -29.17
CA LEU A 272 42.55 22.42 -29.67
C LEU A 272 43.60 22.60 -30.77
N PRO A 273 44.85 22.10 -30.60
CA PRO A 273 45.81 22.18 -31.67
C PRO A 273 45.49 21.15 -32.76
N GLY A 274 44.65 20.16 -32.50
CA GLY A 274 44.39 19.19 -33.58
C GLY A 274 45.67 18.36 -33.90
N VAL A 275 46.29 17.86 -32.82
CA VAL A 275 47.56 17.13 -32.96
C VAL A 275 47.40 15.88 -32.06
N ALA A 276 48.01 14.77 -32.49
CA ALA A 276 48.15 13.56 -31.69
C ALA A 276 49.64 13.39 -31.50
N ILE A 277 50.10 13.57 -30.26
CA ILE A 277 51.53 13.50 -29.93
C ILE A 277 51.87 12.04 -29.64
N ILE A 278 52.75 11.44 -30.45
CA ILE A 278 53.19 10.07 -30.28
C ILE A 278 54.27 10.00 -29.21
N PHE A 279 54.09 9.09 -28.23
CA PHE A 279 55.10 8.92 -27.20
C PHE A 279 55.65 7.48 -27.28
N ASP A 280 56.96 7.41 -27.04
CA ASP A 280 57.67 6.17 -26.81
C ASP A 280 57.46 5.79 -25.35
N ARG A 281 56.71 4.69 -25.13
CA ARG A 281 56.39 4.19 -23.78
C ARG A 281 57.61 3.52 -23.13
N GLN A 282 58.61 3.17 -23.94
CA GLN A 282 59.82 2.54 -23.47
C GLN A 282 60.69 3.57 -22.74
N ASP A 283 60.94 4.75 -23.33
CA ASP A 283 61.69 5.73 -22.56
C ASP A 283 60.81 6.87 -22.03
N TRP A 284 59.50 6.87 -22.32
CA TRP A 284 58.63 7.96 -21.94
C TRP A 284 59.11 9.30 -22.49
N GLU A 285 59.15 9.43 -23.80
CA GLU A 285 59.42 10.71 -24.43
C GLU A 285 58.50 10.80 -25.63
N PRO A 286 58.00 12.02 -25.91
CA PRO A 286 57.27 12.34 -27.14
C PRO A 286 58.25 12.27 -28.31
N VAL A 287 57.81 11.71 -29.44
CA VAL A 287 58.72 11.47 -30.53
C VAL A 287 58.33 12.24 -31.79
N VAL A 288 57.00 12.48 -32.01
CA VAL A 288 56.56 13.18 -33.19
C VAL A 288 55.18 13.69 -32.88
N ALA A 289 54.73 14.75 -33.59
CA ALA A 289 53.35 15.17 -33.39
C ALA A 289 52.58 15.01 -34.70
N LEU A 290 51.53 14.19 -34.74
CA LEU A 290 50.72 14.14 -35.97
C LEU A 290 49.79 15.34 -36.02
N VAL A 291 49.61 15.90 -37.24
CA VAL A 291 48.73 17.06 -37.40
C VAL A 291 47.45 16.65 -38.11
N GLY A 292 46.28 16.94 -37.49
CA GLY A 292 45.04 16.40 -37.99
C GLY A 292 44.69 16.92 -39.42
N ALA A 293 44.70 18.25 -39.60
CA ALA A 293 43.93 18.93 -40.65
C ALA A 293 44.29 18.42 -42.06
N LYS A 294 43.25 18.17 -42.89
CA LYS A 294 43.46 17.98 -44.34
C LYS A 294 44.27 19.14 -44.93
N GLY A 295 45.30 18.88 -45.75
CA GLY A 295 46.10 19.93 -46.36
C GLY A 295 47.30 20.37 -45.53
N GLU A 296 47.43 19.95 -44.25
CA GLU A 296 48.64 20.23 -43.45
C GLU A 296 49.65 19.09 -43.55
N PRO A 297 50.94 19.25 -43.14
CA PRO A 297 51.84 18.11 -43.02
C PRO A 297 51.31 16.95 -42.17
N SER A 298 51.79 15.74 -42.53
CA SER A 298 51.54 14.51 -41.79
C SER A 298 51.92 14.71 -40.33
N SER A 299 53.04 15.42 -40.04
CA SER A 299 53.46 15.60 -38.66
C SER A 299 54.44 16.75 -38.55
N LEU A 300 54.76 17.13 -37.30
CA LEU A 300 55.78 18.11 -36.97
C LEU A 300 56.76 17.48 -35.99
N PRO A 301 58.04 17.94 -35.95
CA PRO A 301 59.04 17.37 -35.06
C PRO A 301 58.78 17.76 -33.60
N VAL A 302 59.35 16.95 -32.66
CA VAL A 302 59.36 17.28 -31.24
C VAL A 302 60.79 17.59 -30.92
N LYS A 303 61.05 18.67 -30.16
CA LYS A 303 62.40 19.01 -29.76
C LYS A 303 62.52 18.94 -28.23
N LYS A 304 63.58 18.30 -27.70
CA LYS A 304 63.82 18.24 -26.28
C LYS A 304 64.54 19.54 -25.92
N VAL A 305 64.10 20.25 -24.89
CA VAL A 305 64.69 21.54 -24.58
C VAL A 305 65.24 21.56 -23.17
N ALA A 306 64.90 20.56 -22.32
CA ALA A 306 65.50 20.39 -20.98
C ALA A 306 65.29 18.92 -20.63
N SER A 307 65.80 18.46 -19.47
CA SER A 307 65.76 17.03 -19.16
C SER A 307 64.34 16.40 -19.23
N ASP A 308 63.35 17.27 -19.00
CA ASP A 308 62.00 16.81 -18.75
C ASP A 308 61.04 17.60 -19.61
N THR A 309 61.51 18.25 -20.69
CA THR A 309 60.66 19.21 -21.44
C THR A 309 60.91 19.12 -22.94
N TRP A 310 59.83 19.02 -23.68
CA TRP A 310 59.87 19.00 -25.14
C TRP A 310 58.96 20.12 -25.66
N GLU A 311 59.16 20.57 -26.91
CA GLU A 311 58.29 21.55 -27.54
C GLU A 311 57.93 21.11 -28.96
N ILE A 312 56.74 21.54 -29.42
CA ILE A 312 56.25 21.42 -30.81
C ILE A 312 55.84 22.83 -31.21
N LYS A 313 56.29 23.30 -32.38
CA LYS A 313 55.93 24.63 -32.87
C LYS A 313 54.92 24.53 -34.03
N MET A 314 53.86 25.31 -33.90
CA MET A 314 52.80 25.36 -34.91
C MET A 314 52.58 26.79 -35.36
N ASP A 315 52.71 26.99 -36.69
CA ASP A 315 52.51 28.35 -37.23
C ASP A 315 51.05 28.68 -37.33
N LYS A 316 50.19 27.68 -37.29
CA LYS A 316 48.75 27.86 -37.41
C LYS A 316 48.09 26.55 -36.95
N VAL A 317 46.82 26.67 -36.58
CA VAL A 317 45.95 25.54 -36.34
C VAL A 317 44.74 25.64 -37.23
N VAL A 318 44.62 24.66 -38.15
CA VAL A 318 43.62 24.78 -39.20
C VAL A 318 42.27 24.33 -38.69
N THR A 319 42.22 23.25 -37.90
CA THR A 319 40.96 22.88 -37.32
C THR A 319 41.22 22.09 -36.03
N PRO A 320 40.31 22.10 -35.04
CA PRO A 320 40.39 21.14 -33.94
C PRO A 320 40.13 19.68 -34.39
N ALA A 321 40.44 18.68 -33.56
CA ALA A 321 40.22 17.26 -33.85
C ALA A 321 39.95 16.58 -32.51
N HIS A 322 39.31 15.41 -32.51
CA HIS A 322 38.91 14.84 -31.25
C HIS A 322 39.19 13.34 -31.31
N GLN A 323 38.32 12.51 -31.91
CA GLN A 323 38.47 11.07 -31.68
C GLN A 323 39.68 10.51 -32.39
N ALA A 324 40.31 9.45 -31.87
CA ALA A 324 41.66 9.06 -32.32
C ALA A 324 41.85 7.56 -32.04
N GLY A 325 42.61 6.85 -32.91
CA GLY A 325 42.57 5.42 -32.69
C GLY A 325 43.38 4.67 -33.71
N PHE A 326 43.85 3.48 -33.27
CA PHE A 326 44.51 2.63 -34.23
C PHE A 326 43.59 1.50 -34.66
N SER A 327 43.76 1.04 -35.93
CA SER A 327 43.19 -0.20 -36.40
C SER A 327 43.76 -1.35 -35.58
N PRO A 328 43.07 -2.51 -35.55
CA PRO A 328 43.54 -3.65 -34.78
C PRO A 328 44.96 -4.15 -35.11
N ASP A 329 45.39 -4.05 -36.40
CA ASP A 329 46.74 -4.50 -36.76
C ASP A 329 47.78 -3.39 -36.47
N GLY A 330 47.32 -2.18 -36.03
CA GLY A 330 48.30 -1.14 -35.78
C GLY A 330 48.76 -0.36 -37.01
N LYS A 331 48.28 -0.74 -38.23
CA LYS A 331 48.88 -0.22 -39.44
C LYS A 331 48.24 1.08 -39.94
N ASN A 332 47.13 1.50 -39.26
CA ASN A 332 46.41 2.71 -39.61
C ASN A 332 46.17 3.42 -38.30
N PHE A 333 46.31 4.74 -38.35
CA PHE A 333 45.85 5.56 -37.26
C PHE A 333 44.85 6.59 -37.83
N LEU A 334 43.79 6.87 -37.04
CA LEU A 334 42.71 7.73 -37.48
C LEU A 334 42.60 8.87 -36.46
N PHE A 335 42.33 10.07 -37.02
CA PHE A 335 42.08 11.23 -36.17
C PHE A 335 40.94 12.03 -36.82
N MET A 336 39.87 12.30 -36.04
CA MET A 336 38.65 12.93 -36.59
C MET A 336 38.82 14.44 -36.46
N ASN A 337 39.09 15.10 -37.60
CA ASN A 337 38.94 16.56 -37.65
C ASN A 337 37.49 16.91 -37.38
N GLY A 338 37.27 17.97 -36.59
CA GLY A 338 36.00 18.51 -36.18
C GLY A 338 35.95 20.05 -36.39
N VAL A 339 34.73 20.56 -36.60
CA VAL A 339 34.39 21.97 -36.42
C VAL A 339 34.81 22.79 -37.64
N ARG A 340 36.11 23.08 -37.85
CA ARG A 340 36.49 23.80 -39.05
C ARG A 340 36.55 22.81 -40.21
N GLN A 341 36.95 21.51 -40.01
CA GLN A 341 36.74 20.43 -40.99
C GLN A 341 36.06 19.26 -40.26
N ASN A 342 35.12 18.50 -40.89
CA ASN A 342 34.50 17.28 -40.36
C ASN A 342 34.90 16.16 -41.30
N ASN A 343 35.96 15.43 -40.93
CA ASN A 343 36.49 14.36 -41.78
C ASN A 343 37.21 13.32 -40.90
N ILE A 344 37.61 12.18 -41.49
CA ILE A 344 38.41 11.18 -40.82
C ILE A 344 39.75 11.15 -41.51
N MET A 345 40.82 11.57 -40.81
CA MET A 345 42.14 11.60 -41.38
C MET A 345 42.81 10.25 -41.08
N VAL A 346 43.45 9.67 -42.10
CA VAL A 346 44.05 8.37 -41.98
C VAL A 346 45.56 8.46 -42.25
N TRP A 347 46.38 7.86 -41.33
CA TRP A 347 47.83 7.73 -41.49
C TRP A 347 48.21 6.29 -41.70
N ASP A 348 49.16 6.10 -42.62
CA ASP A 348 49.86 4.84 -42.70
C ASP A 348 50.90 4.72 -41.58
N THR A 349 50.69 3.76 -40.69
CA THR A 349 51.53 3.68 -39.48
C THR A 349 52.15 2.29 -39.51
N SER A 350 52.28 1.74 -40.74
CA SER A 350 52.74 0.36 -40.87
C SER A 350 54.24 0.26 -40.50
N ASN A 351 54.98 1.37 -40.55
CA ASN A 351 56.34 1.38 -40.02
C ASN A 351 56.29 1.42 -38.51
N HIS A 352 56.37 0.23 -37.88
CA HIS A 352 56.35 0.14 -36.42
C HIS A 352 57.62 0.75 -35.75
N ALA A 353 58.71 0.83 -36.50
CA ALA A 353 59.99 1.19 -35.95
C ALA A 353 60.08 2.70 -35.88
N ASP A 354 59.40 3.42 -36.74
CA ASP A 354 59.68 4.84 -36.83
C ASP A 354 58.40 5.66 -37.06
N PRO A 355 57.76 6.18 -35.98
CA PRO A 355 56.61 7.08 -36.12
C PRO A 355 56.91 8.35 -36.90
N THR A 356 58.19 8.78 -37.01
CA THR A 356 58.39 9.98 -37.82
C THR A 356 58.14 9.65 -39.30
N LYS A 357 58.03 8.36 -39.67
CA LYS A 357 57.72 8.06 -41.06
C LYS A 357 56.21 7.90 -41.27
N TRP A 358 55.37 8.14 -40.27
CA TRP A 358 53.93 7.88 -40.40
C TRP A 358 53.33 8.98 -41.28
N THR A 359 52.67 8.60 -42.40
CA THR A 359 52.22 9.65 -43.33
C THR A 359 50.75 9.50 -43.64
N LYS A 360 50.10 10.65 -43.84
CA LYS A 360 48.71 10.70 -44.20
C LYS A 360 48.54 9.87 -45.45
N LYS A 361 47.58 8.94 -45.47
CA LYS A 361 47.33 8.19 -46.67
C LYS A 361 45.90 8.40 -47.23
N ALA A 362 44.91 8.82 -46.46
CA ALA A 362 43.54 8.96 -47.00
C ALA A 362 42.77 9.88 -46.06
N VAL A 363 41.65 10.41 -46.56
CA VAL A 363 40.78 11.24 -45.74
C VAL A 363 39.35 10.90 -46.14
N VAL A 364 38.51 10.56 -45.16
CA VAL A 364 37.13 10.23 -45.41
C VAL A 364 36.34 11.51 -45.27
N GLU A 365 35.60 11.85 -46.36
CA GLU A 365 34.81 13.07 -46.46
C GLU A 365 33.45 12.75 -47.06
N ASP A 366 32.47 13.63 -46.78
CA ASP A 366 31.14 13.47 -47.31
C ASP A 366 30.49 14.85 -47.47
N PRO A 367 29.68 15.08 -48.53
CA PRO A 367 28.96 16.35 -48.66
C PRO A 367 28.15 16.67 -47.39
N GLY A 368 27.65 15.61 -46.68
CA GLY A 368 26.78 15.76 -45.51
C GLY A 368 27.57 16.15 -44.28
N TRP A 369 28.88 16.20 -44.40
CA TRP A 369 29.74 16.57 -43.28
C TRP A 369 30.18 18.04 -43.40
N ARG A 370 29.54 18.83 -44.28
CA ARG A 370 30.08 20.14 -44.64
C ARG A 370 29.76 21.18 -43.57
N GLY A 371 28.62 21.08 -42.88
CA GLY A 371 28.26 21.96 -41.77
C GLY A 371 29.16 21.77 -40.53
N SER A 372 28.75 22.42 -39.42
CA SER A 372 29.44 22.38 -38.13
C SER A 372 29.40 20.98 -37.48
N TYR A 373 28.27 20.29 -37.78
CA TYR A 373 27.91 18.98 -37.32
C TYR A 373 27.50 18.19 -38.55
N PRO A 374 27.56 16.85 -38.60
CA PRO A 374 27.81 16.04 -37.42
C PRO A 374 29.29 16.04 -37.13
N ASN A 375 29.63 15.75 -35.88
CA ASN A 375 31.01 15.47 -35.55
C ASN A 375 31.19 13.96 -35.49
N THR A 376 31.98 13.42 -36.43
CA THR A 376 32.64 12.12 -36.34
C THR A 376 33.29 12.02 -34.96
N PHE A 377 33.07 11.06 -34.00
CA PHE A 377 33.74 11.17 -32.67
C PHE A 377 34.06 10.02 -31.64
N HIS A 378 33.49 8.82 -31.84
CA HIS A 378 33.84 7.57 -31.19
C HIS A 378 33.91 6.54 -32.31
N MET A 379 34.69 5.47 -32.13
CA MET A 379 34.84 4.51 -33.23
C MET A 379 35.04 3.13 -32.66
N VAL A 380 34.78 2.14 -33.49
CA VAL A 380 35.22 0.76 -33.19
C VAL A 380 35.45 0.09 -34.54
N PHE A 381 36.54 -0.68 -34.65
CA PHE A 381 36.88 -1.46 -35.84
C PHE A 381 36.36 -2.88 -35.71
N THR A 382 36.02 -3.50 -36.84
CA THR A 382 35.82 -4.94 -36.82
C THR A 382 37.15 -5.62 -36.52
N PRO A 383 37.13 -6.81 -35.88
CA PRO A 383 38.32 -7.54 -35.59
C PRO A 383 39.24 -7.75 -36.78
N ASP A 384 38.68 -7.98 -37.99
CA ASP A 384 39.53 -8.20 -39.14
C ASP A 384 39.99 -6.86 -39.73
N GLY A 385 39.59 -5.74 -39.13
CA GLY A 385 40.05 -4.47 -39.61
C GLY A 385 39.35 -3.96 -40.87
N ARG A 386 38.40 -4.69 -41.45
CA ARG A 386 37.78 -4.33 -42.73
C ARG A 386 36.78 -3.15 -42.68
N LYS A 387 36.14 -2.93 -41.51
CA LYS A 387 35.26 -1.79 -41.38
C LYS A 387 35.56 -1.06 -40.08
N VAL A 388 35.28 0.25 -40.07
CA VAL A 388 35.25 1.02 -38.84
C VAL A 388 33.87 1.70 -38.75
N TYR A 389 33.27 1.57 -37.57
CA TYR A 389 32.01 2.23 -37.22
C TYR A 389 32.37 3.51 -36.51
N VAL A 390 31.73 4.63 -36.85
CA VAL A 390 32.06 5.93 -36.34
C VAL A 390 30.78 6.66 -35.92
N THR A 391 30.71 7.21 -34.72
CA THR A 391 29.46 7.85 -34.34
C THR A 391 29.30 9.21 -35.02
N LEU A 392 28.03 9.57 -35.27
CA LEU A 392 27.77 10.91 -35.84
C LEU A 392 27.02 11.67 -34.77
N TRP A 393 27.69 12.66 -34.15
CA TRP A 393 27.07 13.43 -33.05
C TRP A 393 26.52 14.75 -33.59
N TRP A 394 25.33 15.13 -33.10
CA TRP A 394 24.80 16.47 -33.37
C TRP A 394 24.19 16.96 -32.04
N PRO A 395 24.10 18.31 -31.83
CA PRO A 395 23.21 18.87 -30.79
C PRO A 395 21.75 18.52 -31.05
N SER A 396 20.94 18.57 -29.99
CA SER A 396 19.51 18.39 -30.12
C SER A 396 18.98 19.49 -31.06
N PRO A 397 17.95 19.23 -31.93
CA PRO A 397 17.26 17.95 -31.98
C PRO A 397 17.53 17.01 -33.16
N THR A 398 18.65 17.19 -33.87
CA THR A 398 18.98 16.33 -35.02
C THR A 398 19.24 14.90 -34.53
N PRO A 399 18.61 13.87 -35.16
CA PRO A 399 18.89 12.47 -34.79
C PRO A 399 20.40 12.22 -35.05
N ASN A 400 21.03 11.60 -34.06
CA ASN A 400 22.42 11.22 -34.10
C ASN A 400 22.46 9.80 -34.66
N GLY A 401 23.66 9.31 -35.06
CA GLY A 401 23.64 8.01 -35.71
C GLY A 401 25.04 7.39 -35.80
N ILE A 402 25.16 6.40 -36.68
CA ILE A 402 26.41 5.64 -36.77
C ILE A 402 26.76 5.59 -38.23
N ALA A 403 28.04 5.94 -38.53
CA ALA A 403 28.55 5.86 -39.87
C ALA A 403 29.31 4.55 -40.00
N VAL A 404 29.19 3.93 -41.19
CA VAL A 404 29.90 2.68 -41.42
C VAL A 404 30.93 2.99 -42.52
N VAL A 405 32.22 2.82 -42.22
CA VAL A 405 33.30 3.20 -43.12
C VAL A 405 34.05 1.94 -43.57
N ASP A 406 34.34 1.83 -44.88
CA ASP A 406 35.18 0.78 -45.43
C ASP A 406 36.64 1.09 -45.02
N ALA A 407 37.25 0.24 -44.23
CA ALA A 407 38.54 0.65 -43.70
C ALA A 407 39.62 0.02 -44.58
N ARG A 408 39.25 -0.40 -45.82
CA ARG A 408 40.28 -0.80 -46.76
C ARG A 408 40.44 0.31 -47.79
N ASN A 409 39.32 0.74 -48.41
CA ASN A 409 39.36 1.81 -49.38
C ASN A 409 39.07 3.18 -48.79
N TRP A 410 38.69 3.27 -47.50
CA TRP A 410 38.52 4.57 -46.85
C TRP A 410 37.38 5.39 -47.46
N LYS A 411 36.24 4.75 -47.61
CA LYS A 411 35.04 5.37 -48.18
C LYS A 411 33.89 5.17 -47.19
N LEU A 412 33.02 6.21 -47.10
CA LEU A 412 31.80 6.09 -46.29
C LEU A 412 30.83 5.16 -47.00
N LEU A 413 30.26 4.20 -46.28
CA LEU A 413 29.41 3.21 -46.90
C LEU A 413 27.96 3.56 -46.58
N LYS A 414 27.63 3.95 -45.31
CA LYS A 414 26.20 4.00 -44.95
C LYS A 414 26.18 4.82 -43.65
N SER A 415 25.11 5.55 -43.41
CA SER A 415 24.85 6.27 -42.16
C SER A 415 23.53 5.72 -41.62
N VAL A 416 23.39 5.43 -40.33
CA VAL A 416 22.10 4.96 -39.82
C VAL A 416 21.71 5.83 -38.63
N ASP A 417 20.47 6.27 -38.61
CA ASP A 417 20.01 7.10 -37.52
C ASP A 417 19.71 6.30 -36.26
N ILE A 418 20.08 6.78 -35.06
CA ILE A 418 19.87 5.99 -33.86
C ILE A 418 18.92 6.73 -32.89
N GLY A 419 19.31 7.91 -32.48
CA GLY A 419 18.64 8.57 -31.37
C GLY A 419 19.34 9.88 -31.05
N PRO A 420 18.96 10.54 -29.93
CA PRO A 420 19.65 11.73 -29.47
C PRO A 420 20.96 11.41 -28.77
N ASP A 421 21.96 12.26 -29.02
CA ASP A 421 23.17 12.25 -28.20
C ASP A 421 23.86 10.88 -28.25
N MET A 422 24.30 10.48 -29.44
CA MET A 422 25.04 9.23 -29.60
C MET A 422 26.48 9.34 -29.08
N HIS A 423 26.92 8.32 -28.27
CA HIS A 423 28.28 8.26 -27.75
C HIS A 423 29.06 7.08 -28.33
N THR A 424 29.54 6.17 -27.49
CA THR A 424 30.59 5.23 -27.86
C THR A 424 30.08 4.00 -28.55
N LEU A 425 31.01 3.28 -29.21
CA LEU A 425 30.68 2.01 -29.84
C LEU A 425 31.69 0.98 -29.34
N ALA A 426 31.22 -0.22 -28.96
CA ALA A 426 32.07 -1.37 -28.70
C ALA A 426 31.68 -2.44 -29.70
N ILE A 427 32.37 -3.58 -29.75
CA ILE A 427 31.93 -4.63 -30.65
C ILE A 427 32.14 -5.96 -29.92
N THR A 428 31.19 -6.88 -30.10
CA THR A 428 31.46 -8.22 -29.56
C THR A 428 32.71 -8.76 -30.25
N TYR A 429 33.51 -9.56 -29.54
CA TYR A 429 34.85 -9.91 -29.99
C TYR A 429 34.87 -10.96 -31.10
N ASP A 430 33.73 -11.62 -31.34
CA ASP A 430 33.60 -12.51 -32.51
C ASP A 430 33.28 -11.64 -33.72
N GLY A 431 33.21 -10.31 -33.51
CA GLY A 431 32.97 -9.34 -34.57
C GLY A 431 31.54 -9.29 -35.08
N LYS A 432 30.54 -9.89 -34.39
CA LYS A 432 29.18 -9.99 -34.97
C LYS A 432 28.30 -8.79 -34.71
N TYR A 433 28.53 -8.13 -33.56
CA TYR A 433 27.62 -7.04 -33.20
C TYR A 433 28.35 -5.80 -32.64
N VAL A 434 27.97 -4.64 -33.18
CA VAL A 434 28.39 -3.40 -32.58
C VAL A 434 27.30 -3.02 -31.55
N VAL A 435 27.76 -2.57 -30.40
CA VAL A 435 26.90 -2.17 -29.29
C VAL A 435 27.22 -0.71 -28.99
N GLY A 436 26.18 0.15 -29.09
CA GLY A 436 26.46 1.59 -28.86
C GLY A 436 25.52 2.11 -27.76
N VAL A 437 25.81 3.31 -27.27
CA VAL A 437 24.95 3.94 -26.28
C VAL A 437 24.61 5.36 -26.75
N PHE A 438 23.34 5.76 -26.49
CA PHE A 438 22.94 7.18 -26.71
C PHE A 438 22.28 7.68 -25.39
N SER A 439 22.31 9.03 -25.17
CA SER A 439 22.37 9.39 -23.77
C SER A 439 21.52 10.60 -23.48
N GLY A 440 20.76 11.06 -24.48
CA GLY A 440 19.69 12.04 -24.28
C GLY A 440 20.16 13.38 -23.71
N TYR A 441 21.42 13.80 -23.94
CA TYR A 441 21.89 15.07 -23.41
C TYR A 441 21.59 15.11 -21.89
N GLN A 442 21.56 13.91 -21.22
CA GLN A 442 21.38 13.79 -19.77
C GLN A 442 19.95 14.13 -19.36
N LYS A 443 19.00 14.19 -20.32
CA LYS A 443 17.64 14.59 -19.94
C LYS A 443 16.55 13.95 -20.79
N THR A 444 16.87 13.42 -21.95
CA THR A 444 15.87 12.86 -22.83
C THR A 444 16.28 11.42 -23.14
N ALA A 445 15.86 10.92 -24.28
CA ALA A 445 15.84 9.48 -24.55
C ALA A 445 17.24 8.90 -24.47
N SER A 446 17.35 7.68 -23.95
CA SER A 446 18.64 7.06 -23.83
C SER A 446 18.49 5.58 -24.07
N GLY A 447 19.60 4.87 -24.35
CA GLY A 447 19.43 3.45 -24.57
C GLY A 447 20.72 2.81 -25.09
N ILE A 448 20.65 1.48 -25.22
CA ILE A 448 21.75 0.71 -25.74
C ILE A 448 21.25 0.18 -27.09
N VAL A 449 22.05 0.39 -28.14
CA VAL A 449 21.61 -0.05 -29.46
C VAL A 449 22.54 -1.19 -29.88
N ILE A 450 21.96 -2.17 -30.61
CA ILE A 450 22.79 -3.25 -31.10
C ILE A 450 22.68 -3.31 -32.62
N MET A 451 23.83 -3.34 -33.33
CA MET A 451 23.84 -3.35 -34.78
C MET A 451 24.56 -4.62 -35.24
N ASP A 452 23.90 -5.31 -36.17
CA ASP A 452 24.46 -6.50 -36.82
C ASP A 452 25.51 -6.04 -37.84
N THR A 453 26.75 -6.56 -37.77
CA THR A 453 27.78 -6.09 -38.66
C THR A 453 27.70 -6.72 -40.07
N LYS A 454 26.88 -7.73 -40.31
CA LYS A 454 26.71 -8.32 -41.64
C LYS A 454 25.73 -7.43 -42.46
N SER A 455 24.55 -7.13 -41.91
CA SER A 455 23.63 -6.23 -42.61
C SER A 455 23.88 -4.75 -42.29
N ASP A 456 24.68 -4.45 -41.25
CA ASP A 456 24.83 -3.07 -40.82
C ASP A 456 23.49 -2.39 -40.59
N GLU A 457 22.55 -3.14 -40.00
CA GLU A 457 21.24 -2.64 -39.59
C GLU A 457 21.09 -2.82 -38.08
N VAL A 458 20.32 -1.91 -37.46
CA VAL A 458 20.08 -1.98 -36.04
C VAL A 458 19.19 -3.18 -35.76
N VAL A 459 19.62 -4.04 -34.85
CA VAL A 459 18.79 -5.20 -34.54
C VAL A 459 17.89 -4.86 -33.34
N GLY A 460 18.36 -3.98 -32.46
CA GLY A 460 17.40 -3.19 -31.72
C GLY A 460 17.96 -2.45 -30.52
N ILE A 461 17.05 -2.01 -29.63
CA ILE A 461 17.32 -1.08 -28.54
C ILE A 461 16.92 -1.68 -27.18
N LEU A 462 17.82 -1.59 -26.21
CA LEU A 462 17.60 -1.96 -24.81
C LEU A 462 17.48 -0.70 -23.95
N PRO A 463 16.57 -0.71 -22.96
CA PRO A 463 16.38 0.49 -22.10
C PRO A 463 17.66 0.74 -21.31
N SER A 464 17.90 2.02 -21.01
CA SER A 464 19.13 2.26 -20.25
C SER A 464 19.01 3.56 -19.48
N VAL A 465 19.03 3.42 -18.17
CA VAL A 465 19.06 4.59 -17.32
C VAL A 465 20.55 4.98 -17.22
N GLY A 466 20.95 5.91 -18.05
CA GLY A 466 22.31 6.31 -18.19
C GLY A 466 22.45 7.52 -19.12
N GLY A 467 23.40 8.37 -18.76
CA GLY A 467 23.90 9.37 -19.71
C GLY A 467 25.31 9.05 -20.26
N HIS A 468 25.69 7.75 -20.29
CA HIS A 468 26.98 7.20 -20.69
C HIS A 468 27.68 7.96 -21.82
N HIS A 469 28.89 8.41 -21.56
CA HIS A 469 29.87 8.82 -22.60
C HIS A 469 30.86 7.69 -22.89
N ASP A 470 30.58 6.47 -22.38
CA ASP A 470 31.52 5.40 -22.70
C ASP A 470 30.74 4.09 -22.65
N CYS A 471 31.41 3.02 -23.10
CA CYS A 471 30.92 1.68 -22.91
C CYS A 471 31.99 0.71 -23.37
N VAL A 472 32.06 -0.47 -22.75
CA VAL A 472 33.05 -1.45 -23.15
C VAL A 472 32.44 -2.82 -22.96
N ILE A 473 32.99 -3.79 -23.65
CA ILE A 473 32.58 -5.18 -23.47
C ILE A 473 33.80 -5.85 -22.82
N VAL A 474 33.55 -6.57 -21.74
CA VAL A 474 34.62 -7.15 -20.95
C VAL A 474 35.40 -8.08 -21.87
N PRO A 475 36.73 -7.79 -22.03
CA PRO A 475 37.62 -8.66 -22.83
C PRO A 475 37.99 -9.97 -22.12
N LYS A 476 38.23 -11.02 -22.92
CA LYS A 476 38.75 -12.27 -22.40
C LYS A 476 40.25 -12.26 -22.55
N THR A 477 40.76 -11.69 -23.64
CA THR A 477 42.18 -11.85 -24.00
C THR A 477 42.82 -10.48 -24.31
N VAL A 478 44.16 -10.42 -24.39
CA VAL A 478 44.86 -9.20 -24.83
C VAL A 478 44.52 -8.94 -26.29
N GLU A 479 44.21 -10.01 -27.08
CA GLU A 479 43.82 -9.78 -28.47
C GLU A 479 42.50 -8.99 -28.53
N ASP A 480 41.54 -9.32 -27.66
CA ASP A 480 40.28 -8.56 -27.61
C ASP A 480 40.51 -7.06 -27.38
N LEU A 481 41.48 -6.65 -26.56
CA LEU A 481 41.72 -5.23 -26.31
C LEU A 481 41.99 -4.48 -27.63
N ARG A 482 42.45 -5.17 -28.69
CA ARG A 482 42.71 -4.49 -29.96
C ARG A 482 41.42 -3.80 -30.50
N CYS A 483 40.24 -4.36 -30.16
CA CYS A 483 38.96 -3.74 -30.50
C CYS A 483 38.21 -3.25 -29.27
N SER A 484 38.92 -2.74 -28.25
CA SER A 484 38.28 -2.30 -27.02
C SER A 484 38.79 -0.92 -26.65
N ARG A 485 38.53 -0.54 -25.39
CA ARG A 485 38.91 0.81 -25.00
C ARG A 485 40.42 0.81 -24.68
N CYS A 486 41.24 0.79 -25.75
CA CYS A 486 42.67 0.60 -25.62
C CYS A 486 43.28 1.25 -26.87
N THR A 487 42.87 0.75 -28.06
CA THR A 487 43.34 1.29 -29.34
C THR A 487 42.55 2.50 -29.81
N THR A 488 41.29 2.67 -29.38
CA THR A 488 40.45 3.80 -29.82
C THR A 488 39.65 4.33 -28.62
N THR A 489 39.22 5.59 -28.70
CA THR A 489 38.10 6.04 -27.85
C THR A 489 36.70 5.84 -28.48
N LYS B 26 14.53 -10.64 -33.46
CA LYS B 26 14.46 -9.27 -34.02
C LYS B 26 13.54 -8.38 -33.18
N ILE B 27 14.09 -7.26 -32.72
CA ILE B 27 13.56 -6.76 -31.46
C ILE B 27 12.30 -5.91 -31.65
N GLU B 28 12.19 -5.20 -32.81
CA GLU B 28 11.01 -4.37 -33.08
C GLU B 28 9.78 -5.25 -32.88
N GLU B 29 9.82 -6.48 -33.41
CA GLU B 29 8.71 -7.41 -33.38
C GLU B 29 8.41 -7.74 -31.92
N PHE B 30 9.46 -7.94 -31.14
CA PHE B 30 9.37 -8.20 -29.71
C PHE B 30 8.58 -7.10 -28.97
N TYR B 31 9.05 -5.85 -29.04
CA TYR B 31 8.40 -4.75 -28.33
C TYR B 31 7.03 -4.40 -28.91
N ALA B 32 6.87 -4.49 -30.25
CA ALA B 32 5.62 -4.18 -30.94
C ALA B 32 4.46 -4.91 -30.29
N GLN B 33 4.68 -6.11 -29.72
CA GLN B 33 3.56 -6.83 -29.13
C GLN B 33 3.06 -6.21 -27.81
N PHE B 34 3.87 -5.39 -27.10
CA PHE B 34 3.46 -4.96 -25.76
C PHE B 34 2.42 -3.85 -25.78
N GLY B 35 2.38 -3.08 -26.86
CA GLY B 35 1.48 -1.96 -26.86
C GLY B 35 2.18 -0.72 -26.32
N LYS B 36 1.47 0.40 -26.41
CA LYS B 36 2.05 1.71 -26.16
C LYS B 36 1.86 1.97 -24.65
N TYR B 37 2.77 1.43 -23.82
CA TYR B 37 2.67 1.64 -22.37
C TYR B 37 4.06 2.01 -21.84
N ILE B 38 4.08 2.92 -20.86
CA ILE B 38 5.34 3.48 -20.36
C ILE B 38 5.48 2.96 -18.94
N LEU B 39 6.61 2.23 -18.70
CA LEU B 39 6.97 1.79 -17.33
C LEU B 39 7.79 2.87 -16.56
N LEU B 40 7.37 3.28 -15.37
CA LEU B 40 8.18 4.11 -14.46
C LEU B 40 8.75 3.23 -13.35
N VAL B 41 10.02 3.54 -12.98
CA VAL B 41 10.69 2.80 -11.92
C VAL B 41 11.50 3.79 -11.14
N PRO B 42 11.47 3.62 -9.80
CA PRO B 42 12.42 4.27 -8.90
C PRO B 42 13.64 3.35 -8.81
N GLY B 43 14.82 3.90 -8.48
CA GLY B 43 16.03 3.09 -8.45
C GLY B 43 16.50 2.71 -7.04
N LYS B 44 15.82 3.14 -5.97
CA LYS B 44 16.27 2.85 -4.61
C LYS B 44 17.68 3.43 -4.42
N PHE B 45 18.72 2.60 -4.14
CA PHE B 45 20.12 3.08 -3.99
C PHE B 45 20.76 3.67 -5.24
N THR B 46 20.15 3.47 -6.44
CA THR B 46 20.66 4.22 -7.61
C THR B 46 20.40 5.72 -7.52
N GLY B 47 19.33 6.08 -6.85
CA GLY B 47 19.05 7.51 -6.76
C GLY B 47 18.22 8.08 -7.94
N THR B 48 17.76 7.22 -8.83
CA THR B 48 17.12 7.65 -10.10
C THR B 48 15.61 7.34 -10.13
N VAL B 49 14.93 8.01 -11.05
CA VAL B 49 13.63 7.58 -11.55
C VAL B 49 13.79 7.58 -13.05
N ALA B 50 13.12 6.64 -13.70
CA ALA B 50 13.20 6.57 -15.15
C ALA B 50 11.81 6.19 -15.74
N ALA B 51 11.60 6.55 -17.03
CA ALA B 51 10.43 6.05 -17.76
C ALA B 51 10.94 5.30 -19.00
N HIS B 52 10.38 4.15 -19.31
CA HIS B 52 10.82 3.35 -20.47
C HIS B 52 9.59 3.11 -21.32
N ASP B 53 9.78 3.19 -22.63
CA ASP B 53 8.68 2.98 -23.55
C ASP B 53 8.70 1.50 -23.90
N LEU B 54 7.70 0.75 -23.43
CA LEU B 54 7.76 -0.70 -23.68
C LEU B 54 7.47 -1.01 -25.16
N SER B 55 7.04 0.00 -25.90
CA SER B 55 6.73 -0.31 -27.30
C SER B 55 7.99 -0.21 -28.16
N THR B 56 9.09 0.39 -27.65
CA THR B 56 10.29 0.57 -28.45
C THR B 56 11.57 0.11 -27.71
N GLY B 57 11.52 -0.08 -26.37
CA GLY B 57 12.65 -0.37 -25.53
C GLY B 57 13.54 0.85 -25.31
N ARG B 58 13.12 2.05 -25.72
CA ARG B 58 13.93 3.21 -25.38
C ARG B 58 13.49 3.72 -24.00
N THR B 59 14.44 4.26 -23.23
CA THR B 59 14.16 4.98 -22.01
C THR B 59 13.85 6.41 -22.42
N LEU B 60 12.66 6.89 -22.07
CA LEU B 60 12.18 8.18 -22.56
C LEU B 60 12.93 9.28 -21.79
N ALA B 61 13.25 9.02 -20.49
CA ALA B 61 13.76 10.11 -19.67
C ALA B 61 14.13 9.52 -18.32
N TRP B 62 15.02 10.22 -17.59
CA TRP B 62 15.39 9.77 -16.25
C TRP B 62 15.85 10.99 -15.48
N LEU B 63 15.81 10.89 -14.15
CA LEU B 63 16.28 12.00 -13.35
C LEU B 63 17.08 11.38 -12.18
N ALA B 64 18.19 12.04 -11.82
CA ALA B 64 19.07 11.60 -10.73
C ALA B 64 18.92 12.59 -9.58
N GLY B 65 18.34 12.11 -8.46
CA GLY B 65 18.04 13.04 -7.35
C GLY B 65 19.26 13.90 -6.94
N TRP B 66 20.45 13.27 -6.86
CA TRP B 66 21.62 13.98 -6.40
C TRP B 66 21.99 15.17 -7.28
N ASN B 67 21.65 15.14 -8.57
CA ASN B 67 21.97 16.29 -9.41
C ASN B 67 21.38 17.57 -8.81
N TYR B 68 20.25 17.39 -8.08
CA TYR B 68 19.48 18.51 -7.54
C TYR B 68 19.88 18.85 -6.12
N GLY B 69 20.93 18.24 -5.55
CA GLY B 69 21.25 18.60 -4.16
C GLY B 69 20.61 17.66 -3.16
N ASP B 70 19.84 16.66 -3.57
CA ASP B 70 19.36 15.67 -2.58
C ASP B 70 20.54 14.72 -2.38
N THR B 71 21.16 14.74 -1.19
CA THR B 71 22.43 14.04 -1.02
C THR B 71 22.18 12.58 -0.62
N ASN B 72 20.92 12.20 -0.31
CA ASN B 72 20.64 10.82 0.02
C ASN B 72 19.35 10.34 -0.67
N PRO B 73 19.27 10.36 -2.05
CA PRO B 73 18.03 10.16 -2.76
C PRO B 73 17.65 8.68 -2.84
N ILE B 74 17.30 8.07 -1.71
CA ILE B 74 16.87 6.67 -1.78
C ILE B 74 15.45 6.60 -2.34
N MET B 75 15.36 6.45 -3.68
CA MET B 75 14.11 6.73 -4.39
C MET B 75 13.25 5.47 -4.18
N HIS B 76 12.14 5.60 -3.46
CA HIS B 76 11.53 4.44 -2.86
C HIS B 76 10.22 4.04 -3.56
N HIS B 77 9.10 4.79 -3.33
CA HIS B 77 7.83 4.35 -3.85
C HIS B 77 7.25 5.48 -4.74
N MET B 78 6.26 5.11 -5.52
CA MET B 78 5.75 6.07 -6.49
C MET B 78 4.35 5.66 -6.96
N ALA B 79 3.59 6.66 -7.46
CA ALA B 79 2.38 6.39 -8.20
C ALA B 79 2.24 7.51 -9.23
N ALA B 80 1.48 7.18 -10.30
CA ALA B 80 1.32 8.07 -11.44
C ALA B 80 -0.18 8.37 -11.57
N PHE B 81 -0.49 9.54 -12.13
CA PHE B 81 -1.88 9.95 -12.26
C PHE B 81 -2.31 9.72 -13.69
N PRO B 82 -3.63 9.53 -13.97
CA PRO B 82 -4.12 9.36 -15.32
C PRO B 82 -3.75 10.53 -16.21
N SER B 83 -3.30 10.20 -17.42
CA SER B 83 -3.05 11.24 -18.38
C SER B 83 -3.72 10.80 -19.68
N PRO B 84 -4.38 11.71 -20.46
CA PRO B 84 -5.00 11.33 -21.77
C PRO B 84 -3.94 10.81 -22.76
N ASP B 85 -2.69 11.27 -22.65
CA ASP B 85 -1.68 10.75 -23.54
C ASP B 85 -0.34 10.79 -22.81
N PRO B 86 -0.01 9.71 -22.11
CA PRO B 86 1.26 9.68 -21.39
C PRO B 86 2.46 10.01 -22.27
N TYR B 87 2.45 9.65 -23.57
CA TYR B 87 3.63 9.93 -24.40
C TYR B 87 3.80 11.45 -24.62
N LYS B 88 2.78 12.24 -24.38
CA LYS B 88 2.91 13.68 -24.51
C LYS B 88 3.15 14.34 -23.16
N GLY B 89 2.75 13.67 -22.09
CA GLY B 89 2.98 14.17 -20.74
C GLY B 89 2.29 13.34 -19.66
N PHE B 90 2.84 13.36 -18.43
CA PHE B 90 2.23 12.66 -17.30
C PHE B 90 2.93 13.17 -16.04
N GLU B 91 2.29 12.93 -14.92
CA GLU B 91 2.83 13.31 -13.64
C GLU B 91 2.85 12.09 -12.73
N PHE B 92 3.75 12.14 -11.75
CA PHE B 92 3.78 11.13 -10.70
C PHE B 92 4.35 11.75 -9.42
N ILE B 93 4.22 11.00 -8.34
CA ILE B 93 4.87 11.30 -7.07
C ILE B 93 5.85 10.15 -6.82
N VAL B 94 7.07 10.50 -6.42
CA VAL B 94 8.07 9.54 -5.96
C VAL B 94 8.62 10.09 -4.65
N ASN B 95 8.77 9.23 -3.67
CA ASN B 95 9.33 9.62 -2.40
C ASN B 95 10.73 9.01 -2.19
N THR B 96 11.37 9.49 -1.10
CA THR B 96 12.67 8.97 -0.71
C THR B 96 12.67 8.63 0.78
N GLN B 97 13.64 7.80 1.18
CA GLN B 97 13.94 7.60 2.60
C GLN B 97 15.29 8.34 2.80
N GLY B 98 15.87 8.32 3.98
CA GLY B 98 17.13 9.01 4.25
C GLY B 98 17.78 8.45 5.52
N GLY B 99 18.64 9.23 6.18
CA GLY B 99 19.31 8.84 7.43
C GLY B 99 19.98 7.48 7.25
N LYS B 100 19.81 6.60 8.22
CA LYS B 100 20.58 5.37 8.27
C LYS B 100 20.03 4.26 7.36
N ASN B 101 18.95 4.57 6.64
CA ASN B 101 18.45 3.72 5.58
C ASN B 101 19.51 3.39 4.54
N LEU B 102 20.52 4.26 4.42
CA LEU B 102 21.65 4.06 3.53
C LEU B 102 22.49 2.84 4.01
N PHE B 103 22.43 2.52 5.33
CA PHE B 103 23.38 1.62 5.94
C PHE B 103 22.83 0.19 6.08
N ILE B 104 21.66 -0.14 5.51
CA ILE B 104 21.12 -1.45 5.88
C ILE B 104 21.19 -2.46 4.73
N TYR B 105 21.83 -2.14 3.58
CA TYR B 105 21.74 -3.11 2.46
C TYR B 105 23.11 -3.72 2.13
N GLY B 106 24.02 -3.65 3.09
CA GLY B 106 25.33 -4.25 2.88
C GLY B 106 26.25 -3.42 1.95
N ILE B 107 26.05 -2.11 1.68
CA ILE B 107 27.03 -1.38 0.85
C ILE B 107 28.06 -0.84 1.81
N PRO B 108 29.39 -1.20 1.71
CA PRO B 108 30.35 -0.80 2.74
C PRO B 108 30.77 0.67 2.56
N THR B 109 29.83 1.61 2.76
CA THR B 109 30.13 3.02 2.60
C THR B 109 30.74 3.60 3.89
N THR B 110 31.67 4.59 3.71
CA THR B 110 32.25 5.26 4.87
C THR B 110 31.46 6.51 5.25
N VAL B 111 30.35 6.85 4.55
CA VAL B 111 29.56 8.03 4.87
C VAL B 111 29.21 8.05 6.36
N LYS B 112 29.54 9.20 6.94
CA LYS B 112 29.42 9.51 8.33
C LYS B 112 28.07 10.14 8.61
N GLU B 113 27.66 11.21 7.90
CA GLU B 113 26.38 11.85 8.22
C GLU B 113 25.49 11.84 6.98
N PRO B 114 24.65 10.80 6.74
CA PRO B 114 23.87 10.74 5.49
C PRO B 114 22.79 11.83 5.45
N GLY B 115 22.42 12.33 4.27
CA GLY B 115 21.30 13.24 4.10
C GLY B 115 20.05 12.72 4.80
N GLU B 116 19.29 13.65 5.39
CA GLU B 116 18.08 13.34 6.13
C GLU B 116 17.02 12.64 5.26
N GLY B 117 16.80 13.06 3.98
CA GLY B 117 15.83 12.36 3.14
C GLY B 117 14.35 12.58 3.51
N PHE B 118 13.52 11.56 3.30
CA PHE B 118 12.06 11.64 3.44
C PHE B 118 11.44 12.76 2.57
N ASN B 119 11.91 12.86 1.30
CA ASN B 119 11.36 13.82 0.37
C ASN B 119 10.16 13.20 -0.34
N ILE B 120 9.26 14.04 -0.83
CA ILE B 120 8.10 13.58 -1.58
C ILE B 120 8.01 14.49 -2.80
N TYR B 121 8.41 13.98 -3.97
CA TYR B 121 8.64 14.79 -5.15
C TYR B 121 7.53 14.57 -6.15
N ARG B 122 7.05 15.68 -6.72
CA ARG B 122 6.15 15.67 -7.84
C ARG B 122 7.00 15.85 -9.11
N VAL B 123 6.85 14.91 -10.06
CA VAL B 123 7.69 14.99 -11.27
C VAL B 123 6.75 14.97 -12.46
N ARG B 124 7.01 15.81 -13.45
CA ARG B 124 6.22 15.82 -14.64
C ARG B 124 7.12 15.43 -15.82
N TYR B 125 6.63 14.50 -16.63
CA TYR B 125 7.22 14.26 -17.93
C TYR B 125 6.51 15.17 -18.92
N ASP B 126 7.29 15.84 -19.78
CA ASP B 126 6.66 16.82 -20.67
C ASP B 126 6.75 16.34 -22.11
N GLY B 127 6.99 15.06 -22.35
CA GLY B 127 7.15 14.66 -23.74
C GLY B 127 8.61 14.59 -24.17
N THR B 128 9.53 15.20 -23.43
CA THR B 128 10.95 15.14 -23.79
C THR B 128 11.73 14.68 -22.55
N LYS B 129 11.38 15.23 -21.39
CA LYS B 129 12.19 15.12 -20.20
C LYS B 129 11.32 15.15 -18.95
N PHE B 130 11.92 14.76 -17.81
CA PHE B 130 11.26 14.96 -16.50
C PHE B 130 11.59 16.35 -15.98
N ASN B 131 10.63 16.91 -15.24
CA ASN B 131 10.74 18.20 -14.60
C ASN B 131 10.43 17.96 -13.14
N LEU B 132 11.37 18.33 -12.27
CA LEU B 132 11.11 18.27 -10.83
C LEU B 132 10.20 19.44 -10.42
N VAL B 133 8.90 19.19 -10.24
CA VAL B 133 7.97 20.30 -9.99
C VAL B 133 8.06 20.79 -8.55
N SER B 134 8.05 19.87 -7.57
CA SER B 134 7.99 20.40 -6.20
C SER B 134 8.31 19.27 -5.24
N ASN B 135 8.64 19.71 -4.03
CA ASN B 135 8.91 18.82 -2.91
C ASN B 135 7.77 18.99 -1.92
N ILE B 136 6.83 18.06 -2.03
CA ILE B 136 5.61 18.13 -1.25
C ILE B 136 5.87 17.94 0.25
N ALA B 137 6.95 17.19 0.57
CA ALA B 137 7.32 16.99 1.99
C ALA B 137 7.76 18.35 2.53
N GLU B 138 8.53 19.10 1.74
CA GLU B 138 8.98 20.41 2.21
C GLU B 138 7.81 21.35 2.41
N LYS B 139 6.87 21.34 1.44
CA LYS B 139 5.79 22.28 1.50
C LYS B 139 4.90 21.94 2.69
N THR B 140 4.64 20.65 2.96
CA THR B 140 3.63 20.31 3.93
C THR B 140 4.21 20.06 5.33
N GLY B 141 5.50 19.68 5.37
CA GLY B 141 6.16 19.30 6.58
C GLY B 141 6.02 17.80 6.86
N LEU B 142 5.41 16.98 5.97
CA LEU B 142 5.33 15.56 6.33
C LEU B 142 6.37 14.77 5.55
N GLY B 143 7.45 14.31 6.19
CA GLY B 143 8.41 13.48 5.46
C GLY B 143 8.07 11.99 5.61
N LEU B 144 7.57 11.31 4.55
CA LEU B 144 7.00 9.97 4.71
C LEU B 144 7.65 9.12 3.61
N GLY B 145 8.21 7.97 3.98
CA GLY B 145 9.16 7.29 3.10
C GLY B 145 8.74 5.92 2.58
N VAL B 146 7.48 5.47 2.85
CA VAL B 146 7.12 4.13 2.36
C VAL B 146 6.10 4.29 1.22
N HIS B 147 4.98 3.54 1.20
CA HIS B 147 4.23 3.49 -0.05
C HIS B 147 3.54 4.80 -0.41
N VAL B 148 3.53 5.05 -1.74
CA VAL B 148 2.74 6.10 -2.34
C VAL B 148 1.60 5.46 -3.12
N THR B 149 0.37 5.97 -2.92
CA THR B 149 -0.71 5.41 -3.69
C THR B 149 -1.60 6.56 -4.16
N ALA B 150 -2.02 6.47 -5.43
CA ALA B 150 -2.95 7.43 -6.03
C ALA B 150 -4.35 7.08 -5.55
N THR B 151 -5.21 8.09 -5.30
CA THR B 151 -6.60 7.87 -4.96
C THR B 151 -7.34 7.40 -6.23
N PRO B 152 -8.49 6.72 -6.12
CA PRO B 152 -9.13 6.20 -7.34
C PRO B 152 -9.62 7.24 -8.36
N ASP B 153 -9.94 8.48 -7.93
CA ASP B 153 -10.21 9.52 -8.93
C ASP B 153 -8.91 10.14 -9.52
N GLY B 154 -7.72 9.65 -9.08
CA GLY B 154 -6.49 10.23 -9.65
C GLY B 154 -6.19 11.68 -9.25
N LYS B 155 -6.92 12.26 -8.27
CA LYS B 155 -6.72 13.66 -7.94
C LYS B 155 -6.04 13.88 -6.59
N GLY B 156 -5.80 12.78 -5.84
CA GLY B 156 -4.97 12.88 -4.61
C GLY B 156 -4.07 11.65 -4.51
N PHE B 157 -3.29 11.57 -3.40
CA PHE B 157 -2.40 10.43 -3.17
C PHE B 157 -2.13 10.28 -1.66
N ALA B 158 -1.93 9.04 -1.19
CA ALA B 158 -1.50 8.84 0.18
C ALA B 158 -0.02 8.41 0.20
N VAL B 159 0.65 8.76 1.31
CA VAL B 159 1.98 8.26 1.60
C VAL B 159 1.97 7.79 3.07
N ALA B 160 2.54 6.64 3.32
CA ALA B 160 2.64 6.10 4.67
C ALA B 160 4.12 5.94 5.05
N ASP B 161 4.43 5.85 6.34
CA ASP B 161 5.84 5.65 6.75
C ASP B 161 5.93 4.69 7.94
N GLY B 162 6.81 3.69 7.81
CA GLY B 162 6.92 2.57 8.73
C GLY B 162 7.97 2.80 9.82
N GLN B 163 8.62 3.96 9.84
CA GLN B 163 9.56 4.28 10.93
C GLN B 163 8.88 5.28 11.85
N LYS B 164 8.02 6.13 11.24
CA LYS B 164 7.29 7.17 11.95
C LYS B 164 5.91 6.67 12.34
N ASP B 165 5.37 5.70 11.57
CA ASP B 165 3.98 5.25 11.73
C ASP B 165 3.03 6.45 11.61
N ILE B 166 3.20 7.17 10.51
CA ILE B 166 2.29 8.22 10.12
C ILE B 166 1.85 7.95 8.69
N PHE B 167 0.56 8.27 8.40
CA PHE B 167 0.19 8.34 6.98
C PHE B 167 -0.65 9.59 6.77
N ALA B 168 -0.74 10.03 5.50
CA ALA B 168 -1.48 11.20 5.10
C ALA B 168 -2.06 11.01 3.71
N GLU B 169 -3.28 11.56 3.47
CA GLU B 169 -3.76 11.68 2.10
C GLU B 169 -3.62 13.16 1.73
N PHE B 170 -3.21 13.39 0.45
CA PHE B 170 -2.82 14.71 -0.04
C PHE B 170 -3.67 15.04 -1.26
N ASP B 171 -3.95 16.32 -1.42
CA ASP B 171 -4.66 16.83 -2.58
C ASP B 171 -3.60 17.20 -3.61
N LEU B 172 -3.68 16.69 -4.84
CA LEU B 172 -2.58 16.96 -5.73
C LEU B 172 -2.64 18.44 -6.17
N ALA B 173 -3.81 18.94 -6.60
CA ALA B 173 -3.87 20.30 -7.16
C ALA B 173 -3.24 21.31 -6.20
N THR B 174 -3.69 21.31 -4.93
CA THR B 174 -3.20 22.32 -3.98
C THR B 174 -2.01 21.85 -3.13
N GLU B 175 -1.51 20.60 -3.38
CA GLU B 175 -0.31 20.13 -2.69
C GLU B 175 -0.49 20.22 -1.17
N SER B 176 -1.67 19.83 -0.67
CA SER B 176 -1.90 20.03 0.75
C SER B 176 -2.37 18.75 1.41
N VAL B 177 -2.41 18.77 2.73
CA VAL B 177 -2.76 17.58 3.49
C VAL B 177 -4.27 17.53 3.68
N ARG B 178 -4.92 16.43 3.30
CA ARG B 178 -6.34 16.22 3.57
C ARG B 178 -6.51 15.69 4.98
N THR B 179 -5.62 14.79 5.38
CA THR B 179 -5.67 14.16 6.69
C THR B 179 -4.31 13.57 6.98
N ALA B 180 -3.99 13.47 8.28
CA ALA B 180 -2.78 12.79 8.71
C ALA B 180 -3.07 12.09 10.02
N PHE B 181 -2.54 10.86 10.19
CA PHE B 181 -2.77 10.11 11.44
C PHE B 181 -1.47 9.50 11.95
N LEU B 182 -1.35 9.39 13.27
CA LEU B 182 -0.25 8.64 13.88
C LEU B 182 -0.87 7.36 14.43
N VAL B 183 -0.17 6.22 14.29
CA VAL B 183 -0.62 4.97 14.91
C VAL B 183 0.48 4.53 15.88
N ASP B 184 0.08 4.17 17.12
CA ASP B 184 1.02 3.79 18.17
C ASP B 184 0.68 2.40 18.70
N TRP B 185 1.72 1.65 19.14
CA TRP B 185 1.57 0.41 19.88
C TRP B 185 1.93 0.57 21.39
N LYS B 186 1.01 0.16 22.29
CA LYS B 186 1.38 0.00 23.71
C LYS B 186 1.34 -1.51 24.00
N PRO B 187 2.53 -2.17 24.16
CA PRO B 187 2.57 -3.63 24.27
C PRO B 187 2.07 -4.07 25.63
N ASN B 188 1.40 -5.24 25.68
CA ASN B 188 0.96 -5.86 26.92
C ASN B 188 2.20 -6.26 27.73
N ASN B 189 3.21 -6.75 27.02
CA ASN B 189 4.45 -7.17 27.64
C ASN B 189 5.52 -6.24 27.09
N SER B 190 6.19 -5.42 27.94
CA SER B 190 7.11 -4.46 27.34
C SER B 190 8.45 -5.09 26.96
N ASP B 191 8.69 -6.37 27.34
CA ASP B 191 9.80 -7.10 26.77
C ASP B 191 9.72 -7.13 25.22
N LEU B 192 10.80 -6.63 24.60
CA LEU B 192 10.91 -6.39 23.17
C LEU B 192 10.65 -7.68 22.40
N LYS B 193 11.09 -8.84 22.91
CA LYS B 193 10.83 -10.08 22.18
C LYS B 193 9.33 -10.42 22.13
N ARG B 194 8.57 -9.92 23.11
CA ARG B 194 7.20 -10.33 23.40
C ARG B 194 6.21 -9.19 23.15
N ALA B 195 6.72 -8.03 22.66
CA ALA B 195 5.96 -6.78 22.65
C ALA B 195 4.81 -6.83 21.63
N TRP B 196 4.92 -7.71 20.62
CA TRP B 196 3.83 -7.95 19.71
C TRP B 196 3.20 -9.31 20.00
N LEU B 197 3.97 -10.40 20.12
CA LEU B 197 3.37 -11.73 20.28
C LEU B 197 2.31 -11.73 21.37
N GLU B 198 2.58 -11.08 22.53
CA GLU B 198 1.59 -11.13 23.59
C GLU B 198 0.58 -9.97 23.55
N GLY B 199 0.52 -9.26 22.43
CA GLY B 199 -0.57 -8.36 22.14
C GLY B 199 -0.31 -6.95 22.71
N GLY B 200 -1.40 -6.14 22.63
CA GLY B 200 -1.23 -4.72 22.91
C GLY B 200 -2.45 -3.92 22.52
N THR B 201 -2.26 -2.61 22.67
CA THR B 201 -3.29 -1.66 22.27
C THR B 201 -2.68 -0.78 21.18
N MET B 202 -3.40 -0.73 20.05
CA MET B 202 -3.01 0.14 18.96
C MET B 202 -3.82 1.43 19.05
N THR B 203 -3.17 2.60 19.21
CA THR B 203 -3.88 3.88 19.26
C THR B 203 -3.76 4.63 17.93
N ILE B 204 -4.88 5.12 17.39
CA ILE B 204 -4.89 5.89 16.14
C ILE B 204 -5.23 7.33 16.47
N THR B 205 -4.41 8.29 16.07
CA THR B 205 -4.67 9.71 16.40
C THR B 205 -4.66 10.56 15.14
N ARG B 206 -5.71 11.37 14.97
CA ARG B 206 -5.76 12.34 13.87
C ARG B 206 -4.77 13.44 14.19
N LEU B 207 -3.81 13.72 13.29
CA LEU B 207 -2.78 14.71 13.64
C LEU B 207 -3.20 16.07 13.17
N LYS B 208 -2.69 17.10 13.86
CA LYS B 208 -2.97 18.47 13.47
C LYS B 208 -1.60 19.12 13.27
N PRO B 209 -1.45 20.06 12.31
CA PRO B 209 -0.17 20.73 12.12
C PRO B 209 0.29 21.53 13.36
N THR B 210 1.62 21.57 13.62
CA THR B 210 2.13 22.20 14.83
C THR B 210 3.11 23.34 14.50
N LEU B 211 3.37 23.59 13.20
CA LEU B 211 4.19 24.74 12.83
C LEU B 211 3.34 25.79 12.14
N PRO B 212 3.75 27.10 12.10
CA PRO B 212 2.90 28.15 11.52
C PRO B 212 2.71 27.82 10.03
N GLY B 213 1.61 28.30 9.47
CA GLY B 213 1.38 28.13 8.05
C GLY B 213 0.67 26.79 7.75
N GLY B 214 0.18 26.12 8.78
CA GLY B 214 -0.49 24.82 8.69
C GLY B 214 0.49 23.71 8.34
N LYS B 215 1.79 23.88 8.61
CA LYS B 215 2.84 22.93 8.35
C LYS B 215 2.93 21.91 9.49
N TYR B 216 3.23 20.66 9.15
CA TYR B 216 3.59 19.63 10.12
C TYR B 216 5.08 19.69 10.42
N ASP B 217 5.52 19.06 11.51
CA ASP B 217 6.89 19.08 11.99
C ASP B 217 7.52 17.69 11.84
N TYR B 218 7.55 17.18 10.59
CA TYR B 218 7.99 15.80 10.38
C TYR B 218 8.90 15.68 9.16
N THR B 219 9.60 16.76 8.83
CA THR B 219 10.66 16.88 7.81
C THR B 219 11.85 15.99 8.15
N GLY B 220 12.44 15.33 7.13
CA GLY B 220 13.67 14.56 7.40
C GLY B 220 13.43 13.44 8.41
N THR B 221 14.32 13.28 9.43
CA THR B 221 14.27 12.05 10.23
C THR B 221 13.32 12.15 11.41
N LYS B 222 12.89 13.42 11.66
CA LYS B 222 11.96 13.76 12.73
C LYS B 222 10.69 12.88 12.73
N GLY B 223 10.40 12.37 13.93
CA GLY B 223 9.28 11.51 14.22
C GLY B 223 9.65 10.04 14.23
N CYS B 224 10.90 9.70 13.86
CA CYS B 224 11.27 8.29 13.72
C CYS B 224 11.25 7.59 15.10
N LYS B 225 10.59 6.42 15.20
CA LYS B 225 10.58 5.58 16.37
C LYS B 225 11.78 4.65 16.34
N ILE B 226 12.16 4.24 15.11
CA ILE B 226 13.29 3.37 14.80
C ILE B 226 14.12 4.04 13.70
N ASP B 227 15.39 3.64 13.59
CA ASP B 227 16.36 4.52 12.90
C ASP B 227 16.52 4.12 11.43
N TRP B 228 15.92 3.02 11.02
CA TRP B 228 15.78 2.68 9.60
C TRP B 228 14.55 1.80 9.46
N GLU B 229 14.10 1.60 8.22
CA GLU B 229 12.90 0.83 7.92
C GLU B 229 13.15 -0.65 8.22
N LEU B 230 12.06 -1.38 8.49
CA LEU B 230 12.14 -2.84 8.62
C LEU B 230 12.27 -3.35 7.17
N VAL B 231 13.37 -4.01 6.81
CA VAL B 231 13.65 -4.29 5.40
C VAL B 231 12.74 -5.40 4.85
N PRO B 232 12.63 -5.53 3.49
CA PRO B 232 11.92 -6.69 2.89
C PRO B 232 12.24 -7.98 3.66
N GLY B 233 11.24 -8.71 4.15
CA GLY B 233 11.55 -9.95 4.86
C GLY B 233 11.93 -9.77 6.33
N GLY B 234 11.97 -8.53 6.82
CA GLY B 234 12.72 -8.23 8.04
C GLY B 234 11.82 -7.83 9.21
N GLU B 235 10.51 -8.10 9.09
CA GLU B 235 9.55 -7.65 10.10
C GLU B 235 10.02 -7.94 11.53
N LEU B 236 10.58 -9.15 11.74
CA LEU B 236 10.90 -9.55 13.11
C LEU B 236 12.23 -8.98 13.58
N PHE B 237 13.05 -8.28 12.74
CA PHE B 237 14.39 -7.85 13.21
C PHE B 237 14.26 -6.94 14.44
N LEU B 238 13.15 -6.20 14.49
CA LEU B 238 12.83 -5.30 15.61
C LEU B 238 12.74 -6.07 16.93
N GLU B 239 11.91 -7.11 16.95
CA GLU B 239 11.71 -7.89 18.17
C GLU B 239 13.00 -8.59 18.53
N GLU B 240 13.80 -8.97 17.51
CA GLU B 240 15.01 -9.76 17.76
C GLU B 240 16.13 -8.84 18.26
N GLY B 241 15.86 -7.52 18.33
CA GLY B 241 16.78 -6.58 18.95
C GLY B 241 17.76 -6.04 17.92
N LYS B 242 17.44 -6.11 16.63
CA LYS B 242 18.38 -5.76 15.56
C LYS B 242 18.13 -4.33 15.03
N VAL B 243 17.27 -3.52 15.65
CA VAL B 243 17.00 -2.22 15.05
C VAL B 243 17.12 -1.19 16.18
N THR B 244 17.92 -0.15 15.99
CA THR B 244 18.04 0.86 17.01
C THR B 244 16.86 1.83 16.94
N GLY B 245 16.61 2.56 18.04
CA GLY B 245 15.55 3.56 18.03
C GLY B 245 15.14 3.88 19.45
N THR B 246 14.47 5.03 19.60
CA THR B 246 14.01 5.50 20.89
C THR B 246 12.63 4.94 21.23
N ARG B 247 11.87 4.36 20.27
CA ARG B 247 10.54 3.95 20.68
C ARG B 247 10.22 2.61 20.04
N GLN B 248 11.13 1.66 20.21
CA GLN B 248 11.14 0.41 19.45
C GLN B 248 9.89 -0.42 19.71
N THR B 249 9.45 -0.50 20.97
CA THR B 249 8.29 -1.31 21.35
C THR B 249 6.99 -0.54 21.03
N ASN B 250 7.07 0.73 20.53
CA ASN B 250 5.84 1.43 20.17
C ASN B 250 5.51 1.36 18.66
N VAL B 251 6.34 0.67 17.88
CA VAL B 251 6.26 0.63 16.44
C VAL B 251 5.09 -0.25 16.00
N VAL B 252 4.39 0.12 14.90
CA VAL B 252 3.47 -0.80 14.23
C VAL B 252 3.95 -1.09 12.80
N ALA B 253 4.84 -0.23 12.25
CA ALA B 253 5.38 -0.33 10.91
C ALA B 253 4.23 -0.17 9.90
N LEU B 254 3.63 1.00 9.89
CA LEU B 254 2.68 1.33 8.83
C LEU B 254 3.39 1.12 7.51
N ASP B 255 2.65 0.68 6.49
CA ASP B 255 3.26 0.37 5.20
C ASP B 255 2.57 1.19 4.09
N ALA B 256 1.27 1.01 3.93
CA ALA B 256 0.55 1.59 2.77
C ALA B 256 -0.86 1.93 3.16
N PHE B 257 -1.43 2.91 2.45
CA PHE B 257 -2.85 3.07 2.48
C PHE B 257 -3.35 2.74 1.05
N VAL B 258 -3.98 1.59 0.92
CA VAL B 258 -4.50 1.18 -0.39
C VAL B 258 -6.01 1.46 -0.51
N TYR B 259 -6.52 1.65 -1.73
CA TYR B 259 -7.84 2.27 -1.90
C TYR B 259 -8.82 1.24 -2.41
N ASP B 260 -10.02 1.25 -1.81
CA ASP B 260 -11.13 0.52 -2.41
C ASP B 260 -11.42 1.20 -3.75
N PRO B 261 -11.38 0.47 -4.89
CA PRO B 261 -11.68 1.09 -6.19
C PRO B 261 -13.11 1.61 -6.33
N ARG B 262 -14.05 1.16 -5.48
CA ARG B 262 -15.45 1.63 -5.51
C ARG B 262 -15.55 2.97 -4.77
N GLY B 263 -14.45 3.36 -4.08
CA GLY B 263 -14.47 4.66 -3.44
C GLY B 263 -14.80 4.54 -1.96
N ARG B 264 -14.72 5.64 -1.25
CA ARG B 264 -15.11 5.76 0.15
C ARG B 264 -14.10 5.18 1.15
N TRP B 265 -13.63 3.94 0.95
CA TRP B 265 -12.76 3.29 1.95
C TRP B 265 -11.30 3.23 1.54
N GLY B 266 -10.42 3.25 2.55
CA GLY B 266 -9.02 2.95 2.37
C GLY B 266 -8.56 1.97 3.46
N ALA B 267 -7.51 1.18 3.19
CA ALA B 267 -6.99 0.18 4.13
C ALA B 267 -5.55 0.57 4.48
N LEU B 268 -5.32 0.86 5.78
CA LEU B 268 -3.97 1.15 6.26
C LEU B 268 -3.31 -0.10 6.81
N SER B 269 -2.27 -0.62 6.10
CA SER B 269 -1.58 -1.82 6.59
C SER B 269 -0.57 -1.45 7.67
N ALA B 270 -0.59 -2.21 8.76
CA ALA B 270 0.31 -2.06 9.90
C ALA B 270 1.01 -3.43 10.02
N ARG B 271 2.33 -3.48 9.73
CA ARG B 271 2.97 -4.76 9.50
C ARG B 271 3.14 -5.57 10.80
N LEU B 272 3.49 -4.90 11.92
CA LEU B 272 3.85 -5.67 13.10
C LEU B 272 2.65 -6.33 13.79
N PRO B 273 1.50 -5.62 13.96
CA PRO B 273 0.30 -6.30 14.44
C PRO B 273 -0.43 -7.09 13.35
N GLY B 274 0.01 -7.03 12.07
CA GLY B 274 -0.70 -7.82 11.08
C GLY B 274 -2.19 -7.40 10.94
N VAL B 275 -2.42 -6.07 10.82
CA VAL B 275 -3.77 -5.52 10.82
C VAL B 275 -3.84 -4.54 9.64
N ALA B 276 -4.97 -4.56 8.94
CA ALA B 276 -5.32 -3.49 7.98
C ALA B 276 -6.45 -2.70 8.56
N ILE B 277 -6.19 -1.46 8.95
CA ILE B 277 -7.25 -0.60 9.52
C ILE B 277 -8.03 0.06 8.37
N ILE B 278 -9.35 -0.18 8.28
CA ILE B 278 -10.21 0.45 7.27
C ILE B 278 -10.60 1.86 7.73
N PHE B 279 -10.36 2.85 6.87
CA PHE B 279 -10.80 4.21 7.17
C PHE B 279 -11.90 4.65 6.20
N ASP B 280 -12.85 5.40 6.76
CA ASP B 280 -13.84 6.12 6.02
C ASP B 280 -13.18 7.43 5.60
N ARG B 281 -13.02 7.61 4.26
CA ARG B 281 -12.33 8.78 3.73
C ARG B 281 -13.23 10.02 3.73
N GLN B 282 -14.55 9.81 3.92
CA GLN B 282 -15.50 10.90 3.92
C GLN B 282 -15.38 11.69 5.22
N ASP B 283 -15.46 10.98 6.36
CA ASP B 283 -15.32 11.69 7.63
C ASP B 283 -13.94 11.48 8.25
N TRP B 284 -13.06 10.69 7.62
CA TRP B 284 -11.72 10.47 8.18
C TRP B 284 -11.78 9.86 9.56
N GLU B 285 -12.38 8.66 9.64
CA GLU B 285 -12.35 7.91 10.87
C GLU B 285 -12.12 6.45 10.54
N PRO B 286 -11.33 5.75 11.39
CA PRO B 286 -11.13 4.30 11.25
C PRO B 286 -12.43 3.61 11.64
N VAL B 287 -12.84 2.60 10.90
CA VAL B 287 -14.12 1.96 11.11
C VAL B 287 -13.97 0.52 11.58
N VAL B 288 -12.91 -0.22 11.19
CA VAL B 288 -12.84 -1.62 11.53
C VAL B 288 -11.42 -2.03 11.28
N ALA B 289 -10.95 -3.12 11.92
CA ALA B 289 -9.56 -3.47 11.79
C ALA B 289 -9.50 -4.90 11.31
N LEU B 290 -9.07 -5.16 10.05
CA LEU B 290 -8.92 -6.53 9.63
C LEU B 290 -7.65 -7.16 10.23
N VAL B 291 -7.78 -8.42 10.70
CA VAL B 291 -6.68 -9.15 11.31
C VAL B 291 -6.16 -10.18 10.32
N GLY B 292 -4.90 -10.10 9.95
CA GLY B 292 -4.29 -10.93 8.93
C GLY B 292 -4.37 -12.44 9.23
N ALA B 293 -3.89 -12.84 10.43
CA ALA B 293 -3.46 -14.22 10.67
C ALA B 293 -4.56 -15.25 10.39
N LYS B 294 -4.20 -16.31 9.67
CA LYS B 294 -5.08 -17.45 9.55
C LYS B 294 -5.43 -17.98 10.93
N GLY B 295 -6.73 -18.30 11.13
CA GLY B 295 -7.13 -18.86 12.40
C GLY B 295 -7.50 -17.77 13.43
N GLU B 296 -7.25 -16.48 13.17
CA GLU B 296 -7.73 -15.39 14.02
C GLU B 296 -9.04 -14.83 13.48
N PRO B 297 -9.81 -13.97 14.21
CA PRO B 297 -11.03 -13.42 13.64
C PRO B 297 -10.75 -12.59 12.38
N SER B 298 -11.80 -12.42 11.56
CA SER B 298 -11.85 -11.52 10.43
C SER B 298 -11.41 -10.14 10.83
N SER B 299 -11.84 -9.65 12.02
CA SER B 299 -11.66 -8.25 12.34
C SER B 299 -11.86 -8.01 13.82
N LEU B 300 -11.39 -6.84 14.25
CA LEU B 300 -11.60 -6.38 15.62
C LEU B 300 -12.22 -5.01 15.51
N PRO B 301 -13.05 -4.64 16.53
CA PRO B 301 -13.71 -3.33 16.48
C PRO B 301 -12.70 -2.22 16.76
N VAL B 302 -13.06 -1.02 16.29
CA VAL B 302 -12.31 0.17 16.62
C VAL B 302 -13.15 1.00 17.60
N LYS B 303 -12.59 1.37 18.75
CA LYS B 303 -13.37 2.05 19.78
C LYS B 303 -12.88 3.51 19.81
N LYS B 304 -13.81 4.49 19.78
CA LYS B 304 -13.37 5.87 19.84
C LYS B 304 -13.17 6.24 21.30
N VAL B 305 -12.03 6.85 21.65
CA VAL B 305 -11.78 7.12 23.07
C VAL B 305 -11.60 8.61 23.31
N ALA B 306 -11.44 9.42 22.26
CA ALA B 306 -11.42 10.89 22.37
C ALA B 306 -11.86 11.45 21.04
N SER B 307 -12.01 12.78 20.93
CA SER B 307 -12.50 13.37 19.67
C SER B 307 -11.66 12.99 18.44
N ASP B 308 -10.40 12.65 18.67
CA ASP B 308 -9.45 12.49 17.58
C ASP B 308 -8.65 11.18 17.77
N THR B 309 -9.13 10.25 18.64
CA THR B 309 -8.35 9.09 19.06
C THR B 309 -9.21 7.82 19.14
N TRP B 310 -8.73 6.75 18.50
CA TRP B 310 -9.41 5.46 18.55
C TRP B 310 -8.43 4.43 19.05
N GLU B 311 -8.93 3.25 19.50
CA GLU B 311 -8.09 2.14 19.95
C GLU B 311 -8.59 0.84 19.37
N ILE B 312 -7.68 -0.09 19.15
CA ILE B 312 -7.96 -1.48 18.83
C ILE B 312 -7.16 -2.30 19.87
N LYS B 313 -7.80 -3.28 20.52
CA LYS B 313 -7.18 -4.16 21.50
C LYS B 313 -6.87 -5.52 20.90
N MET B 314 -5.61 -5.95 21.07
CA MET B 314 -5.25 -7.27 20.60
C MET B 314 -4.64 -8.06 21.75
N ASP B 315 -5.26 -9.22 21.97
CA ASP B 315 -4.81 -10.16 22.98
C ASP B 315 -3.49 -10.79 22.60
N LYS B 316 -3.23 -10.85 21.29
CA LYS B 316 -2.07 -11.51 20.77
C LYS B 316 -1.87 -11.06 19.33
N VAL B 317 -0.66 -11.22 18.79
CA VAL B 317 -0.37 -11.10 17.38
C VAL B 317 0.28 -12.41 16.92
N VAL B 318 -0.41 -13.18 16.04
CA VAL B 318 0.08 -14.48 15.59
C VAL B 318 1.25 -14.33 14.61
N THR B 319 1.18 -13.37 13.68
CA THR B 319 2.21 -13.29 12.65
C THR B 319 2.18 -11.86 12.11
N PRO B 320 3.31 -11.28 11.64
CA PRO B 320 3.23 -10.00 10.92
C PRO B 320 2.65 -10.24 9.52
N ALA B 321 2.36 -9.14 8.81
CA ALA B 321 1.74 -9.16 7.47
C ALA B 321 2.32 -7.96 6.72
N HIS B 322 2.37 -7.97 5.40
CA HIS B 322 2.92 -6.80 4.74
C HIS B 322 2.03 -6.31 3.60
N GLN B 323 2.17 -6.96 2.43
CA GLN B 323 1.57 -6.36 1.22
C GLN B 323 0.05 -6.49 1.26
N ALA B 324 -0.63 -5.51 0.66
CA ALA B 324 -2.09 -5.45 0.80
C ALA B 324 -2.75 -4.93 -0.46
N GLY B 325 -3.95 -5.49 -0.79
CA GLY B 325 -4.69 -4.79 -1.85
C GLY B 325 -6.11 -5.25 -2.15
N PHE B 326 -6.86 -4.37 -2.78
CA PHE B 326 -8.17 -4.76 -3.30
C PHE B 326 -8.07 -5.26 -4.74
N SER B 327 -8.92 -6.22 -5.07
CA SER B 327 -9.24 -6.62 -6.44
C SER B 327 -9.84 -5.46 -7.20
N PRO B 328 -9.74 -5.44 -8.56
CA PRO B 328 -10.28 -4.33 -9.34
C PRO B 328 -11.75 -3.96 -9.07
N ASP B 329 -12.65 -4.96 -8.82
CA ASP B 329 -14.06 -4.68 -8.60
C ASP B 329 -14.31 -4.31 -7.13
N GLY B 330 -13.30 -4.30 -6.27
CA GLY B 330 -13.55 -3.93 -4.90
C GLY B 330 -14.07 -5.07 -3.98
N LYS B 331 -14.36 -6.26 -4.56
CA LYS B 331 -15.12 -7.30 -3.84
C LYS B 331 -14.25 -8.27 -3.03
N ASN B 332 -12.92 -8.19 -3.19
CA ASN B 332 -11.95 -8.99 -2.42
C ASN B 332 -10.88 -8.05 -1.89
N PHE B 333 -10.40 -8.35 -0.68
CA PHE B 333 -9.22 -7.68 -0.15
C PHE B 333 -8.23 -8.76 0.27
N LEU B 334 -6.97 -8.50 -0.02
CA LEU B 334 -5.91 -9.46 0.20
C LEU B 334 -4.87 -8.80 1.14
N PHE B 335 -4.37 -9.61 2.06
CA PHE B 335 -3.31 -9.20 2.98
C PHE B 335 -2.37 -10.40 3.10
N MET B 336 -1.06 -10.16 2.86
CA MET B 336 -0.07 -11.24 2.86
C MET B 336 0.51 -11.38 4.26
N ASN B 337 0.09 -12.42 4.98
CA ASN B 337 0.79 -12.85 6.19
C ASN B 337 2.21 -13.29 5.79
N GLY B 338 3.20 -12.96 6.64
CA GLY B 338 4.60 -13.23 6.40
C GLY B 338 5.37 -13.68 7.65
N VAL B 339 6.42 -14.48 7.37
CA VAL B 339 7.38 -15.02 8.32
C VAL B 339 6.78 -16.08 9.23
N ARG B 340 6.01 -15.70 10.26
CA ARG B 340 5.34 -16.72 11.09
C ARG B 340 4.27 -17.54 10.37
N GLN B 341 3.57 -16.92 9.39
CA GLN B 341 2.77 -17.63 8.38
C GLN B 341 3.12 -16.94 7.06
N ASN B 342 3.15 -17.70 5.95
CA ASN B 342 3.39 -17.21 4.58
C ASN B 342 2.17 -17.68 3.79
N ASN B 343 1.20 -16.75 3.65
CA ASN B 343 -0.04 -17.09 2.97
C ASN B 343 -0.66 -15.82 2.35
N ILE B 344 -1.71 -16.00 1.55
CA ILE B 344 -2.54 -14.86 1.10
C ILE B 344 -3.91 -14.93 1.77
N MET B 345 -4.22 -13.93 2.62
CA MET B 345 -5.49 -13.99 3.31
C MET B 345 -6.53 -13.17 2.50
N VAL B 346 -7.73 -13.75 2.30
CA VAL B 346 -8.70 -13.11 1.42
C VAL B 346 -9.98 -12.84 2.18
N TRP B 347 -10.44 -11.57 2.14
CA TRP B 347 -11.72 -11.17 2.70
C TRP B 347 -12.73 -10.90 1.59
N ASP B 348 -13.97 -11.28 1.90
CA ASP B 348 -15.08 -10.88 1.06
C ASP B 348 -15.52 -9.46 1.44
N THR B 349 -15.31 -8.54 0.49
CA THR B 349 -15.51 -7.14 0.82
C THR B 349 -16.65 -6.66 -0.09
N SER B 350 -17.50 -7.60 -0.50
CA SER B 350 -18.51 -7.24 -1.51
C SER B 350 -19.56 -6.28 -0.98
N ASN B 351 -19.79 -6.25 0.33
CA ASN B 351 -20.66 -5.25 0.93
C ASN B 351 -19.90 -3.93 1.01
N HIS B 352 -20.10 -3.09 -0.01
CA HIS B 352 -19.55 -1.72 -0.01
C HIS B 352 -20.06 -0.81 1.14
N ALA B 353 -21.22 -1.10 1.70
CA ALA B 353 -21.85 -0.18 2.61
C ALA B 353 -21.29 -0.39 4.00
N ASP B 354 -20.80 -1.61 4.29
CA ASP B 354 -20.52 -1.92 5.69
C ASP B 354 -19.23 -2.77 5.82
N PRO B 355 -18.05 -2.17 6.01
CA PRO B 355 -16.82 -2.94 6.22
C PRO B 355 -16.86 -3.87 7.44
N THR B 356 -17.75 -3.64 8.41
CA THR B 356 -17.80 -4.61 9.51
C THR B 356 -18.49 -5.90 9.02
N LYS B 357 -19.01 -5.94 7.79
CA LYS B 357 -19.44 -7.21 7.25
C LYS B 357 -18.34 -7.97 6.51
N TRP B 358 -17.14 -7.39 6.37
CA TRP B 358 -16.12 -8.03 5.52
C TRP B 358 -15.50 -9.22 6.29
N THR B 359 -15.54 -10.41 5.68
CA THR B 359 -15.18 -11.60 6.44
C THR B 359 -14.19 -12.43 5.62
N LYS B 360 -13.27 -13.11 6.32
CA LYS B 360 -12.30 -13.94 5.66
C LYS B 360 -13.07 -14.97 4.86
N LYS B 361 -12.65 -15.23 3.61
CA LYS B 361 -13.39 -16.24 2.86
C LYS B 361 -12.41 -17.24 2.23
N ALA B 362 -11.09 -16.96 2.14
CA ALA B 362 -10.16 -17.94 1.61
C ALA B 362 -8.78 -17.59 2.07
N VAL B 363 -7.92 -18.62 2.06
CA VAL B 363 -6.53 -18.38 2.39
C VAL B 363 -5.71 -19.22 1.42
N VAL B 364 -4.80 -18.58 0.71
CA VAL B 364 -3.98 -19.31 -0.27
C VAL B 364 -2.72 -19.72 0.47
N GLU B 365 -2.51 -21.04 0.50
CA GLU B 365 -1.38 -21.64 1.20
C GLU B 365 -0.67 -22.59 0.24
N ASP B 366 0.59 -22.92 0.53
CA ASP B 366 1.27 -23.97 -0.22
C ASP B 366 2.27 -24.63 0.72
N PRO B 367 2.41 -25.99 0.65
CA PRO B 367 3.43 -26.65 1.45
C PRO B 367 4.83 -26.04 1.35
N GLY B 368 5.19 -25.44 0.21
CA GLY B 368 6.54 -24.93 0.01
C GLY B 368 6.72 -23.54 0.62
N TRP B 369 5.64 -23.03 1.20
CA TRP B 369 5.73 -21.72 1.85
C TRP B 369 5.79 -21.93 3.36
N ARG B 370 6.14 -23.15 3.84
CA ARG B 370 6.00 -23.48 5.25
C ARG B 370 7.14 -22.89 6.05
N GLY B 371 8.36 -22.75 5.50
CA GLY B 371 9.49 -22.12 6.19
C GLY B 371 9.28 -20.62 6.41
N SER B 372 10.38 -19.90 6.78
CA SER B 372 10.31 -18.45 7.01
C SER B 372 10.04 -17.66 5.72
N TYR B 373 10.56 -18.25 4.63
CA TYR B 373 10.54 -17.72 3.27
C TYR B 373 10.07 -18.86 2.37
N PRO B 374 9.46 -18.58 1.20
CA PRO B 374 9.36 -17.22 0.66
C PRO B 374 8.26 -16.43 1.35
N ASN B 375 8.33 -15.11 1.32
CA ASN B 375 7.17 -14.31 1.67
C ASN B 375 6.34 -13.92 0.43
N THR B 376 5.03 -14.21 0.45
CA THR B 376 4.09 -13.71 -0.52
C THR B 376 4.12 -12.19 -0.41
N PHE B 377 4.23 -11.53 -1.53
CA PHE B 377 4.73 -10.16 -1.50
C PHE B 377 3.80 -9.27 -2.33
N HIS B 378 4.39 -8.42 -3.23
CA HIS B 378 3.65 -7.44 -4.03
C HIS B 378 2.71 -8.16 -4.99
N MET B 379 1.69 -7.45 -5.51
CA MET B 379 0.66 -8.13 -6.31
C MET B 379 0.20 -7.21 -7.44
N VAL B 380 -0.43 -7.83 -8.43
CA VAL B 380 -1.22 -7.08 -9.42
C VAL B 380 -2.29 -8.07 -9.90
N PHE B 381 -3.52 -7.56 -10.07
CA PHE B 381 -4.66 -8.33 -10.60
C PHE B 381 -4.77 -8.14 -12.11
N THR B 382 -5.40 -9.14 -12.77
CA THR B 382 -5.78 -8.90 -14.15
C THR B 382 -6.97 -7.94 -14.11
N PRO B 383 -7.14 -7.08 -15.15
CA PRO B 383 -8.29 -6.21 -15.22
C PRO B 383 -9.63 -6.92 -15.02
N ASP B 384 -9.80 -8.15 -15.55
CA ASP B 384 -11.07 -8.83 -15.38
C ASP B 384 -11.16 -9.49 -14.01
N GLY B 385 -10.12 -9.37 -13.19
CA GLY B 385 -10.23 -9.88 -11.84
C GLY B 385 -10.04 -11.39 -11.72
N ARG B 386 -9.79 -12.12 -12.84
CA ARG B 386 -9.68 -13.57 -12.80
C ARG B 386 -8.39 -14.15 -12.18
N LYS B 387 -7.30 -13.38 -12.18
CA LYS B 387 -6.02 -13.88 -11.68
C LYS B 387 -5.32 -12.76 -10.93
N VAL B 388 -4.52 -13.15 -9.93
CA VAL B 388 -3.66 -12.21 -9.22
C VAL B 388 -2.24 -12.80 -9.26
N TYR B 389 -1.30 -11.92 -9.61
CA TYR B 389 0.09 -12.28 -9.62
C TYR B 389 0.67 -11.76 -8.31
N VAL B 390 1.51 -12.59 -7.68
CA VAL B 390 2.04 -12.32 -6.35
C VAL B 390 3.52 -12.63 -6.34
N THR B 391 4.37 -11.66 -5.96
CA THR B 391 5.77 -12.04 -5.92
C THR B 391 6.08 -12.90 -4.71
N LEU B 392 7.13 -13.68 -4.86
CA LEU B 392 7.61 -14.61 -3.84
C LEU B 392 9.03 -14.14 -3.54
N TRP B 393 9.21 -13.56 -2.36
CA TRP B 393 10.49 -12.95 -1.95
C TRP B 393 11.25 -13.93 -1.04
N TRP B 394 12.56 -14.02 -1.24
CA TRP B 394 13.49 -14.76 -0.42
C TRP B 394 14.75 -13.92 -0.26
N PRO B 395 15.49 -14.06 0.87
CA PRO B 395 16.86 -13.54 0.94
C PRO B 395 17.76 -14.34 -0.02
N SER B 396 18.92 -13.76 -0.29
CA SER B 396 19.88 -14.40 -1.15
C SER B 396 20.28 -15.78 -0.55
N PRO B 397 20.60 -16.80 -1.36
CA PRO B 397 20.64 -16.72 -2.82
C PRO B 397 19.55 -17.43 -3.60
N THR B 398 18.44 -17.79 -2.93
CA THR B 398 17.35 -18.47 -3.56
C THR B 398 16.71 -17.58 -4.63
N PRO B 399 16.49 -18.11 -5.86
CA PRO B 399 15.77 -17.39 -6.90
C PRO B 399 14.39 -16.97 -6.39
N ASN B 400 14.05 -15.70 -6.62
CA ASN B 400 12.75 -15.14 -6.20
C ASN B 400 11.87 -15.25 -7.44
N GLY B 401 10.55 -15.15 -7.27
CA GLY B 401 9.67 -15.46 -8.40
C GLY B 401 8.25 -14.90 -8.31
N ILE B 402 7.44 -15.37 -9.22
CA ILE B 402 6.05 -14.92 -9.36
C ILE B 402 5.14 -16.10 -9.16
N ALA B 403 4.21 -15.93 -8.20
CA ALA B 403 3.11 -16.89 -8.09
C ALA B 403 1.91 -16.40 -8.90
N VAL B 404 1.27 -17.33 -9.57
CA VAL B 404 0.09 -17.02 -10.37
C VAL B 404 -1.09 -17.65 -9.63
N VAL B 405 -2.05 -16.85 -9.19
CA VAL B 405 -3.15 -17.31 -8.33
C VAL B 405 -4.49 -17.14 -9.06
N ASP B 406 -5.34 -18.17 -9.02
CA ASP B 406 -6.67 -18.09 -9.60
C ASP B 406 -7.51 -17.30 -8.60
N ALA B 407 -7.98 -16.13 -8.97
CA ALA B 407 -8.57 -15.28 -7.95
C ALA B 407 -10.07 -15.57 -7.95
N ARG B 408 -10.54 -16.66 -8.59
CA ARG B 408 -11.92 -17.07 -8.47
C ARG B 408 -12.01 -18.23 -7.46
N ASN B 409 -11.23 -19.29 -7.60
CA ASN B 409 -11.18 -20.31 -6.56
C ASN B 409 -10.08 -20.11 -5.49
N TRP B 410 -9.24 -19.05 -5.55
CA TRP B 410 -8.14 -18.85 -4.60
C TRP B 410 -7.21 -20.05 -4.40
N LYS B 411 -6.71 -20.57 -5.51
CA LYS B 411 -5.73 -21.65 -5.56
C LYS B 411 -4.53 -21.18 -6.40
N LEU B 412 -3.35 -21.52 -5.90
CA LEU B 412 -2.08 -21.29 -6.57
C LEU B 412 -2.04 -22.09 -7.86
N LEU B 413 -1.66 -21.46 -8.98
CA LEU B 413 -1.71 -22.16 -10.28
C LEU B 413 -0.31 -22.51 -10.72
N LYS B 414 0.65 -21.57 -10.53
CA LYS B 414 1.99 -21.79 -11.05
C LYS B 414 2.90 -20.88 -10.23
N SER B 415 4.17 -21.29 -10.05
CA SER B 415 5.21 -20.42 -9.57
C SER B 415 6.29 -20.34 -10.65
N VAL B 416 6.87 -19.16 -10.88
CA VAL B 416 7.89 -19.05 -11.92
C VAL B 416 9.07 -18.30 -11.31
N ASP B 417 10.25 -18.85 -11.50
CA ASP B 417 11.44 -18.22 -10.95
C ASP B 417 11.89 -17.04 -11.83
N ILE B 418 12.38 -15.97 -11.20
CA ILE B 418 12.76 -14.78 -11.98
C ILE B 418 14.24 -14.41 -11.75
N GLY B 419 14.58 -14.17 -10.47
CA GLY B 419 15.91 -13.73 -10.13
C GLY B 419 15.91 -13.18 -8.72
N PRO B 420 17.03 -12.56 -8.31
CA PRO B 420 17.16 -12.17 -6.89
C PRO B 420 16.38 -10.93 -6.53
N ASP B 421 15.76 -10.98 -5.35
CA ASP B 421 15.13 -9.81 -4.72
C ASP B 421 13.99 -9.26 -5.60
N MET B 422 12.93 -10.07 -5.73
CA MET B 422 11.82 -9.68 -6.59
C MET B 422 10.91 -8.67 -5.82
N HIS B 423 10.50 -7.56 -6.51
CA HIS B 423 9.63 -6.56 -5.91
C HIS B 423 8.28 -6.50 -6.64
N THR B 424 7.96 -5.35 -7.26
CA THR B 424 6.58 -5.03 -7.58
C THR B 424 6.24 -5.60 -8.96
N LEU B 425 4.95 -5.71 -9.22
CA LEU B 425 4.39 -6.11 -10.52
C LEU B 425 3.36 -5.04 -10.94
N ALA B 426 3.37 -4.61 -12.20
CA ALA B 426 2.32 -3.86 -12.80
C ALA B 426 1.74 -4.73 -13.93
N ILE B 427 0.66 -4.24 -14.58
CA ILE B 427 0.21 -5.02 -15.70
C ILE B 427 -0.16 -4.03 -16.79
N THR B 428 0.06 -4.37 -18.08
CA THR B 428 -0.48 -3.53 -19.14
C THR B 428 -1.99 -3.51 -18.97
N TYR B 429 -2.63 -2.34 -19.26
CA TYR B 429 -4.03 -2.15 -18.90
C TYR B 429 -4.98 -2.87 -19.87
N ASP B 430 -4.49 -3.39 -21.00
CA ASP B 430 -5.29 -4.30 -21.83
C ASP B 430 -5.20 -5.70 -21.24
N GLY B 431 -4.50 -5.84 -20.13
CA GLY B 431 -4.38 -7.11 -19.37
C GLY B 431 -3.47 -8.17 -20.01
N LYS B 432 -2.64 -7.82 -21.01
CA LYS B 432 -1.86 -8.84 -21.73
C LYS B 432 -0.55 -9.23 -21.08
N TYR B 433 0.08 -8.30 -20.38
CA TYR B 433 1.47 -8.50 -19.94
C TYR B 433 1.65 -7.95 -18.52
N VAL B 434 2.17 -8.82 -17.65
CA VAL B 434 2.67 -8.45 -16.34
C VAL B 434 4.12 -8.01 -16.50
N VAL B 435 4.45 -6.93 -15.83
CA VAL B 435 5.78 -6.35 -15.88
C VAL B 435 6.28 -6.25 -14.44
N GLY B 436 7.38 -6.94 -14.09
CA GLY B 436 7.88 -6.83 -12.75
C GLY B 436 9.31 -6.37 -12.72
N VAL B 437 9.84 -6.12 -11.51
CA VAL B 437 11.25 -5.71 -11.35
C VAL B 437 11.84 -6.58 -10.23
N PHE B 438 13.12 -6.92 -10.40
CA PHE B 438 13.93 -7.51 -9.34
C PHE B 438 15.21 -6.67 -9.24
N SER B 439 15.87 -6.70 -8.08
CA SER B 439 16.53 -5.51 -7.67
C SER B 439 17.83 -5.85 -6.95
N GLY B 440 18.21 -7.14 -6.93
CA GLY B 440 19.52 -7.58 -6.51
C GLY B 440 19.94 -7.21 -5.08
N TYR B 441 19.00 -6.94 -4.16
CA TYR B 441 19.43 -6.58 -2.79
C TYR B 441 20.36 -5.37 -2.90
N GLN B 442 20.23 -4.55 -3.97
CA GLN B 442 21.01 -3.30 -4.18
C GLN B 442 22.47 -3.63 -4.54
N LYS B 443 22.77 -4.90 -4.86
CA LYS B 443 24.18 -5.21 -5.16
C LYS B 443 24.39 -6.30 -6.18
N THR B 444 23.38 -7.16 -6.45
CA THR B 444 23.52 -8.19 -7.47
C THR B 444 22.58 -7.95 -8.63
N ALA B 445 22.07 -9.04 -9.26
CA ALA B 445 21.42 -8.95 -10.56
C ALA B 445 20.10 -8.21 -10.41
N SER B 446 19.81 -7.37 -11.43
CA SER B 446 18.55 -6.64 -11.34
C SER B 446 17.98 -6.63 -12.79
N GLY B 447 16.68 -6.38 -12.94
CA GLY B 447 16.10 -6.61 -14.23
C GLY B 447 14.66 -6.11 -14.27
N ILE B 448 14.09 -6.01 -15.50
CA ILE B 448 12.65 -5.82 -15.65
C ILE B 448 12.18 -7.10 -16.37
N VAL B 449 11.16 -7.76 -15.80
CA VAL B 449 10.73 -9.04 -16.38
C VAL B 449 9.34 -8.82 -17.01
N ILE B 450 9.07 -9.45 -18.15
CA ILE B 450 7.75 -9.36 -18.77
C ILE B 450 7.16 -10.76 -18.90
N MET B 451 5.92 -10.93 -18.40
CA MET B 451 5.23 -12.22 -18.43
C MET B 451 3.92 -12.05 -19.23
N ASP B 452 3.76 -12.95 -20.20
CA ASP B 452 2.52 -13.06 -20.98
C ASP B 452 1.42 -13.65 -20.09
N THR B 453 0.27 -12.99 -20.01
CA THR B 453 -0.77 -13.41 -19.07
C THR B 453 -1.57 -14.55 -19.63
N LYS B 454 -1.48 -14.81 -20.93
CA LYS B 454 -2.17 -15.95 -21.52
C LYS B 454 -1.42 -17.25 -21.22
N SER B 455 -0.14 -17.32 -21.54
CA SER B 455 0.65 -18.52 -21.28
C SER B 455 1.23 -18.52 -19.86
N ASP B 456 1.21 -17.39 -19.14
CA ASP B 456 1.87 -17.30 -17.87
C ASP B 456 3.32 -17.76 -17.92
N GLU B 457 4.00 -17.38 -19.01
CA GLU B 457 5.44 -17.60 -19.16
C GLU B 457 6.14 -16.26 -19.34
N VAL B 458 7.41 -16.21 -18.93
CA VAL B 458 8.26 -15.04 -19.11
C VAL B 458 8.52 -14.88 -20.62
N VAL B 459 8.24 -13.72 -21.15
CA VAL B 459 8.52 -13.45 -22.54
C VAL B 459 9.85 -12.72 -22.64
N GLY B 460 10.28 -12.02 -21.59
CA GLY B 460 11.70 -11.68 -21.55
C GLY B 460 12.15 -10.91 -20.30
N ILE B 461 13.48 -10.65 -20.29
CA ILE B 461 14.22 -9.83 -19.34
C ILE B 461 14.87 -8.65 -20.05
N LEU B 462 14.60 -7.44 -19.54
CA LEU B 462 15.31 -6.25 -20.01
C LEU B 462 16.27 -5.75 -18.94
N PRO B 463 17.42 -5.16 -19.29
CA PRO B 463 18.38 -4.75 -18.24
C PRO B 463 17.77 -3.57 -17.46
N SER B 464 18.28 -3.43 -16.24
CA SER B 464 17.77 -2.33 -15.45
C SER B 464 18.82 -1.98 -14.37
N VAL B 465 19.41 -0.79 -14.51
CA VAL B 465 20.21 -0.24 -13.43
C VAL B 465 19.27 0.32 -12.41
N GLY B 466 18.94 -0.47 -11.40
CA GLY B 466 17.92 -0.08 -10.42
C GLY B 466 17.84 -1.10 -9.28
N GLY B 467 17.63 -0.57 -8.06
CA GLY B 467 17.22 -1.40 -6.94
C GLY B 467 15.72 -1.24 -6.58
N HIS B 468 14.89 -0.90 -7.58
CA HIS B 468 13.45 -0.56 -7.44
C HIS B 468 12.72 -1.45 -6.44
N HIS B 469 12.10 -0.80 -5.44
CA HIS B 469 11.01 -1.41 -4.68
C HIS B 469 9.65 -1.03 -5.28
N ASP B 470 9.63 -0.40 -6.44
CA ASP B 470 8.30 -0.07 -7.01
C ASP B 470 8.37 -0.12 -8.54
N CYS B 471 7.18 -0.05 -9.19
CA CYS B 471 7.08 0.21 -10.61
C CYS B 471 5.60 0.44 -10.97
N VAL B 472 5.33 1.29 -11.97
CA VAL B 472 3.98 1.54 -12.40
C VAL B 472 3.98 1.69 -13.91
N ILE B 473 2.82 1.42 -14.52
CA ILE B 473 2.63 1.74 -15.91
C ILE B 473 1.74 2.98 -15.92
N VAL B 474 2.17 4.02 -16.64
CA VAL B 474 1.40 5.24 -16.58
C VAL B 474 -0.02 4.93 -17.05
N PRO B 475 -1.05 5.23 -16.19
CA PRO B 475 -2.45 5.06 -16.54
C PRO B 475 -2.98 6.17 -17.48
N LYS B 476 -3.98 5.76 -18.27
CA LYS B 476 -4.67 6.72 -19.16
C LYS B 476 -5.98 7.11 -18.50
N THR B 477 -6.59 6.22 -17.69
CA THR B 477 -7.94 6.50 -17.22
C THR B 477 -8.02 6.22 -15.71
N VAL B 478 -9.15 6.69 -15.11
CA VAL B 478 -9.32 6.34 -13.72
C VAL B 478 -9.51 4.83 -13.60
N GLU B 479 -10.12 4.18 -14.64
CA GLU B 479 -10.35 2.75 -14.54
C GLU B 479 -9.02 1.98 -14.51
N ASP B 480 -8.00 2.47 -15.22
CA ASP B 480 -6.65 1.91 -15.14
C ASP B 480 -6.09 1.84 -13.72
N LEU B 481 -6.31 2.87 -12.89
CA LEU B 481 -5.79 2.85 -11.53
C LEU B 481 -6.26 1.60 -10.78
N ARG B 482 -7.38 0.98 -11.18
CA ARG B 482 -7.87 -0.18 -10.44
C ARG B 482 -6.84 -1.32 -10.45
N CYS B 483 -5.96 -1.33 -11.45
CA CYS B 483 -4.86 -2.28 -11.57
C CYS B 483 -3.48 -1.59 -11.48
N SER B 484 -3.39 -0.51 -10.67
CA SER B 484 -2.13 0.21 -10.56
C SER B 484 -1.89 0.53 -9.08
N ARG B 485 -0.92 1.40 -8.84
CA ARG B 485 -0.48 1.69 -7.50
C ARG B 485 -1.52 2.63 -6.84
N CYS B 486 -2.67 2.01 -6.46
CA CYS B 486 -3.84 2.68 -5.97
C CYS B 486 -4.59 1.64 -5.12
N THR B 487 -4.97 0.52 -5.71
CA THR B 487 -5.67 -0.59 -5.06
C THR B 487 -4.72 -1.54 -4.33
N THR B 488 -3.41 -1.63 -4.75
CA THR B 488 -2.53 -2.66 -4.23
C THR B 488 -1.15 -2.07 -4.09
N THR B 489 -0.40 -2.67 -3.18
CA THR B 489 1.07 -2.51 -3.28
C THR B 489 1.65 -3.59 -4.17
N ILE C 27 -60.71 -36.00 34.90
CA ILE C 27 -59.88 -34.84 34.49
C ILE C 27 -58.50 -34.94 35.10
N GLU C 28 -58.40 -35.55 36.33
CA GLU C 28 -57.14 -35.81 37.01
C GLU C 28 -56.18 -36.41 35.98
N GLU C 29 -56.70 -37.43 35.25
CA GLU C 29 -55.97 -38.23 34.27
C GLU C 29 -55.41 -37.28 33.21
N PHE C 30 -56.28 -36.38 32.74
CA PHE C 30 -56.00 -35.40 31.72
C PHE C 30 -54.78 -34.52 32.09
N TYR C 31 -54.82 -33.83 33.25
CA TYR C 31 -53.80 -32.85 33.59
C TYR C 31 -52.46 -33.52 33.89
N ALA C 32 -52.54 -34.75 34.38
CA ALA C 32 -51.37 -35.54 34.74
C ALA C 32 -50.38 -35.59 33.60
N GLN C 33 -50.87 -35.55 32.35
CA GLN C 33 -49.98 -35.74 31.22
C GLN C 33 -49.08 -34.51 30.97
N PHE C 34 -49.47 -33.29 31.48
CA PHE C 34 -48.70 -32.08 31.22
C PHE C 34 -47.38 -32.06 32.00
N GLY C 35 -47.28 -32.92 33.05
CA GLY C 35 -46.07 -32.96 33.86
C GLY C 35 -46.12 -31.88 34.94
N LYS C 36 -45.13 -31.88 35.82
CA LYS C 36 -45.15 -31.13 37.06
C LYS C 36 -44.59 -29.73 36.72
N TYR C 37 -45.44 -28.85 36.16
CA TYR C 37 -44.99 -27.51 35.78
C TYR C 37 -45.99 -26.51 36.29
N ILE C 38 -45.48 -25.39 36.80
CA ILE C 38 -46.31 -24.28 37.26
C ILE C 38 -46.34 -23.17 36.20
N LEU C 39 -47.57 -22.79 35.80
CA LEU C 39 -47.75 -21.63 34.93
C LEU C 39 -48.03 -20.39 35.80
N LEU C 40 -47.27 -19.28 35.58
CA LEU C 40 -47.62 -17.99 36.17
C LEU C 40 -48.19 -17.05 35.12
N VAL C 41 -49.24 -16.30 35.49
CA VAL C 41 -49.90 -15.34 34.61
C VAL C 41 -50.15 -14.04 35.35
N PRO C 42 -49.87 -12.91 34.69
CA PRO C 42 -50.32 -11.61 35.17
C PRO C 42 -51.70 -11.35 34.57
N GLY C 43 -52.51 -10.49 35.23
CA GLY C 43 -53.93 -10.37 34.90
C GLY C 43 -54.24 -9.12 34.06
N LYS C 44 -53.27 -8.25 33.78
CA LYS C 44 -53.51 -6.98 33.12
C LYS C 44 -54.61 -6.22 33.86
N PHE C 45 -55.78 -6.00 33.21
CA PHE C 45 -56.84 -5.20 33.85
C PHE C 45 -57.51 -5.92 35.03
N THR C 46 -57.25 -7.22 35.28
CA THR C 46 -57.78 -7.80 36.50
C THR C 46 -57.00 -7.34 37.73
N GLY C 47 -55.72 -6.98 37.55
CA GLY C 47 -54.94 -6.50 38.68
C GLY C 47 -54.30 -7.66 39.50
N THR C 48 -54.33 -8.91 38.99
CA THR C 48 -53.85 -10.08 39.73
C THR C 48 -52.58 -10.69 39.09
N VAL C 49 -51.86 -11.53 39.85
CA VAL C 49 -50.94 -12.52 39.35
C VAL C 49 -51.35 -13.85 39.98
N ALA C 50 -51.08 -14.98 39.32
CA ALA C 50 -51.55 -16.26 39.78
C ALA C 50 -50.58 -17.34 39.34
N ALA C 51 -50.57 -18.47 40.09
CA ALA C 51 -49.80 -19.63 39.63
C ALA C 51 -50.79 -20.80 39.55
N HIS C 52 -50.68 -21.62 38.47
CA HIS C 52 -51.57 -22.76 38.29
C HIS C 52 -50.70 -23.98 38.15
N ASP C 53 -51.09 -25.05 38.84
CA ASP C 53 -50.38 -26.29 38.66
C ASP C 53 -50.89 -27.00 37.43
N LEU C 54 -50.11 -27.12 36.36
CA LEU C 54 -50.64 -27.74 35.15
C LEU C 54 -50.92 -29.23 35.33
N SER C 55 -50.35 -29.80 36.39
CA SER C 55 -50.47 -31.24 36.54
C SER C 55 -51.74 -31.60 37.25
N THR C 56 -52.38 -30.65 37.94
CA THR C 56 -53.62 -30.94 38.65
C THR C 56 -54.75 -30.00 38.23
N GLY C 57 -54.43 -28.91 37.48
CA GLY C 57 -55.41 -27.86 37.20
C GLY C 57 -55.83 -27.06 38.44
N ARG C 58 -55.15 -27.16 39.57
CA ARG C 58 -55.51 -26.31 40.69
C ARG C 58 -54.73 -25.00 40.57
N THR C 59 -55.33 -23.91 41.01
CA THR C 59 -54.64 -22.66 41.14
C THR C 59 -53.96 -22.73 42.51
N LEU C 60 -52.64 -22.46 42.53
CA LEU C 60 -51.86 -22.58 43.73
C LEU C 60 -52.05 -21.36 44.57
N ALA C 61 -52.10 -20.15 43.95
CA ALA C 61 -52.05 -18.95 44.78
C ALA C 61 -52.33 -17.78 43.82
N TRP C 62 -52.82 -16.68 44.40
CA TRP C 62 -52.89 -15.49 43.58
C TRP C 62 -52.64 -14.29 44.49
N LEU C 63 -52.36 -13.14 43.84
CA LEU C 63 -52.27 -11.91 44.60
C LEU C 63 -52.93 -10.79 43.78
N ALA C 64 -53.64 -9.88 44.49
CA ALA C 64 -54.34 -8.78 43.91
C ALA C 64 -53.64 -7.49 44.30
N GLY C 65 -53.06 -6.83 43.28
CA GLY C 65 -52.27 -5.62 43.50
C GLY C 65 -52.99 -4.51 44.26
N TRP C 66 -54.30 -4.39 44.03
CA TRP C 66 -55.02 -3.32 44.74
C TRP C 66 -55.10 -3.60 46.23
N ASN C 67 -55.08 -4.88 46.68
CA ASN C 67 -55.18 -5.10 48.11
C ASN C 67 -54.10 -4.33 48.87
N TYR C 68 -52.98 -4.09 48.19
CA TYR C 68 -51.76 -3.54 48.76
C TYR C 68 -51.74 -2.02 48.61
N GLY C 69 -52.76 -1.42 48.02
CA GLY C 69 -52.70 0.05 47.86
C GLY C 69 -52.11 0.43 46.52
N ASP C 70 -51.85 -0.52 45.62
CA ASP C 70 -51.63 -0.11 44.22
C ASP C 70 -52.96 0.24 43.59
N THR C 71 -53.23 1.52 43.24
CA THR C 71 -54.63 1.82 42.85
C THR C 71 -54.82 1.65 41.36
N ASN C 72 -53.75 1.30 40.62
CA ASN C 72 -53.88 1.13 39.17
C ASN C 72 -53.05 -0.07 38.74
N PRO C 73 -53.32 -1.30 39.29
CA PRO C 73 -52.39 -2.42 39.15
C PRO C 73 -52.55 -3.08 37.79
N ILE C 74 -52.18 -2.38 36.70
CA ILE C 74 -52.21 -3.06 35.41
C ILE C 74 -51.00 -4.02 35.32
N MET C 75 -51.22 -5.26 35.76
CA MET C 75 -50.15 -6.23 35.93
C MET C 75 -49.76 -6.70 34.52
N HIS C 76 -48.53 -6.40 34.11
CA HIS C 76 -48.15 -6.37 32.72
C HIS C 76 -47.21 -7.52 32.36
N HIS C 77 -45.89 -7.42 32.65
CA HIS C 77 -44.96 -8.47 32.21
C HIS C 77 -44.32 -9.12 33.42
N MET C 78 -43.68 -10.26 33.17
CA MET C 78 -43.11 -10.97 34.30
C MET C 78 -42.02 -11.92 33.81
N ALA C 79 -41.09 -12.28 34.75
CA ALA C 79 -40.15 -13.37 34.51
C ALA C 79 -39.85 -14.02 35.84
N ALA C 80 -39.58 -15.33 35.77
CA ALA C 80 -39.37 -16.11 37.00
C ALA C 80 -37.92 -16.60 37.02
N PHE C 81 -37.37 -16.77 38.25
CA PHE C 81 -36.02 -17.27 38.31
C PHE C 81 -36.03 -18.80 38.52
N PRO C 82 -34.89 -19.50 38.20
CA PRO C 82 -34.78 -20.93 38.44
C PRO C 82 -35.01 -21.26 39.90
N SER C 83 -35.83 -22.29 40.15
CA SER C 83 -35.88 -22.83 41.52
C SER C 83 -35.72 -24.34 41.44
N PRO C 84 -34.95 -24.99 42.34
CA PRO C 84 -34.79 -26.45 42.28
C PRO C 84 -36.10 -27.21 42.50
N ASP C 85 -37.04 -26.60 43.24
CA ASP C 85 -38.38 -27.19 43.30
C ASP C 85 -39.39 -26.07 43.38
N PRO C 86 -39.93 -25.67 42.20
CA PRO C 86 -41.03 -24.68 42.16
C PRO C 86 -42.18 -24.94 43.13
N TYR C 87 -42.51 -26.22 43.36
CA TYR C 87 -43.71 -26.48 44.15
C TYR C 87 -43.47 -26.09 45.61
N LYS C 88 -42.18 -26.02 46.01
CA LYS C 88 -41.89 -25.66 47.39
C LYS C 88 -41.54 -24.17 47.46
N GLY C 89 -41.25 -23.50 46.38
CA GLY C 89 -41.00 -22.07 46.33
C GLY C 89 -40.27 -21.58 45.08
N PHE C 90 -40.48 -20.29 44.77
CA PHE C 90 -39.90 -19.66 43.59
C PHE C 90 -40.13 -18.15 43.73
N GLU C 91 -39.38 -17.39 42.95
CA GLU C 91 -39.49 -15.94 42.92
C GLU C 91 -39.65 -15.54 41.47
N PHE C 92 -40.20 -14.34 41.31
CA PHE C 92 -40.38 -13.76 39.99
C PHE C 92 -40.50 -12.24 40.15
N ILE C 93 -40.41 -11.52 39.05
CA ILE C 93 -40.71 -10.10 39.02
C ILE C 93 -41.95 -9.95 38.09
N VAL C 94 -42.88 -9.08 38.50
CA VAL C 94 -43.96 -8.65 37.65
C VAL C 94 -44.05 -7.14 37.78
N ASN C 95 -44.29 -6.51 36.64
CA ASN C 95 -44.44 -5.06 36.66
C ASN C 95 -45.86 -4.58 36.37
N THR C 96 -46.05 -3.25 36.51
CA THR C 96 -47.37 -2.68 36.16
C THR C 96 -47.20 -1.47 35.24
N GLN C 97 -48.30 -1.11 34.55
CA GLN C 97 -48.39 0.18 33.83
C GLN C 97 -49.29 1.08 34.66
N GLY C 98 -49.49 2.34 34.29
CA GLY C 98 -50.40 3.21 35.04
C GLY C 98 -50.86 4.34 34.12
N GLY C 99 -51.33 5.41 34.77
CA GLY C 99 -51.83 6.60 34.07
C GLY C 99 -52.88 6.19 33.05
N LYS C 100 -52.80 6.76 31.83
CA LYS C 100 -53.88 6.63 30.87
C LYS C 100 -53.87 5.29 30.14
N ASN C 101 -52.96 4.38 30.48
CA ASN C 101 -53.02 3.03 29.98
C ASN C 101 -54.33 2.36 30.44
N LEU C 102 -54.96 2.85 31.50
CA LEU C 102 -56.27 2.36 31.95
C LEU C 102 -57.35 2.64 30.89
N PHE C 103 -57.11 3.67 30.03
CA PHE C 103 -58.12 4.20 29.15
C PHE C 103 -58.06 3.68 27.72
N ILE C 104 -57.26 2.67 27.39
CA ILE C 104 -57.10 2.41 25.98
C ILE C 104 -57.69 1.05 25.55
N TYR C 105 -58.47 0.35 26.40
CA TYR C 105 -59.03 -0.94 25.99
C TYR C 105 -60.56 -0.86 25.93
N GLY C 106 -61.11 0.36 25.80
CA GLY C 106 -62.54 0.60 25.61
C GLY C 106 -63.42 0.18 26.80
N ILE C 107 -62.88 0.13 28.04
CA ILE C 107 -63.69 -0.10 29.23
C ILE C 107 -64.29 1.28 29.58
N PRO C 108 -65.64 1.41 29.65
CA PRO C 108 -66.25 2.73 29.85
C PRO C 108 -66.13 3.19 31.33
N THR C 109 -64.91 3.38 31.85
CA THR C 109 -64.71 3.86 33.22
C THR C 109 -64.81 5.39 33.24
N THR C 110 -65.39 5.95 34.33
CA THR C 110 -65.48 7.40 34.53
C THR C 110 -64.26 7.90 35.36
N VAL C 111 -63.26 7.03 35.66
CA VAL C 111 -62.09 7.47 36.44
C VAL C 111 -61.44 8.69 35.75
N LYS C 112 -61.18 9.72 36.54
CA LYS C 112 -60.60 11.00 36.10
C LYS C 112 -59.10 10.99 36.34
N GLU C 113 -58.66 10.59 37.55
CA GLU C 113 -57.29 10.67 38.07
C GLU C 113 -56.65 9.28 38.24
N PRO C 114 -56.24 8.50 37.20
CA PRO C 114 -55.85 7.10 37.45
C PRO C 114 -54.51 7.03 38.21
N GLY C 115 -54.29 5.97 39.04
CA GLY C 115 -53.05 5.78 39.74
C GLY C 115 -51.86 5.86 38.78
N GLU C 116 -50.76 6.34 39.32
CA GLU C 116 -49.55 6.55 38.51
C GLU C 116 -48.97 5.26 37.94
N GLY C 117 -48.97 4.17 38.71
CA GLY C 117 -48.45 2.88 38.26
C GLY C 117 -46.92 2.82 38.10
N PHE C 118 -46.51 2.04 37.09
CA PHE C 118 -45.12 1.74 36.77
C PHE C 118 -44.40 1.12 37.98
N ASN C 119 -45.06 0.17 38.64
CA ASN C 119 -44.38 -0.52 39.76
C ASN C 119 -43.62 -1.74 39.25
N ILE C 120 -42.61 -2.16 39.99
CA ILE C 120 -41.83 -3.36 39.67
C ILE C 120 -41.75 -4.18 40.98
N TYR C 121 -42.48 -5.31 41.01
CA TYR C 121 -42.64 -6.06 42.23
C TYR C 121 -41.85 -7.36 42.14
N ARG C 122 -41.15 -7.64 43.24
CA ARG C 122 -40.54 -8.95 43.44
C ARG C 122 -41.54 -9.78 44.26
N VAL C 123 -41.91 -10.96 43.80
CA VAL C 123 -42.92 -11.74 44.53
C VAL C 123 -42.32 -13.11 44.75
N ARG C 124 -42.52 -13.66 45.96
CA ARG C 124 -42.05 -15.03 46.17
C ARG C 124 -43.25 -15.93 46.47
N TYR C 125 -43.19 -17.12 45.91
CA TYR C 125 -44.15 -18.16 46.28
C TYR C 125 -43.47 -19.01 47.33
N ASP C 126 -44.19 -19.34 48.42
CA ASP C 126 -43.53 -20.13 49.47
C ASP C 126 -44.08 -21.55 49.62
N GLY C 127 -44.72 -22.07 48.61
CA GLY C 127 -45.33 -23.40 48.77
C GLY C 127 -46.79 -23.30 49.21
N THR C 128 -47.28 -22.12 49.64
CA THR C 128 -48.67 -21.98 50.09
C THR C 128 -49.25 -20.77 49.38
N LYS C 129 -48.49 -19.65 49.37
CA LYS C 129 -49.04 -18.38 49.01
C LYS C 129 -47.93 -17.53 48.37
N PHE C 130 -48.33 -16.38 47.78
CA PHE C 130 -47.37 -15.39 47.33
C PHE C 130 -47.07 -14.44 48.49
N ASN C 131 -45.90 -13.83 48.41
CA ASN C 131 -45.43 -12.86 49.38
C ASN C 131 -44.95 -11.71 48.51
N LEU C 132 -45.48 -10.49 48.75
CA LEU C 132 -44.90 -9.40 47.99
C LEU C 132 -43.63 -8.96 48.72
N VAL C 133 -42.48 -9.26 48.11
CA VAL C 133 -41.20 -9.03 48.76
C VAL C 133 -40.84 -7.55 48.71
N SER C 134 -40.90 -6.91 47.56
CA SER C 134 -40.51 -5.51 47.52
C SER C 134 -40.95 -4.89 46.21
N ASN C 135 -40.91 -3.56 46.23
CA ASN C 135 -41.24 -2.72 45.10
C ASN C 135 -39.92 -2.13 44.64
N ILE C 136 -39.36 -2.79 43.59
CA ILE C 136 -38.03 -2.45 43.09
C ILE C 136 -38.06 -1.08 42.42
N ALA C 137 -39.23 -0.68 41.89
CA ALA C 137 -39.32 0.63 41.26
C ALA C 137 -39.18 1.68 42.36
N GLU C 138 -39.83 1.43 43.51
CA GLU C 138 -39.74 2.42 44.58
C GLU C 138 -38.28 2.50 45.08
N LYS C 139 -37.64 1.33 45.26
CA LYS C 139 -36.26 1.30 45.79
C LYS C 139 -35.33 2.02 44.82
N THR C 140 -35.47 1.77 43.51
CA THR C 140 -34.47 2.27 42.58
C THR C 140 -34.84 3.62 41.97
N GLY C 141 -36.12 3.93 41.96
CA GLY C 141 -36.60 5.13 41.27
C GLY C 141 -36.89 4.90 39.79
N LEU C 142 -36.78 3.68 39.26
CA LEU C 142 -37.03 3.49 37.85
C LEU C 142 -38.43 2.86 37.69
N GLY C 143 -39.40 3.61 37.18
CA GLY C 143 -40.71 3.01 36.96
C GLY C 143 -40.89 2.56 35.49
N LEU C 144 -40.81 1.25 35.22
CA LEU C 144 -40.66 0.79 33.83
C LEU C 144 -41.74 -0.27 33.57
N GLY C 145 -42.55 -0.09 32.52
CA GLY C 145 -43.84 -0.78 32.45
C GLY C 145 -44.00 -1.81 31.34
N VAL C 146 -42.95 -2.08 30.54
CA VAL C 146 -43.14 -3.05 29.46
C VAL C 146 -42.38 -4.34 29.82
N HIS C 147 -41.60 -4.95 28.89
CA HIS C 147 -41.17 -6.32 29.15
C HIS C 147 -40.22 -6.45 30.31
N VAL C 148 -40.38 -7.59 31.01
CA VAL C 148 -39.45 -8.02 32.05
C VAL C 148 -38.76 -9.28 31.53
N THR C 149 -37.42 -9.38 31.71
CA THR C 149 -36.75 -10.57 31.23
C THR C 149 -35.68 -10.95 32.26
N ALA C 150 -35.61 -12.24 32.57
CA ALA C 150 -34.57 -12.77 33.50
C ALA C 150 -33.26 -12.90 32.69
N THR C 151 -32.12 -12.66 33.40
CA THR C 151 -30.80 -12.84 32.76
C THR C 151 -30.55 -14.34 32.61
N PRO C 152 -29.67 -14.79 31.68
CA PRO C 152 -29.40 -16.22 31.55
C PRO C 152 -28.91 -16.97 32.78
N ASP C 153 -28.19 -16.27 33.68
CA ASP C 153 -27.73 -16.93 34.91
C ASP C 153 -28.83 -16.90 35.98
N GLY C 154 -29.99 -16.29 35.64
CA GLY C 154 -31.05 -16.26 36.63
C GLY C 154 -30.73 -15.38 37.85
N LYS C 155 -29.69 -14.53 37.84
CA LYS C 155 -29.34 -13.72 39.02
C LYS C 155 -29.67 -12.22 38.84
N GLY C 156 -30.18 -11.84 37.67
CA GLY C 156 -30.55 -10.46 37.37
C GLY C 156 -31.83 -10.46 36.48
N PHE C 157 -32.27 -9.23 36.11
CA PHE C 157 -33.42 -9.13 35.21
C PHE C 157 -33.43 -7.76 34.51
N ALA C 158 -34.01 -7.70 33.30
CA ALA C 158 -34.18 -6.38 32.69
C ALA C 158 -35.67 -5.96 32.61
N VAL C 159 -35.92 -4.63 32.53
CA VAL C 159 -37.24 -4.10 32.32
C VAL C 159 -37.03 -2.92 31.37
N ALA C 160 -37.87 -2.89 30.33
CA ALA C 160 -37.84 -1.81 29.36
C ALA C 160 -39.18 -1.08 29.41
N ASP C 161 -39.19 0.18 28.93
CA ASP C 161 -40.48 0.88 28.87
C ASP C 161 -40.57 1.71 27.60
N GLY C 162 -41.73 1.61 26.93
CA GLY C 162 -41.88 2.20 25.60
C GLY C 162 -42.58 3.56 25.60
N GLN C 163 -42.90 4.08 26.80
CA GLN C 163 -43.42 5.45 26.90
C GLN C 163 -42.28 6.40 27.29
N LYS C 164 -41.37 5.87 28.12
CA LYS C 164 -40.19 6.58 28.58
C LYS C 164 -38.96 6.33 27.68
N ASP C 165 -38.95 5.19 26.97
CA ASP C 165 -37.76 4.75 26.19
C ASP C 165 -36.57 4.64 27.13
N ILE C 166 -36.78 3.91 28.23
CA ILE C 166 -35.64 3.62 29.12
C ILE C 166 -35.65 2.13 29.34
N PHE C 167 -34.46 1.52 29.47
CA PHE C 167 -34.39 0.18 30.02
C PHE C 167 -33.27 0.15 31.06
N ALA C 168 -33.36 -0.89 31.90
CA ALA C 168 -32.33 -1.14 32.90
C ALA C 168 -32.14 -2.64 33.14
N GLU C 169 -30.89 -3.01 33.47
CA GLU C 169 -30.64 -4.33 34.04
C GLU C 169 -30.40 -4.16 35.52
N PHE C 170 -30.97 -5.11 36.28
CA PHE C 170 -31.02 -5.11 37.73
C PHE C 170 -30.33 -6.37 38.27
N ASP C 171 -29.68 -6.18 39.44
CA ASP C 171 -29.19 -7.31 40.20
C ASP C 171 -30.33 -7.76 41.09
N LEU C 172 -30.61 -9.08 41.12
CA LEU C 172 -31.76 -9.47 41.93
C LEU C 172 -31.39 -9.41 43.40
N ALA C 173 -30.26 -10.01 43.79
CA ALA C 173 -29.98 -10.09 45.24
C ALA C 173 -29.98 -8.72 45.92
N THR C 174 -29.29 -7.73 45.33
CA THR C 174 -29.24 -6.42 45.96
C THR C 174 -30.35 -5.47 45.47
N GLU C 175 -31.26 -5.91 44.55
CA GLU C 175 -32.30 -5.01 44.08
C GLU C 175 -31.74 -3.69 43.56
N SER C 176 -30.68 -3.74 42.76
CA SER C 176 -29.92 -2.54 42.44
C SER C 176 -29.79 -2.44 40.92
N VAL C 177 -29.65 -1.18 40.45
CA VAL C 177 -29.50 -0.97 39.02
C VAL C 177 -28.05 -1.26 38.60
N ARG C 178 -27.88 -2.16 37.63
CA ARG C 178 -26.54 -2.41 37.08
C ARG C 178 -26.27 -1.34 36.03
N THR C 179 -27.31 -1.03 35.21
CA THR C 179 -27.17 -0.03 34.16
C THR C 179 -28.59 0.40 33.80
N ALA C 180 -28.68 1.63 33.31
CA ALA C 180 -29.91 2.17 32.75
C ALA C 180 -29.54 3.06 31.56
N PHE C 181 -30.35 2.98 30.48
CA PHE C 181 -30.13 3.80 29.30
C PHE C 181 -31.43 4.45 28.83
N LEU C 182 -31.30 5.65 28.25
CA LEU C 182 -32.42 6.32 27.61
C LEU C 182 -32.13 6.25 26.12
N VAL C 183 -33.19 5.99 25.30
CA VAL C 183 -33.00 6.04 23.86
C VAL C 183 -33.93 7.14 23.33
N ASP C 184 -33.39 8.07 22.51
CA ASP C 184 -34.16 9.19 21.95
C ASP C 184 -34.11 9.17 20.42
N TRP C 185 -35.12 9.73 19.76
CA TRP C 185 -35.26 9.84 18.32
C TRP C 185 -35.27 11.34 17.98
N LYS C 186 -34.35 11.79 17.10
CA LYS C 186 -34.43 13.10 16.45
C LYS C 186 -34.80 12.89 14.97
N PRO C 187 -36.08 13.14 14.57
CA PRO C 187 -36.59 12.77 13.24
C PRO C 187 -35.98 13.71 12.21
N ASN C 188 -35.82 13.22 10.99
CA ASN C 188 -35.36 14.04 9.87
C ASN C 188 -36.46 15.03 9.48
N ASN C 189 -37.68 14.54 9.55
CA ASN C 189 -38.84 15.33 9.24
C ASN C 189 -39.71 15.34 10.49
N SER C 190 -39.94 16.50 11.11
CA SER C 190 -40.69 16.49 12.37
C SER C 190 -42.19 16.58 12.12
N ASP C 191 -42.63 16.54 10.87
CA ASP C 191 -44.03 16.21 10.62
C ASP C 191 -44.28 14.77 11.13
N LEU C 192 -45.28 14.68 12.00
CA LEU C 192 -45.54 13.48 12.78
C LEU C 192 -45.86 12.29 11.88
N LYS C 193 -46.49 12.55 10.74
CA LYS C 193 -46.77 11.51 9.76
C LYS C 193 -45.49 10.93 9.15
N ARG C 194 -44.44 11.77 9.10
CA ARG C 194 -43.21 11.47 8.39
C ARG C 194 -42.01 11.20 9.32
N ALA C 195 -42.24 11.28 10.65
CA ALA C 195 -41.16 11.41 11.63
C ALA C 195 -40.33 10.14 11.75
N TRP C 196 -40.92 9.01 11.37
CA TRP C 196 -40.17 7.77 11.30
C TRP C 196 -39.83 7.40 9.86
N LEU C 197 -40.84 7.43 8.95
CA LEU C 197 -40.60 6.99 7.57
C LEU C 197 -39.37 7.67 7.00
N GLU C 198 -39.18 8.94 7.26
CA GLU C 198 -38.06 9.63 6.63
C GLU C 198 -36.81 9.63 7.49
N GLY C 199 -36.77 8.77 8.51
CA GLY C 199 -35.53 8.51 9.19
C GLY C 199 -35.26 9.55 10.27
N GLY C 200 -34.04 9.42 10.81
CA GLY C 200 -33.67 10.13 12.02
C GLY C 200 -32.36 9.66 12.61
N THR C 201 -32.06 10.28 13.76
CA THR C 201 -30.95 9.86 14.58
C THR C 201 -31.48 9.32 15.89
N MET C 202 -31.03 8.09 16.20
CA MET C 202 -31.32 7.52 17.52
C MET C 202 -30.17 7.82 18.46
N THR C 203 -30.40 8.48 19.62
CA THR C 203 -29.36 8.72 20.61
C THR C 203 -29.50 7.76 21.80
N ILE C 204 -28.41 7.06 22.17
CA ILE C 204 -28.44 6.17 23.34
C ILE C 204 -27.64 6.82 24.45
N THR C 205 -28.23 7.02 25.65
CA THR C 205 -27.50 7.67 26.72
C THR C 205 -27.50 6.78 27.97
N ARG C 206 -26.31 6.53 28.52
CA ARG C 206 -26.17 5.84 29.78
C ARG C 206 -26.63 6.80 30.88
N LEU C 207 -27.63 6.41 31.67
CA LEU C 207 -28.25 7.37 32.57
C LEU C 207 -27.58 7.30 33.91
N LYS C 208 -27.59 8.38 34.67
CA LYS C 208 -26.98 8.33 35.98
C LYS C 208 -28.04 8.83 36.94
N PRO C 209 -28.12 8.26 38.16
CA PRO C 209 -29.17 8.67 39.11
C PRO C 209 -29.01 10.13 39.49
N THR C 210 -30.12 10.78 39.81
CA THR C 210 -30.09 12.21 40.11
C THR C 210 -30.55 12.48 41.53
N LEU C 211 -30.99 11.43 42.27
CA LEU C 211 -31.59 11.70 43.58
C LEU C 211 -30.73 11.08 44.66
N PRO C 212 -30.84 11.48 45.97
CA PRO C 212 -29.99 10.93 47.01
C PRO C 212 -30.10 9.40 47.03
N GLY C 213 -29.00 8.74 47.41
CA GLY C 213 -29.10 7.31 47.66
C GLY C 213 -28.83 6.52 46.38
N GLY C 214 -28.41 7.18 45.30
CA GLY C 214 -28.25 6.53 43.99
C GLY C 214 -29.62 6.23 43.34
N LYS C 215 -30.68 6.97 43.71
CA LYS C 215 -32.01 6.74 43.14
C LYS C 215 -32.16 7.54 41.84
N TYR C 216 -32.91 6.94 40.91
CA TYR C 216 -33.35 7.57 39.68
C TYR C 216 -34.62 8.35 39.91
N ASP C 217 -34.94 9.26 38.99
CA ASP C 217 -36.14 10.10 39.12
C ASP C 217 -37.18 9.78 38.05
N TYR C 218 -37.64 8.52 38.05
CA TYR C 218 -38.51 8.04 37.01
C TYR C 218 -39.64 7.19 37.56
N THR C 219 -40.08 7.47 38.81
CA THR C 219 -41.21 6.82 39.48
C THR C 219 -42.52 7.24 38.79
N GLY C 220 -43.48 6.32 38.66
CA GLY C 220 -44.82 6.77 38.25
C GLY C 220 -44.79 7.23 36.80
N THR C 221 -45.45 8.36 36.47
CA THR C 221 -45.63 8.67 35.03
C THR C 221 -44.46 9.48 34.47
N LYS C 222 -43.60 9.90 35.44
CA LYS C 222 -42.43 10.73 35.18
C LYS C 222 -41.55 10.12 34.10
N GLY C 223 -41.22 10.96 33.12
CA GLY C 223 -40.32 10.60 32.05
C GLY C 223 -41.01 10.17 30.76
N CYS C 224 -42.34 10.10 30.79
CA CYS C 224 -43.13 9.63 29.67
C CYS C 224 -43.07 10.64 28.54
N LYS C 225 -42.83 10.14 27.33
CA LYS C 225 -42.89 10.98 26.15
C LYS C 225 -44.30 10.98 25.55
N ILE C 226 -45.05 9.88 25.76
CA ILE C 226 -46.40 9.68 25.30
C ILE C 226 -47.16 9.05 26.47
N ASP C 227 -48.52 9.15 26.42
CA ASP C 227 -49.31 8.96 27.61
C ASP C 227 -49.81 7.52 27.71
N TRP C 228 -49.53 6.64 26.73
CA TRP C 228 -49.79 5.21 26.92
C TRP C 228 -48.88 4.43 26.01
N GLU C 229 -48.64 3.13 26.34
CA GLU C 229 -47.90 2.25 25.47
C GLU C 229 -48.57 2.11 24.08
N LEU C 230 -47.79 2.05 23.00
CA LEU C 230 -48.34 1.83 21.68
C LEU C 230 -49.02 0.48 21.61
N VAL C 231 -50.27 0.46 21.09
CA VAL C 231 -51.05 -0.76 20.93
C VAL C 231 -50.56 -1.49 19.67
N PRO C 232 -50.96 -2.77 19.44
CA PRO C 232 -50.61 -3.43 18.17
C PRO C 232 -50.95 -2.59 16.93
N GLY C 233 -49.98 -2.29 16.06
CA GLY C 233 -50.28 -1.41 14.95
C GLY C 233 -50.23 0.08 15.27
N GLY C 234 -49.86 0.41 16.55
CA GLY C 234 -50.05 1.71 17.22
C GLY C 234 -49.22 2.82 16.55
N GLU C 235 -48.18 2.39 15.82
CA GLU C 235 -47.20 3.33 15.29
C GLU C 235 -47.98 4.24 14.33
N LEU C 236 -48.98 3.64 13.65
CA LEU C 236 -49.78 4.45 12.76
C LEU C 236 -50.63 5.44 13.56
N PHE C 237 -51.13 5.03 14.76
CA PHE C 237 -51.91 5.96 15.60
C PHE C 237 -51.01 7.09 16.08
N LEU C 238 -49.73 6.78 16.38
CA LEU C 238 -48.80 7.85 16.81
C LEU C 238 -48.54 8.82 15.65
N GLU C 239 -48.23 8.25 14.49
CA GLU C 239 -48.14 9.00 13.24
C GLU C 239 -49.40 9.80 12.93
N GLU C 240 -50.57 9.22 13.16
CA GLU C 240 -51.83 9.82 12.75
C GLU C 240 -52.22 10.93 13.74
N GLY C 241 -51.45 11.11 14.83
CA GLY C 241 -51.71 12.17 15.80
C GLY C 241 -52.74 11.73 16.85
N LYS C 242 -52.93 10.42 17.04
CA LYS C 242 -53.97 9.84 17.90
C LYS C 242 -53.41 9.43 19.27
N VAL C 243 -52.16 9.82 19.60
CA VAL C 243 -51.60 9.43 20.87
C VAL C 243 -51.06 10.69 21.52
N THR C 244 -51.55 11.10 22.69
CA THR C 244 -51.12 12.36 23.28
C THR C 244 -49.76 12.16 23.99
N GLY C 245 -49.08 13.28 24.25
CA GLY C 245 -47.79 13.19 24.90
C GLY C 245 -47.00 14.46 24.64
N THR C 246 -45.94 14.69 25.45
CA THR C 246 -45.12 15.90 25.31
C THR C 246 -44.04 15.72 24.24
N ARG C 247 -43.72 14.49 23.83
CA ARG C 247 -42.50 14.38 23.04
C ARG C 247 -42.77 13.31 21.98
N GLN C 248 -43.90 13.45 21.26
CA GLN C 248 -44.40 12.41 20.36
C GLN C 248 -43.43 12.03 19.23
N THR C 249 -42.71 13.01 18.65
CA THR C 249 -41.76 12.72 17.57
C THR C 249 -40.42 12.20 18.11
N ASN C 250 -40.20 12.20 19.45
CA ASN C 250 -38.90 11.71 19.96
C ASN C 250 -38.97 10.27 20.48
N VAL C 251 -40.15 9.60 20.34
CA VAL C 251 -40.37 8.26 20.85
C VAL C 251 -39.69 7.20 19.95
N VAL C 252 -39.10 6.10 20.53
CA VAL C 252 -38.71 4.93 19.71
C VAL C 252 -39.54 3.70 20.08
N ALA C 253 -40.17 3.73 21.25
CA ALA C 253 -41.02 2.65 21.74
C ALA C 253 -40.18 1.41 22.04
N LEU C 254 -39.30 1.59 22.99
CA LEU C 254 -38.56 0.45 23.51
C LEU C 254 -39.56 -0.62 23.97
N ASP C 255 -39.14 -1.89 23.78
CA ASP C 255 -40.11 -2.97 24.14
C ASP C 255 -39.46 -3.93 25.11
N ALA C 256 -38.32 -4.54 24.75
CA ALA C 256 -37.73 -5.62 25.57
C ALA C 256 -36.20 -5.58 25.48
N PHE C 257 -35.55 -6.16 26.45
CA PHE C 257 -34.12 -6.42 26.35
C PHE C 257 -33.99 -7.94 26.47
N VAL C 258 -33.82 -8.62 25.35
CA VAL C 258 -33.82 -10.07 25.40
C VAL C 258 -32.37 -10.59 25.40
N TYR C 259 -32.11 -11.76 25.97
CA TYR C 259 -30.72 -12.15 26.26
C TYR C 259 -30.20 -13.21 25.28
N ASP C 260 -28.98 -13.00 24.78
CA ASP C 260 -28.24 -14.12 24.17
C ASP C 260 -28.06 -15.18 25.22
N PRO C 261 -28.58 -16.43 25.04
CA PRO C 261 -28.37 -17.48 26.04
C PRO C 261 -26.88 -17.89 26.24
N ARG C 262 -25.99 -17.59 25.27
CA ARG C 262 -24.53 -17.87 25.46
C ARG C 262 -23.90 -16.80 26.38
N GLY C 263 -24.66 -15.76 26.75
CA GLY C 263 -24.11 -14.77 27.65
C GLY C 263 -23.50 -13.59 26.92
N ARG C 264 -23.08 -12.57 27.72
CA ARG C 264 -22.45 -11.37 27.17
C ARG C 264 -23.37 -10.36 26.45
N TRP C 265 -24.27 -10.78 25.53
CA TRP C 265 -25.00 -9.78 24.73
C TRP C 265 -26.49 -9.71 25.14
N GLY C 266 -27.08 -8.51 25.02
CA GLY C 266 -28.53 -8.42 25.02
C GLY C 266 -29.01 -7.58 23.83
N ALA C 267 -30.29 -7.80 23.44
CA ALA C 267 -30.88 -7.10 22.30
C ALA C 267 -32.01 -6.21 22.81
N LEU C 268 -31.88 -4.90 22.58
CA LEU C 268 -32.90 -3.94 22.97
C LEU C 268 -33.78 -3.64 21.77
N SER C 269 -35.04 -4.10 21.78
CA SER C 269 -35.93 -3.80 20.69
C SER C 269 -36.52 -2.40 20.82
N ALA C 270 -36.57 -1.70 19.68
CA ALA C 270 -37.14 -0.40 19.52
C ALA C 270 -38.19 -0.51 18.41
N ARG C 271 -39.50 -0.31 18.73
CA ARG C 271 -40.54 -0.75 17.83
C ARG C 271 -40.63 0.25 16.65
N LEU C 272 -40.50 1.56 16.98
CA LEU C 272 -40.74 2.54 15.90
C LEU C 272 -39.64 2.57 14.84
N PRO C 273 -38.34 2.49 15.20
CA PRO C 273 -37.30 2.40 14.14
C PRO C 273 -37.15 0.97 13.62
N GLY C 274 -37.81 -0.02 14.26
CA GLY C 274 -37.63 -1.39 13.80
C GLY C 274 -36.17 -1.82 13.90
N VAL C 275 -35.57 -1.58 15.06
CA VAL C 275 -34.16 -1.85 15.30
C VAL C 275 -34.02 -2.62 16.61
N ALA C 276 -33.10 -3.61 16.64
CA ALA C 276 -32.65 -4.28 17.86
C ALA C 276 -31.24 -3.84 18.13
N ILE C 277 -31.03 -3.02 19.16
CA ILE C 277 -29.69 -2.57 19.48
C ILE C 277 -29.02 -3.61 20.36
N ILE C 278 -27.89 -4.14 19.91
CA ILE C 278 -27.15 -5.13 20.65
C ILE C 278 -26.20 -4.43 21.66
N PHE C 279 -26.30 -4.78 22.94
CA PHE C 279 -25.44 -4.23 23.98
C PHE C 279 -24.53 -5.31 24.53
N ASP C 280 -23.30 -4.86 24.82
CA ASP C 280 -22.30 -5.60 25.54
C ASP C 280 -22.59 -5.40 27.02
N ARG C 281 -23.00 -6.48 27.68
CA ARG C 281 -23.37 -6.45 29.10
C ARG C 281 -22.15 -6.38 30.07
N GLN C 282 -20.98 -6.76 29.56
CA GLN C 282 -19.77 -6.74 30.36
C GLN C 282 -19.28 -5.28 30.45
N ASP C 283 -19.22 -4.55 29.33
CA ASP C 283 -18.84 -3.15 29.34
C ASP C 283 -20.01 -2.17 29.37
N TRP C 284 -21.24 -2.62 29.16
CA TRP C 284 -22.36 -1.69 29.04
C TRP C 284 -22.13 -0.63 27.95
N GLU C 285 -22.16 -1.13 26.70
CA GLU C 285 -22.16 -0.24 25.56
C GLU C 285 -22.92 -0.90 24.45
N PRO C 286 -23.67 -0.09 23.64
CA PRO C 286 -24.31 -0.59 22.41
C PRO C 286 -23.19 -0.89 21.40
N VAL C 287 -23.26 -2.02 20.71
CA VAL C 287 -22.23 -2.40 19.75
C VAL C 287 -22.69 -2.40 18.29
N VAL C 288 -23.97 -2.57 18.01
CA VAL C 288 -24.42 -2.65 16.60
C VAL C 288 -25.92 -2.54 16.68
N ALA C 289 -26.55 -2.15 15.60
CA ALA C 289 -28.01 -2.05 15.61
C ALA C 289 -28.53 -2.96 14.49
N LEU C 290 -29.25 -4.04 14.80
CA LEU C 290 -29.94 -4.80 13.75
C LEU C 290 -31.16 -4.04 13.26
N VAL C 291 -31.35 -4.07 11.92
CA VAL C 291 -32.49 -3.40 11.29
C VAL C 291 -33.47 -4.46 10.83
N GLY C 292 -34.71 -4.36 11.29
CA GLY C 292 -35.77 -5.33 11.00
C GLY C 292 -36.02 -5.61 9.52
N ALA C 293 -36.31 -4.52 8.77
CA ALA C 293 -37.10 -4.58 7.54
C ALA C 293 -36.44 -5.49 6.48
N LYS C 294 -37.25 -6.36 5.86
CA LYS C 294 -36.83 -7.09 4.66
C LYS C 294 -36.33 -6.10 3.60
N GLY C 295 -35.17 -6.37 3.00
CA GLY C 295 -34.69 -5.47 1.99
C GLY C 295 -33.73 -4.42 2.50
N GLU C 296 -33.66 -4.17 3.84
CA GLU C 296 -32.74 -3.17 4.37
C GLU C 296 -31.46 -3.87 4.86
N PRO C 297 -30.33 -3.19 5.14
CA PRO C 297 -29.14 -3.85 5.69
C PRO C 297 -29.42 -4.73 6.91
N SER C 298 -28.55 -5.74 7.11
CA SER C 298 -28.53 -6.50 8.36
C SER C 298 -28.47 -5.56 9.57
N SER C 299 -27.63 -4.49 9.50
CA SER C 299 -27.40 -3.67 10.64
C SER C 299 -26.94 -2.29 10.22
N LEU C 300 -26.89 -1.37 11.19
CA LEU C 300 -26.25 -0.08 11.07
C LEU C 300 -25.27 0.04 12.22
N PRO C 301 -24.20 0.84 12.03
CA PRO C 301 -23.16 0.92 13.04
C PRO C 301 -23.62 1.84 14.17
N VAL C 302 -22.95 1.70 15.35
CA VAL C 302 -23.17 2.59 16.48
C VAL C 302 -21.90 3.43 16.60
N LYS C 303 -22.01 4.74 16.77
CA LYS C 303 -20.89 5.64 16.83
C LYS C 303 -20.91 6.29 18.24
N LYS C 304 -19.74 6.34 18.94
CA LYS C 304 -19.65 6.90 20.28
C LYS C 304 -19.49 8.40 20.13
N VAL C 305 -20.34 9.23 20.75
CA VAL C 305 -20.23 10.68 20.51
C VAL C 305 -19.92 11.47 21.79
N ALA C 306 -19.87 10.83 22.96
CA ALA C 306 -19.44 11.36 24.26
C ALA C 306 -19.26 10.16 25.18
N SER C 307 -18.74 10.33 26.41
CA SER C 307 -18.38 9.16 27.24
C SER C 307 -19.60 8.25 27.57
N ASP C 308 -20.79 8.81 27.44
CA ASP C 308 -21.99 8.10 27.87
C ASP C 308 -23.06 8.15 26.75
N THR C 309 -22.67 8.48 25.48
CA THR C 309 -23.66 8.75 24.44
C THR C 309 -23.20 8.13 23.12
N TRP C 310 -24.09 7.42 22.47
CA TRP C 310 -23.86 6.86 21.14
C TRP C 310 -24.99 7.34 20.23
N GLU C 311 -24.79 7.24 18.89
CA GLU C 311 -25.82 7.54 17.91
C GLU C 311 -25.87 6.45 16.85
N ILE C 312 -27.08 6.21 16.34
CA ILE C 312 -27.35 5.40 15.17
C ILE C 312 -28.07 6.31 14.16
N LYS C 313 -27.63 6.36 12.89
CA LYS C 313 -28.28 7.19 11.87
C LYS C 313 -29.08 6.31 10.91
N MET C 314 -30.34 6.73 10.68
CA MET C 314 -31.19 6.03 9.74
C MET C 314 -31.75 7.00 8.72
N ASP C 315 -31.57 6.60 7.46
CA ASP C 315 -32.00 7.37 6.30
C ASP C 315 -33.51 7.29 6.19
N LYS C 316 -34.04 6.18 6.71
CA LYS C 316 -35.43 5.86 6.55
C LYS C 316 -35.73 4.76 7.53
N VAL C 317 -37.00 4.63 7.91
CA VAL C 317 -37.53 3.46 8.56
C VAL C 317 -38.62 2.87 7.67
N VAL C 318 -38.39 1.63 7.17
CA VAL C 318 -39.32 1.00 6.24
C VAL C 318 -40.56 0.47 6.95
N THR C 319 -40.40 -0.14 8.14
CA THR C 319 -41.54 -0.72 8.81
C THR C 319 -41.19 -0.79 10.30
N PRO C 320 -42.17 -0.67 11.22
CA PRO C 320 -41.91 -1.02 12.63
C PRO C 320 -41.76 -2.53 12.83
N ALA C 321 -41.27 -2.94 14.02
CA ALA C 321 -41.05 -4.35 14.35
C ALA C 321 -41.32 -4.48 15.84
N HIS C 322 -41.66 -5.68 16.31
CA HIS C 322 -41.99 -5.79 17.70
C HIS C 322 -41.22 -6.97 18.35
N GLN C 323 -41.71 -8.22 18.18
CA GLN C 323 -41.31 -9.28 19.08
C GLN C 323 -39.91 -9.73 18.68
N ALA C 324 -39.08 -10.18 19.64
CA ALA C 324 -37.66 -10.34 19.36
C ALA C 324 -37.09 -11.45 20.24
N GLY C 325 -36.02 -12.15 19.76
CA GLY C 325 -35.69 -13.35 20.51
C GLY C 325 -34.60 -14.20 19.90
N PHE C 326 -33.84 -14.80 20.78
CA PHE C 326 -32.83 -15.76 20.34
C PHE C 326 -33.37 -17.19 20.46
N SER C 327 -32.97 -18.05 19.51
CA SER C 327 -33.06 -19.50 19.63
C SER C 327 -32.34 -19.97 20.88
N PRO C 328 -32.67 -21.17 21.41
CA PRO C 328 -32.06 -21.65 22.63
C PRO C 328 -30.53 -21.78 22.58
N ASP C 329 -29.97 -22.15 21.38
CA ASP C 329 -28.51 -22.27 21.28
C ASP C 329 -27.87 -20.90 21.04
N GLY C 330 -28.65 -19.81 20.91
CA GLY C 330 -27.97 -18.54 20.71
C GLY C 330 -27.63 -18.22 19.24
N LYS C 331 -27.79 -19.19 18.32
CA LYS C 331 -27.23 -19.08 16.96
C LYS C 331 -28.15 -18.39 15.95
N ASN C 332 -29.41 -18.10 16.34
CA ASN C 332 -30.36 -17.39 15.50
C ASN C 332 -31.00 -16.28 16.34
N PHE C 333 -31.30 -15.15 15.70
CA PHE C 333 -32.08 -14.13 16.32
C PHE C 333 -33.21 -13.76 15.35
N LEU C 334 -34.40 -13.49 15.90
CA LEU C 334 -35.59 -13.28 15.18
C LEU C 334 -36.13 -11.96 15.69
N PHE C 335 -36.63 -11.17 14.73
CA PHE C 335 -37.29 -9.90 14.94
C PHE C 335 -38.53 -9.88 14.01
N MET C 336 -39.71 -9.64 14.57
CA MET C 336 -40.94 -9.69 13.78
C MET C 336 -41.26 -8.29 13.25
N ASN C 337 -41.15 -8.13 11.93
CA ASN C 337 -41.61 -6.92 11.28
C ASN C 337 -43.15 -6.96 11.33
N GLY C 338 -43.73 -5.77 11.56
CA GLY C 338 -45.17 -5.59 11.65
C GLY C 338 -45.65 -4.33 10.91
N VAL C 339 -46.90 -4.41 10.43
CA VAL C 339 -47.74 -3.29 10.05
C VAL C 339 -47.42 -2.84 8.65
N ARG C 340 -46.29 -2.18 8.39
CA ARG C 340 -45.84 -2.00 7.02
C ARG C 340 -45.42 -3.29 6.33
N GLN C 341 -44.71 -4.23 6.98
CA GLN C 341 -44.44 -5.61 6.52
C GLN C 341 -44.76 -6.55 7.69
N ASN C 342 -45.22 -7.80 7.46
CA ASN C 342 -45.61 -8.79 8.48
C ASN C 342 -44.82 -10.04 8.10
N ASN C 343 -43.66 -10.21 8.73
CA ASN C 343 -42.78 -11.33 8.44
C ASN C 343 -41.97 -11.64 9.71
N ILE C 344 -41.19 -12.75 9.65
CA ILE C 344 -40.23 -13.10 10.70
C ILE C 344 -38.84 -12.97 10.10
N MET C 345 -38.06 -12.00 10.61
CA MET C 345 -36.73 -11.77 10.06
C MET C 345 -35.73 -12.56 10.88
N VAL C 346 -34.78 -13.23 10.22
CA VAL C 346 -33.91 -14.17 10.91
C VAL C 346 -32.45 -13.80 10.60
N TRP C 347 -31.62 -13.63 11.65
CA TRP C 347 -30.19 -13.38 11.55
C TRP C 347 -29.47 -14.64 12.03
N ASP C 348 -28.34 -14.89 11.34
CA ASP C 348 -27.38 -15.86 11.83
C ASP C 348 -26.47 -15.16 12.86
N THR C 349 -26.55 -15.63 14.11
CA THR C 349 -25.84 -14.99 15.19
C THR C 349 -24.88 -16.02 15.76
N SER C 350 -24.42 -16.92 14.87
CA SER C 350 -23.59 -18.01 15.36
C SER C 350 -22.19 -17.50 15.74
N ASN C 351 -21.78 -16.33 15.23
CA ASN C 351 -20.53 -15.78 15.74
C ASN C 351 -20.77 -15.12 17.10
N HIS C 352 -20.52 -15.83 18.19
CA HIS C 352 -20.62 -15.26 19.53
C HIS C 352 -19.61 -14.10 19.82
N ALA C 353 -18.47 -14.06 19.15
CA ALA C 353 -17.44 -13.08 19.49
C ALA C 353 -17.77 -11.74 18.85
N ASP C 354 -18.60 -11.72 17.79
CA ASP C 354 -18.66 -10.48 17.03
C ASP C 354 -20.07 -10.22 16.48
N PRO C 355 -20.95 -9.48 17.22
CA PRO C 355 -22.28 -9.17 16.71
C PRO C 355 -22.26 -8.34 15.43
N THR C 356 -21.15 -7.65 15.08
CA THR C 356 -21.20 -6.91 13.83
C THR C 356 -21.12 -7.90 12.65
N LYS C 357 -20.85 -9.18 12.90
CA LYS C 357 -20.89 -10.17 11.81
C LYS C 357 -22.28 -10.83 11.72
N TRP C 358 -23.27 -10.41 12.51
CA TRP C 358 -24.56 -11.09 12.50
C TRP C 358 -25.35 -10.67 11.26
N THR C 359 -25.77 -11.63 10.42
CA THR C 359 -26.30 -11.23 9.10
C THR C 359 -27.64 -11.92 8.85
N LYS C 360 -28.54 -11.18 8.19
CA LYS C 360 -29.86 -11.71 7.83
C LYS C 360 -29.66 -13.02 7.08
N LYS C 361 -30.36 -14.09 7.43
CA LYS C 361 -30.16 -15.32 6.66
C LYS C 361 -31.52 -15.83 6.15
N ALA C 362 -32.67 -15.47 6.72
CA ALA C 362 -33.95 -15.91 6.16
C ALA C 362 -35.02 -14.91 6.53
N VAL C 363 -36.13 -15.00 5.78
CA VAL C 363 -37.32 -14.30 6.20
C VAL C 363 -38.52 -15.24 6.01
N VAL C 364 -39.34 -15.42 7.06
CA VAL C 364 -40.52 -16.26 6.99
C VAL C 364 -41.66 -15.33 6.62
N GLU C 365 -42.32 -15.65 5.49
CA GLU C 365 -43.39 -14.83 4.93
C GLU C 365 -44.56 -15.75 4.63
N ASP C 366 -45.78 -15.19 4.48
CA ASP C 366 -46.89 -15.98 3.97
C ASP C 366 -47.86 -15.08 3.22
N PRO C 367 -48.48 -15.56 2.10
CA PRO C 367 -49.54 -14.81 1.45
C PRO C 367 -50.61 -14.25 2.39
N GLY C 368 -50.92 -14.96 3.49
CA GLY C 368 -51.93 -14.60 4.47
C GLY C 368 -51.49 -13.48 5.40
N TRP C 369 -50.22 -13.08 5.26
CA TRP C 369 -49.68 -12.06 6.13
C TRP C 369 -49.66 -10.70 5.41
N ARG C 370 -50.32 -10.62 4.24
CA ARG C 370 -50.14 -9.50 3.33
C ARG C 370 -50.81 -8.24 3.84
N GLY C 371 -51.97 -8.38 4.50
CA GLY C 371 -52.69 -7.30 5.17
C GLY C 371 -51.90 -6.68 6.33
N SER C 372 -52.61 -5.80 7.08
CA SER C 372 -52.05 -5.07 8.24
C SER C 372 -51.79 -6.03 9.42
N TYR C 373 -52.63 -7.08 9.43
CA TYR C 373 -52.73 -8.11 10.43
C TYR C 373 -52.76 -9.43 9.67
N PRO C 374 -52.32 -10.56 10.23
CA PRO C 374 -51.97 -10.67 11.67
C PRO C 374 -50.63 -10.04 11.92
N ASN C 375 -50.40 -9.64 13.18
CA ASN C 375 -49.04 -9.39 13.57
C ASN C 375 -48.50 -10.70 14.17
N THR C 376 -47.54 -11.37 13.48
CA THR C 376 -46.51 -12.19 14.10
C THR C 376 -46.06 -11.52 15.40
N PHE C 377 -46.12 -12.26 16.48
CA PHE C 377 -46.09 -11.61 17.77
C PHE C 377 -45.15 -12.49 18.63
N HIS C 378 -45.57 -12.88 19.85
CA HIS C 378 -44.79 -13.49 20.90
C HIS C 378 -44.33 -14.86 20.41
N MET C 379 -43.26 -15.41 21.01
CA MET C 379 -42.75 -16.67 20.50
C MET C 379 -42.22 -17.53 21.62
N VAL C 380 -42.07 -18.81 21.27
CA VAL C 380 -41.34 -19.72 22.14
C VAL C 380 -40.72 -20.79 21.23
N PHE C 381 -39.46 -21.19 21.51
CA PHE C 381 -38.79 -22.25 20.76
C PHE C 381 -38.98 -23.59 21.50
N THR C 382 -38.95 -24.68 20.72
CA THR C 382 -38.74 -25.98 21.33
C THR C 382 -37.32 -26.01 21.91
N PRO C 383 -37.10 -26.76 23.00
CA PRO C 383 -35.79 -26.92 23.58
C PRO C 383 -34.71 -27.28 22.56
N ASP C 384 -35.05 -28.13 21.58
CA ASP C 384 -34.04 -28.56 20.62
C ASP C 384 -33.86 -27.54 19.52
N GLY C 385 -34.63 -26.45 19.55
CA GLY C 385 -34.45 -25.43 18.54
C GLY C 385 -35.07 -25.77 17.16
N ARG C 386 -35.72 -26.92 16.99
CA ARG C 386 -36.29 -27.32 15.70
C ARG C 386 -37.58 -26.58 15.27
N LYS C 387 -38.37 -26.09 16.21
CA LYS C 387 -39.58 -25.37 15.86
C LYS C 387 -39.69 -24.14 16.76
N VAL C 388 -40.22 -23.06 16.18
CA VAL C 388 -40.60 -21.90 16.97
C VAL C 388 -42.11 -21.71 16.75
N TYR C 389 -42.81 -21.49 17.87
CA TYR C 389 -44.25 -21.18 17.86
C TYR C 389 -44.35 -19.68 17.96
N VAL C 390 -45.25 -19.07 17.16
CA VAL C 390 -45.38 -17.63 17.07
C VAL C 390 -46.86 -17.27 17.11
N THR C 391 -47.24 -16.30 17.99
CA THR C 391 -48.66 -16.00 17.98
C THR C 391 -49.02 -15.09 16.82
N LEU C 392 -50.28 -15.23 16.38
CA LEU C 392 -50.82 -14.39 15.36
C LEU C 392 -51.92 -13.54 16.00
N TRP C 393 -51.65 -12.22 16.08
CA TRP C 393 -52.56 -11.29 16.74
C TRP C 393 -53.36 -10.53 15.67
N TRP C 394 -54.67 -10.38 15.92
CA TRP C 394 -55.54 -9.54 15.11
C TRP C 394 -56.44 -8.76 16.09
N PRO C 395 -56.92 -7.56 15.68
CA PRO C 395 -58.01 -6.90 16.40
C PRO C 395 -59.28 -7.75 16.31
N SER C 396 -60.19 -7.44 17.23
CA SER C 396 -61.52 -8.01 17.19
C SER C 396 -62.15 -7.67 15.84
N PRO C 397 -62.92 -8.58 15.20
CA PRO C 397 -63.21 -9.90 15.73
C PRO C 397 -62.56 -11.15 15.11
N THR C 398 -61.44 -10.97 14.39
CA THR C 398 -60.84 -12.08 13.67
C THR C 398 -60.25 -13.07 14.71
N PRO C 399 -60.49 -14.39 14.56
CA PRO C 399 -59.86 -15.37 15.44
C PRO C 399 -58.34 -15.22 15.41
N ASN C 400 -57.72 -15.14 16.62
CA ASN C 400 -56.27 -15.06 16.79
C ASN C 400 -55.75 -16.47 16.98
N GLY C 401 -54.46 -16.71 16.75
CA GLY C 401 -53.99 -18.09 16.71
C GLY C 401 -52.47 -18.25 16.91
N ILE C 402 -52.00 -19.44 16.51
CA ILE C 402 -50.60 -19.73 16.70
C ILE C 402 -50.15 -20.25 15.35
N ALA C 403 -49.02 -19.68 14.90
CA ALA C 403 -48.24 -20.21 13.80
C ALA C 403 -47.14 -21.14 14.31
N VAL C 404 -46.88 -22.18 13.55
CA VAL C 404 -45.84 -23.13 13.90
C VAL C 404 -44.81 -23.02 12.81
N VAL C 405 -43.57 -22.61 13.16
CA VAL C 405 -42.52 -22.38 12.16
C VAL C 405 -41.40 -23.44 12.29
N ASP C 406 -40.90 -23.94 11.18
CA ASP C 406 -39.79 -24.89 11.12
C ASP C 406 -38.54 -24.04 11.28
N ALA C 407 -37.83 -24.21 12.40
CA ALA C 407 -36.83 -23.19 12.69
C ALA C 407 -35.49 -23.71 12.15
N ARG C 408 -35.52 -24.70 11.25
CA ARG C 408 -34.32 -25.13 10.54
C ARG C 408 -34.37 -24.59 9.12
N ASN C 409 -35.47 -24.79 8.40
CA ASN C 409 -35.65 -24.27 7.06
C ASN C 409 -36.32 -22.90 7.01
N TRP C 410 -36.88 -22.42 8.13
CA TRP C 410 -37.56 -21.12 8.13
C TRP C 410 -38.78 -21.11 7.18
N LYS C 411 -39.64 -22.11 7.34
CA LYS C 411 -40.91 -22.17 6.63
C LYS C 411 -42.04 -22.24 7.66
N LEU C 412 -43.13 -21.50 7.38
CA LEU C 412 -44.37 -21.66 8.11
C LEU C 412 -44.89 -23.07 7.85
N LEU C 413 -45.30 -23.76 8.90
CA LEU C 413 -45.71 -25.14 8.77
C LEU C 413 -47.22 -25.23 8.94
N LYS C 414 -47.82 -24.47 9.87
CA LYS C 414 -49.21 -24.65 10.25
C LYS C 414 -49.64 -23.36 10.95
N SER C 415 -50.92 -22.97 10.81
CA SER C 415 -51.55 -21.93 11.61
C SER C 415 -52.76 -22.52 12.30
N VAL C 416 -53.01 -22.23 13.59
CA VAL C 416 -54.21 -22.76 14.24
C VAL C 416 -54.95 -21.61 14.92
N ASP C 417 -56.26 -21.56 14.79
CA ASP C 417 -57.06 -20.56 15.47
C ASP C 417 -57.28 -20.91 16.94
N ILE C 418 -57.26 -19.90 17.81
CA ILE C 418 -57.35 -20.16 19.24
C ILE C 418 -58.50 -19.38 19.81
N GLY C 419 -58.47 -18.05 19.68
CA GLY C 419 -59.44 -17.25 20.42
C GLY C 419 -59.23 -15.77 20.13
N PRO C 420 -59.95 -14.90 20.85
CA PRO C 420 -59.70 -13.45 20.74
C PRO C 420 -58.44 -13.04 21.50
N ASP C 421 -57.65 -12.14 20.88
CA ASP C 421 -56.57 -11.45 21.59
C ASP C 421 -55.54 -12.43 22.14
N MET C 422 -54.85 -13.15 21.25
CA MET C 422 -53.78 -14.04 21.65
C MET C 422 -52.50 -13.31 22.06
N HIS C 423 -51.91 -13.68 23.24
CA HIS C 423 -50.66 -13.12 23.73
C HIS C 423 -49.54 -14.15 23.73
N THR C 424 -48.95 -14.40 24.91
CA THR C 424 -47.65 -15.04 25.02
C THR C 424 -47.78 -16.56 24.90
N LEU C 425 -46.66 -17.20 24.60
CA LEU C 425 -46.53 -18.66 24.62
C LEU C 425 -45.31 -19.05 25.46
N ALA C 426 -45.43 -20.08 26.31
CA ALA C 426 -44.30 -20.68 27.00
C ALA C 426 -44.27 -22.14 26.58
N ILE C 427 -43.37 -22.93 27.16
CA ILE C 427 -43.33 -24.33 26.74
C ILE C 427 -42.88 -25.10 27.95
N THR C 428 -43.47 -26.28 28.19
CA THR C 428 -42.94 -27.14 29.24
C THR C 428 -41.51 -27.49 28.85
N TYR C 429 -40.61 -27.58 29.87
CA TYR C 429 -39.17 -27.65 29.59
C TYR C 429 -38.70 -29.01 29.09
N ASP C 430 -39.55 -30.05 29.21
CA ASP C 430 -39.30 -31.30 28.51
C ASP C 430 -39.68 -31.16 27.03
N GLY C 431 -40.21 -30.02 26.62
CA GLY C 431 -40.53 -29.66 25.26
C GLY C 431 -41.83 -30.30 24.73
N LYS C 432 -42.70 -30.82 25.62
CA LYS C 432 -43.85 -31.59 25.16
C LYS C 432 -45.08 -30.72 24.90
N TYR C 433 -45.18 -29.58 25.59
CA TYR C 433 -46.39 -28.76 25.50
C TYR C 433 -46.10 -27.26 25.45
N VAL C 434 -46.69 -26.58 24.45
CA VAL C 434 -46.77 -25.15 24.41
C VAL C 434 -48.01 -24.74 25.20
N VAL C 435 -47.86 -23.71 26.02
CA VAL C 435 -48.96 -23.18 26.84
C VAL C 435 -49.08 -21.71 26.47
N GLY C 436 -50.28 -21.28 26.07
CA GLY C 436 -50.36 -19.85 25.76
C GLY C 436 -51.61 -19.26 26.42
N VAL C 437 -51.77 -17.94 26.27
CA VAL C 437 -52.88 -17.25 26.90
C VAL C 437 -53.50 -16.34 25.85
N PHE C 438 -54.84 -16.17 25.97
CA PHE C 438 -55.59 -15.19 25.15
C PHE C 438 -56.49 -14.43 26.11
N SER C 439 -56.84 -13.18 25.74
CA SER C 439 -57.05 -12.27 26.85
C SER C 439 -58.24 -11.38 26.60
N GLY C 440 -58.99 -11.65 25.52
CA GLY C 440 -60.29 -11.02 25.29
C GLY C 440 -60.28 -9.51 25.16
N TYR C 441 -59.16 -8.86 24.82
CA TYR C 441 -59.10 -7.40 24.72
C TYR C 441 -59.62 -6.82 26.02
N GLN C 442 -59.40 -7.56 27.15
CA GLN C 442 -59.75 -7.10 28.51
C GLN C 442 -61.28 -7.03 28.71
N LYS C 443 -62.06 -7.65 27.82
CA LYS C 443 -63.52 -7.53 27.96
C LYS C 443 -64.31 -8.76 27.46
N THR C 444 -63.70 -9.61 26.61
CA THR C 444 -64.43 -10.80 26.18
C THR C 444 -63.72 -12.07 26.67
N ALA C 445 -63.81 -13.18 25.88
CA ALA C 445 -63.36 -14.49 26.29
C ALA C 445 -61.85 -14.47 26.53
N SER C 446 -61.39 -15.21 27.53
CA SER C 446 -59.97 -15.31 27.82
C SER C 446 -59.71 -16.74 28.28
N GLY C 447 -58.47 -17.19 28.27
CA GLY C 447 -58.23 -18.60 28.57
C GLY C 447 -56.75 -18.94 28.46
N ILE C 448 -56.41 -20.16 28.89
CA ILE C 448 -55.07 -20.74 28.77
C ILE C 448 -55.24 -21.89 27.79
N VAL C 449 -54.39 -21.92 26.78
CA VAL C 449 -54.49 -22.98 25.78
C VAL C 449 -53.26 -23.86 25.94
N ILE C 450 -53.39 -25.19 25.72
CA ILE C 450 -52.24 -26.06 25.72
C ILE C 450 -52.17 -26.77 24.38
N MET C 451 -51.01 -26.79 23.75
CA MET C 451 -50.78 -27.41 22.46
C MET C 451 -49.70 -28.50 22.58
N ASP C 452 -50.05 -29.69 22.09
CA ASP C 452 -49.15 -30.83 22.04
C ASP C 452 -48.15 -30.56 20.92
N THR C 453 -46.85 -30.69 21.20
CA THR C 453 -45.86 -30.27 20.21
C THR C 453 -45.60 -31.38 19.19
N LYS C 454 -46.08 -32.59 19.47
CA LYS C 454 -45.99 -33.71 18.53
C LYS C 454 -47.08 -33.58 17.45
N SER C 455 -48.34 -33.38 17.85
CA SER C 455 -49.39 -33.26 16.86
C SER C 455 -49.62 -31.81 16.43
N ASP C 456 -49.01 -30.82 17.13
CA ASP C 456 -49.27 -29.41 16.88
C ASP C 456 -50.76 -29.09 16.81
N GLU C 457 -51.52 -29.67 17.75
CA GLU C 457 -52.93 -29.40 17.95
C GLU C 457 -53.17 -29.03 19.41
N VAL C 458 -54.20 -28.24 19.66
CA VAL C 458 -54.65 -27.84 20.99
C VAL C 458 -55.15 -29.07 21.72
N VAL C 459 -54.59 -29.36 22.88
CA VAL C 459 -55.09 -30.49 23.64
C VAL C 459 -56.04 -30.00 24.73
N GLY C 460 -55.89 -28.76 25.19
CA GLY C 460 -56.84 -28.24 26.18
C GLY C 460 -57.05 -26.71 26.14
N ILE C 461 -58.26 -26.20 26.51
CA ILE C 461 -58.51 -24.83 26.95
C ILE C 461 -58.94 -24.81 28.42
N LEU C 462 -58.26 -24.01 29.25
CA LEU C 462 -58.61 -23.82 30.67
C LEU C 462 -59.21 -22.44 30.89
N PRO C 463 -60.14 -22.29 31.88
CA PRO C 463 -60.69 -20.98 32.17
C PRO C 463 -59.58 -20.11 32.73
N SER C 464 -59.73 -18.81 32.51
CA SER C 464 -58.73 -17.95 33.10
C SER C 464 -59.33 -16.56 33.25
N VAL C 465 -59.50 -16.14 34.48
CA VAL C 465 -59.88 -14.78 34.75
C VAL C 465 -58.60 -13.91 34.68
N GLY C 466 -58.37 -13.35 33.51
CA GLY C 466 -57.12 -12.63 33.28
C GLY C 466 -57.11 -11.99 31.89
N GLY C 467 -56.47 -10.82 31.79
CA GLY C 467 -56.15 -10.19 30.52
C GLY C 467 -54.67 -10.25 30.14
N HIS C 468 -53.96 -11.21 30.73
CA HIS C 468 -52.52 -11.48 30.56
C HIS C 468 -51.94 -11.10 29.18
N HIS C 469 -50.98 -10.18 29.23
CA HIS C 469 -50.00 -10.02 28.14
C HIS C 469 -48.72 -10.81 28.37
N ASP C 470 -48.68 -11.66 29.39
CA ASP C 470 -47.47 -12.45 29.56
C ASP C 470 -47.86 -13.82 30.12
N CYS C 471 -46.87 -14.70 30.28
CA CYS C 471 -47.06 -15.97 30.96
C CYS C 471 -45.69 -16.69 30.98
N VAL C 472 -45.38 -17.40 32.06
CA VAL C 472 -44.11 -18.11 32.15
C VAL C 472 -44.36 -19.42 32.86
N ILE C 473 -43.52 -20.41 32.52
CA ILE C 473 -43.53 -21.64 33.32
C ILE C 473 -42.33 -21.55 34.25
N VAL C 474 -42.52 -21.73 35.56
CA VAL C 474 -41.42 -21.58 36.49
C VAL C 474 -40.30 -22.54 36.08
N PRO C 475 -39.10 -21.99 35.75
CA PRO C 475 -37.92 -22.81 35.47
C PRO C 475 -37.29 -23.52 36.68
N LYS C 476 -36.65 -24.69 36.42
CA LYS C 476 -35.84 -25.32 37.45
C LYS C 476 -34.37 -24.93 37.36
N THR C 477 -33.90 -24.68 36.12
CA THR C 477 -32.47 -24.57 35.87
C THR C 477 -32.19 -23.38 34.97
N VAL C 478 -30.92 -22.96 34.85
CA VAL C 478 -30.52 -21.91 33.92
C VAL C 478 -30.74 -22.42 32.50
N GLU C 479 -30.64 -23.76 32.28
CA GLU C 479 -30.90 -24.26 30.93
C GLU C 479 -32.37 -23.99 30.53
N ASP C 480 -33.29 -24.18 31.46
CA ASP C 480 -34.68 -23.87 31.20
C ASP C 480 -34.91 -22.42 30.72
N LEU C 481 -34.16 -21.45 31.26
CA LEU C 481 -34.38 -20.07 30.85
C LEU C 481 -34.20 -19.87 29.35
N ARG C 482 -33.46 -20.77 28.70
CA ARG C 482 -33.23 -20.63 27.26
C ARG C 482 -34.52 -20.65 26.46
N CYS C 483 -35.55 -21.30 27.00
CA CYS C 483 -36.89 -21.35 26.45
C CYS C 483 -37.92 -20.63 27.33
N SER C 484 -37.50 -19.56 28.03
CA SER C 484 -38.39 -18.87 28.95
C SER C 484 -38.28 -17.36 28.69
N ARG C 485 -38.81 -16.57 29.67
CA ARG C 485 -38.87 -15.14 29.43
C ARG C 485 -37.49 -14.56 29.76
N CYS C 486 -36.56 -14.77 28.80
CA CYS C 486 -35.13 -14.48 28.99
C CYS C 486 -34.57 -14.23 27.57
N THR C 487 -34.67 -15.25 26.73
CA THR C 487 -34.23 -15.21 25.34
C THR C 487 -35.23 -14.57 24.38
N THR C 488 -36.55 -14.55 24.71
CA THR C 488 -37.58 -14.07 23.79
C THR C 488 -38.70 -13.46 24.63
N THR C 489 -39.51 -12.66 23.98
CA THR C 489 -40.75 -12.16 24.58
C THR C 489 -41.87 -13.03 24.05
CU CU D . 36.99 12.16 -26.20
CU CU E . 31.50 13.13 -21.12
CU CU E . 32.29 12.76 -22.16
CU CU F . 30.96 10.42 -26.28
C1 EDO G . -7.53 -1.88 -15.82
O1 EDO G . -8.30 -1.64 -14.56
C2 EDO G . -8.04 -1.43 -17.21
O2 EDO G . -8.66 -0.09 -17.04
CU CU H . 5.31 -2.44 1.53
CU CU I . 10.96 -0.92 0.00
CU CU J . 9.13 -4.50 -2.64
C1 EDO K . -34.77 -27.09 28.49
O1 EDO K . -34.02 -26.81 29.69
C2 EDO K . -35.10 -25.84 27.73
O2 EDO K . -33.97 -24.96 27.50
CU CU L . -43.61 -6.47 23.44
CU CU M . -49.79 -5.19 27.57
CU CU M . -48.76 -5.77 26.72
CU CU N . -48.88 -9.87 24.20
#